data_2P1N
#
_entry.id   2P1N
#
_cell.length_a   102.665
_cell.length_b   82.745
_cell.length_c   125.791
_cell.angle_alpha   90.00
_cell.angle_beta   100.40
_cell.angle_gamma   90.00
#
_symmetry.space_group_name_H-M   'P 1 21 1'
#
loop_
_entity.id
_entity.type
_entity.pdbx_description
1 polymer 'SKP1-like protein 1A'
2 polymer 'TRANSPORT INHIBITOR RESPONSE 1 protein'
3 polymer 'Auxin-responsive protein IAA7'
4 non-polymer 'INOSITOL HEXAKISPHOSPHATE'
5 non-polymer '(2,4-DICHLOROPHENOXY)ACETIC ACID'
6 water water
#
loop_
_entity_poly.entity_id
_entity_poly.type
_entity_poly.pdbx_seq_one_letter_code
_entity_poly.pdbx_strand_id
1 'polypeptide(L)'
;MSAKKIVLKSSDGESFEVEEAVALESQTIAHMVEDDCVDNGVPLPNVTSKILAKVIEYCKRHVEAAASKAEAVEGAATSD
DDLKAWDADFMKIDQATLFELILAANYLNIKNLLDLTCQTVADMIKGKTPEEIRTTFNIKNDFTPEEEEEVRRENQWAFE
;
A,D
2 'polypeptide(L)'
;MQKRIALSFPEEVLEHVFSFIQLDKDRNSVSLVCKSWYEIERWCRRKVFIGNCYAVSPATVIRRFPKVRSVELKGKPHFA
DFNLVPDGWGGYVYPWIEAMSSSYTWLEEIRLKRMVVTDDCLELIAKSFKNFKVLVLSSCEGFSTDGLAAIAATCRNLKE
LDLRESDVDDVSGHWLSHFPDTYTSLVSLNISCLASEVSFSALERLVTRCPNLKSLKLNRAVPLEKLATLLQRAPQLEEL
GTGGYTAEVRPDVYSGLSVALSGCKELRCLSGFWDAVPAYLPAVYSVCSRLTTLNLSYATVQSYDLVKLLCQCPKLQRLW
VLDYIEDAGLEVLASTCKDLRELRVFPSEPFVMEPNVALTEQGLVSVSMGCPKLESVLYFCRQMTNAALITIARNRPNMT
RFRLCIIEPKAPDYLTLEPLDIGFGAIVEHCKDLRRLSLSGLLTDKVFEYIGTYAKKMEMLSVAFAGDSDLGMHHVLSGC
DSLRKLEIRDCPFGDKALLANASKLETMRSLWMSSCSVSFGACKLLGQKMPKLNVEVIDERGAPDSRPESCPVERVFIYR
TVAGPRFDMPGFVWNMDQDSTMRFSRQIITTNGL
;
B,E
3 'polypeptide(L)' QVVGWPPVRNYRK C,F
#
# COMPACT_ATOMS: atom_id res chain seq x y z
N LYS A 5 -69.62 -18.58 -0.16
CA LYS A 5 -68.87 -17.44 0.35
C LYS A 5 -68.40 -17.64 1.78
N ILE A 6 -67.16 -17.25 2.06
CA ILE A 6 -66.72 -16.95 3.42
C ILE A 6 -66.60 -15.44 3.56
N VAL A 7 -66.80 -14.94 4.77
CA VAL A 7 -66.36 -13.58 5.05
C VAL A 7 -65.14 -13.47 5.92
N LEU A 8 -64.33 -12.46 5.64
CA LEU A 8 -63.08 -12.29 6.27
C LEU A 8 -63.03 -10.92 6.90
N LYS A 9 -62.59 -10.91 8.16
CA LYS A 9 -62.57 -9.72 8.98
C LYS A 9 -61.15 -9.20 9.14
N SER A 10 -60.84 -8.12 8.43
CA SER A 10 -59.56 -7.44 8.58
C SER A 10 -59.17 -7.28 10.03
N SER A 11 -58.04 -6.64 10.27
CA SER A 11 -57.63 -6.27 11.62
C SER A 11 -58.30 -4.98 12.00
N ASP A 12 -58.97 -4.39 11.01
CA ASP A 12 -59.49 -3.02 11.10
C ASP A 12 -61.00 -3.15 11.40
N GLY A 13 -61.53 -4.35 11.24
CA GLY A 13 -62.80 -4.70 11.81
C GLY A 13 -63.83 -4.75 10.68
N GLU A 14 -63.37 -4.52 9.44
CA GLU A 14 -64.24 -4.51 8.23
C GLU A 14 -64.27 -5.81 7.49
N SER A 15 -65.27 -5.96 6.66
CA SER A 15 -65.69 -7.27 6.29
C SER A 15 -65.67 -7.51 4.82
N PHE A 16 -65.07 -8.67 4.47
CA PHE A 16 -64.75 -9.09 3.12
C PHE A 16 -65.48 -10.36 2.86
N GLU A 17 -66.36 -10.31 1.87
CA GLU A 17 -66.96 -11.54 1.34
C GLU A 17 -66.35 -12.01 0.02
N VAL A 18 -65.82 -13.26 0.05
CA VAL A 18 -65.07 -13.85 -1.11
C VAL A 18 -65.72 -15.16 -1.35
N GLU A 19 -65.86 -15.62 -2.58
CA GLU A 19 -66.36 -16.98 -2.70
C GLU A 19 -65.43 -18.11 -2.23
N GLU A 20 -66.02 -19.29 -2.05
CA GLU A 20 -65.49 -20.40 -1.25
C GLU A 20 -63.98 -20.79 -1.57
N ALA A 21 -63.60 -20.82 -2.86
CA ALA A 21 -62.24 -21.26 -3.30
C ALA A 21 -61.18 -20.19 -3.11
N VAL A 22 -61.58 -18.94 -3.33
CA VAL A 22 -60.71 -17.81 -2.99
C VAL A 22 -60.26 -17.87 -1.49
N ALA A 23 -61.16 -18.08 -0.55
CA ALA A 23 -60.67 -17.94 0.81
C ALA A 23 -59.67 -19.07 1.15
N LEU A 24 -59.76 -20.14 0.37
CA LEU A 24 -59.18 -21.42 0.74
C LEU A 24 -57.76 -21.59 0.17
N GLU A 25 -57.45 -20.79 -0.86
CA GLU A 25 -56.07 -20.41 -1.20
C GLU A 25 -55.10 -20.21 -0.05
N SER A 26 -55.59 -19.74 1.09
CA SER A 26 -54.77 -19.51 2.32
C SER A 26 -54.93 -20.80 3.09
N GLN A 27 -53.84 -21.45 3.43
CA GLN A 27 -53.93 -22.65 4.28
C GLN A 27 -54.31 -22.14 5.62
N THR A 28 -53.89 -20.92 5.97
CA THR A 28 -54.16 -20.41 7.33
C THR A 28 -55.69 -20.27 7.61
N ILE A 29 -56.40 -19.77 6.59
CA ILE A 29 -57.86 -19.80 6.56
C ILE A 29 -58.55 -21.15 6.52
N ALA A 30 -58.18 -21.98 5.56
CA ALA A 30 -58.61 -23.39 5.48
C ALA A 30 -58.77 -24.10 6.82
N HIS A 31 -57.84 -23.81 7.73
CA HIS A 31 -57.57 -24.65 8.90
C HIS A 31 -58.13 -23.97 10.16
N MET A 32 -58.73 -22.79 9.98
CA MET A 32 -59.75 -22.28 10.89
C MET A 32 -61.17 -22.61 10.36
N VAL A 33 -61.81 -23.61 10.97
CA VAL A 33 -62.93 -24.34 10.33
C VAL A 33 -63.01 -25.66 11.06
N ASN A 40 -69.19 -15.55 13.91
CA ASN A 40 -69.28 -16.01 12.53
C ASN A 40 -68.51 -15.12 11.53
N GLY A 41 -67.58 -15.72 10.79
CA GLY A 41 -66.77 -14.97 9.85
C GLY A 41 -65.33 -14.82 10.36
N VAL A 42 -64.34 -14.98 9.49
CA VAL A 42 -63.03 -15.38 9.96
C VAL A 42 -62.16 -14.16 10.32
N PRO A 43 -61.81 -13.99 11.65
CA PRO A 43 -61.06 -12.75 12.01
C PRO A 43 -59.54 -12.86 11.64
N LEU A 44 -58.89 -11.75 11.33
CA LEU A 44 -57.54 -11.82 10.74
C LEU A 44 -56.69 -10.72 11.42
N PRO A 45 -56.32 -10.93 12.73
CA PRO A 45 -55.72 -9.91 13.61
C PRO A 45 -54.46 -9.29 13.05
N ASN A 46 -53.81 -9.97 12.10
CA ASN A 46 -52.49 -9.50 11.62
C ASN A 46 -52.36 -9.00 10.19
N VAL A 47 -53.51 -8.76 9.57
CA VAL A 47 -53.66 -8.20 8.23
C VAL A 47 -54.62 -7.01 8.27
N THR A 48 -54.21 -5.89 7.70
CA THR A 48 -55.12 -4.76 7.53
C THR A 48 -56.20 -5.01 6.50
N SER A 49 -57.05 -4.02 6.23
CA SER A 49 -57.99 -4.16 5.13
C SER A 49 -57.26 -3.85 3.82
N LYS A 50 -56.46 -2.77 3.87
CA LYS A 50 -55.67 -2.31 2.71
C LYS A 50 -55.07 -3.58 2.08
N ILE A 51 -54.23 -4.23 2.90
CA ILE A 51 -53.52 -5.43 2.58
C ILE A 51 -54.41 -6.60 2.29
N LEU A 52 -55.36 -6.87 3.15
CA LEU A 52 -56.33 -7.94 2.82
C LEU A 52 -57.05 -7.68 1.48
N ALA A 53 -57.30 -6.40 1.13
CA ALA A 53 -57.78 -6.10 -0.24
C ALA A 53 -56.93 -6.78 -1.34
N LYS A 54 -55.62 -6.44 -1.37
CA LYS A 54 -54.64 -6.80 -2.43
C LYS A 54 -54.53 -8.31 -2.51
N VAL A 55 -54.43 -8.91 -1.33
CA VAL A 55 -54.39 -10.37 -1.20
C VAL A 55 -55.54 -10.94 -1.97
N ILE A 56 -56.69 -10.23 -1.94
CA ILE A 56 -57.95 -10.81 -2.48
C ILE A 56 -57.95 -10.68 -4.00
N GLU A 57 -57.52 -9.50 -4.51
CA GLU A 57 -57.31 -9.49 -5.98
C GLU A 57 -56.49 -10.67 -6.41
N TYR A 58 -55.36 -10.89 -5.75
CA TYR A 58 -54.46 -11.97 -6.17
C TYR A 58 -55.20 -13.21 -6.05
N CYS A 59 -55.76 -13.46 -4.89
CA CYS A 59 -56.31 -14.76 -4.84
C CYS A 59 -57.43 -14.96 -5.88
N LYS A 60 -58.05 -13.87 -6.33
CA LYS A 60 -59.08 -13.97 -7.33
C LYS A 60 -58.52 -14.30 -8.70
N ARG A 61 -57.55 -13.50 -9.14
CA ARG A 61 -56.93 -13.66 -10.43
C ARG A 61 -56.51 -15.09 -10.69
N HIS A 62 -56.05 -15.76 -9.63
CA HIS A 62 -55.21 -16.94 -9.77
C HIS A 62 -56.04 -18.21 -9.64
N ASP A 87 -49.70 -11.04 -13.20
CA ASP A 87 -49.29 -10.56 -11.89
C ASP A 87 -47.83 -10.23 -11.81
N ALA A 88 -47.50 -8.95 -11.76
CA ALA A 88 -46.60 -8.38 -12.73
C ALA A 88 -46.54 -6.88 -12.55
N ASP A 89 -47.64 -6.20 -12.88
CA ASP A 89 -47.81 -4.83 -12.45
C ASP A 89 -48.65 -4.72 -11.19
N PHE A 90 -49.32 -5.82 -10.84
CA PHE A 90 -49.68 -6.12 -9.47
C PHE A 90 -48.58 -5.75 -8.51
N MET A 91 -47.35 -6.07 -8.86
CA MET A 91 -46.26 -5.86 -7.93
C MET A 91 -45.63 -4.49 -8.13
N LYS A 92 -45.97 -3.86 -9.23
CA LYS A 92 -46.01 -2.41 -9.33
C LYS A 92 -46.62 -1.76 -8.10
N ILE A 93 -46.08 -2.07 -6.94
CA ILE A 93 -46.45 -1.37 -5.73
C ILE A 93 -45.22 -0.83 -5.07
N ASP A 94 -45.40 -0.19 -3.93
CA ASP A 94 -44.29 0.42 -3.26
C ASP A 94 -43.83 -0.36 -2.06
N GLN A 95 -42.69 0.06 -1.52
CA GLN A 95 -41.86 -0.79 -0.70
C GLN A 95 -42.58 -1.18 0.60
N ALA A 96 -43.05 -0.18 1.36
CA ALA A 96 -43.64 -0.45 2.67
C ALA A 96 -44.83 -1.39 2.47
N THR A 97 -45.22 -1.58 1.20
CA THR A 97 -46.47 -2.21 0.88
C THR A 97 -46.34 -3.69 0.45
N LEU A 98 -45.47 -3.98 -0.50
CA LEU A 98 -44.66 -5.20 -0.49
C LEU A 98 -44.27 -5.67 0.90
N PHE A 99 -43.59 -4.82 1.64
CA PHE A 99 -43.27 -5.08 3.03
C PHE A 99 -44.36 -5.86 3.73
N GLU A 100 -45.58 -5.36 3.63
CA GLU A 100 -46.70 -5.88 4.41
C GLU A 100 -47.30 -7.07 3.69
N LEU A 101 -47.14 -7.10 2.38
CA LEU A 101 -47.70 -8.14 1.52
C LEU A 101 -47.02 -9.51 1.80
N ILE A 102 -45.69 -9.51 1.73
CA ILE A 102 -44.88 -10.60 2.25
C ILE A 102 -45.47 -11.12 3.56
N LEU A 103 -45.44 -10.26 4.60
CA LEU A 103 -45.76 -10.70 5.97
C LEU A 103 -47.13 -11.44 6.01
N ALA A 104 -48.11 -10.89 5.29
CA ALA A 104 -49.44 -11.49 5.19
C ALA A 104 -49.40 -12.69 4.33
N ALA A 105 -48.60 -12.71 3.27
CA ALA A 105 -48.61 -13.97 2.52
C ALA A 105 -48.05 -15.12 3.37
N ASN A 106 -47.10 -14.76 4.23
CA ASN A 106 -46.63 -15.68 5.27
C ASN A 106 -47.66 -16.07 6.33
N TYR A 107 -48.20 -15.08 7.06
CA TYR A 107 -49.30 -15.27 8.00
C TYR A 107 -50.53 -16.10 7.47
N LEU A 108 -50.90 -15.88 6.20
CA LEU A 108 -52.02 -16.58 5.57
C LEU A 108 -51.63 -17.90 4.91
N ASN A 109 -50.32 -18.25 4.98
CA ASN A 109 -49.76 -19.34 4.19
C ASN A 109 -50.30 -19.40 2.77
N ILE A 110 -50.05 -18.38 1.98
CA ILE A 110 -50.48 -18.54 0.63
C ILE A 110 -49.26 -18.73 -0.26
N LYS A 111 -48.96 -19.99 -0.55
CA LYS A 111 -47.64 -20.35 -1.09
C LYS A 111 -47.29 -19.60 -2.41
N ASN A 112 -48.11 -19.68 -3.48
CA ASN A 112 -47.85 -18.82 -4.62
C ASN A 112 -47.45 -17.36 -4.52
N LEU A 113 -47.93 -16.71 -3.46
CA LEU A 113 -47.89 -15.25 -3.28
C LEU A 113 -46.62 -14.95 -2.49
N LEU A 114 -46.34 -15.81 -1.53
CA LEU A 114 -45.07 -15.82 -0.80
C LEU A 114 -43.84 -15.89 -1.76
N ASP A 115 -43.96 -16.82 -2.73
CA ASP A 115 -43.03 -17.00 -3.85
C ASP A 115 -42.94 -15.71 -4.61
N LEU A 116 -44.06 -15.28 -5.17
CA LEU A 116 -44.02 -14.12 -6.03
C LEU A 116 -43.50 -12.88 -5.33
N THR A 117 -43.88 -12.68 -4.06
CA THR A 117 -43.37 -11.49 -3.36
C THR A 117 -41.94 -11.73 -2.86
N CYS A 118 -41.62 -13.00 -2.59
CA CYS A 118 -40.23 -13.38 -2.40
C CYS A 118 -39.24 -13.22 -3.56
N GLN A 119 -39.56 -13.73 -4.76
CA GLN A 119 -38.79 -13.39 -5.98
C GLN A 119 -38.53 -11.92 -5.99
N THR A 120 -39.53 -11.16 -5.58
CA THR A 120 -39.57 -9.78 -5.95
C THR A 120 -38.62 -8.99 -5.09
N VAL A 121 -38.62 -9.32 -3.81
CA VAL A 121 -37.54 -8.85 -2.92
C VAL A 121 -36.14 -9.33 -3.31
N ALA A 122 -36.01 -10.59 -3.71
CA ALA A 122 -34.76 -11.06 -4.25
C ALA A 122 -34.28 -10.13 -5.34
N ASP A 123 -35.11 -9.83 -6.35
CA ASP A 123 -34.59 -9.17 -7.54
C ASP A 123 -34.06 -7.78 -7.18
N MET A 124 -34.47 -7.28 -6.01
CA MET A 124 -33.89 -6.04 -5.42
C MET A 124 -32.54 -6.25 -4.69
N ILE A 125 -32.29 -7.47 -4.24
CA ILE A 125 -30.99 -7.81 -3.74
C ILE A 125 -29.90 -7.85 -4.82
N LYS A 126 -30.23 -8.39 -5.99
CA LYS A 126 -29.26 -9.01 -6.88
C LYS A 126 -28.48 -7.91 -7.53
N GLY A 127 -27.23 -8.19 -7.93
CA GLY A 127 -26.36 -7.16 -8.46
C GLY A 127 -25.91 -6.12 -7.45
N LYS A 128 -26.42 -6.15 -6.23
CA LYS A 128 -26.31 -4.95 -5.39
C LYS A 128 -25.29 -5.28 -4.35
N THR A 129 -24.65 -4.23 -3.82
CA THR A 129 -23.71 -4.32 -2.71
C THR A 129 -24.36 -4.27 -1.32
N PRO A 130 -23.63 -4.69 -0.28
CA PRO A 130 -24.08 -4.63 1.12
C PRO A 130 -24.66 -3.25 1.53
N GLU A 131 -23.82 -2.20 1.50
CA GLU A 131 -24.22 -0.79 1.78
C GLU A 131 -25.37 -0.23 0.94
N GLU A 132 -25.64 -0.79 -0.25
CA GLU A 132 -26.79 -0.42 -1.04
C GLU A 132 -28.01 -1.24 -0.66
N ILE A 133 -27.80 -2.54 -0.45
CA ILE A 133 -28.83 -3.39 0.17
C ILE A 133 -29.23 -2.78 1.51
N ARG A 134 -28.25 -2.46 2.33
CA ARG A 134 -28.56 -1.84 3.60
C ARG A 134 -28.90 -0.33 3.53
N THR A 135 -28.92 0.23 2.32
CA THR A 135 -29.72 1.41 2.12
C THR A 135 -31.10 0.92 1.81
N THR A 136 -31.22 0.17 0.72
CA THR A 136 -32.51 0.00 0.06
C THR A 136 -33.51 -0.49 1.11
N PHE A 137 -33.01 -0.87 2.29
CA PHE A 137 -33.72 -1.79 3.21
C PHE A 137 -33.90 -1.31 4.67
N ASN A 138 -33.31 -0.16 4.96
CA ASN A 138 -33.12 0.33 6.32
C ASN A 138 -32.49 -0.69 7.25
N ILE A 139 -31.33 -1.19 6.89
CA ILE A 139 -30.58 -1.98 7.84
C ILE A 139 -29.40 -1.20 8.37
N LYS A 140 -29.20 -1.28 9.67
CA LYS A 140 -28.00 -0.72 10.28
C LYS A 140 -26.91 -1.76 10.26
N ASN A 141 -25.72 -1.36 9.85
CA ASN A 141 -24.59 -2.23 9.93
C ASN A 141 -24.10 -2.47 11.36
N ASP A 142 -24.17 -3.72 11.82
CA ASP A 142 -23.67 -4.09 13.15
C ASP A 142 -22.49 -5.02 13.04
N PHE A 143 -21.65 -4.76 12.03
CA PHE A 143 -20.28 -5.24 12.03
C PHE A 143 -19.34 -4.16 12.53
N THR A 144 -18.39 -4.61 13.34
CA THR A 144 -17.18 -3.86 13.46
C THR A 144 -16.39 -3.83 12.15
N PRO A 145 -15.72 -2.69 11.90
CA PRO A 145 -14.57 -2.62 11.02
C PRO A 145 -14.01 -4.02 10.81
N GLU A 146 -13.64 -4.66 11.92
CA GLU A 146 -12.71 -5.77 11.92
C GLU A 146 -13.43 -7.02 11.44
N GLU A 147 -14.63 -7.25 11.94
CA GLU A 147 -15.36 -8.43 11.50
C GLU A 147 -15.78 -8.39 10.05
N GLU A 148 -16.01 -7.19 9.54
CA GLU A 148 -16.62 -7.03 8.23
C GLU A 148 -15.55 -7.39 7.23
N GLU A 149 -14.31 -7.14 7.60
CA GLU A 149 -13.18 -7.36 6.73
C GLU A 149 -12.77 -8.81 6.72
N GLU A 150 -12.81 -9.46 7.88
CA GLU A 150 -12.64 -10.90 7.95
C GLU A 150 -13.57 -11.67 7.03
N VAL A 151 -14.81 -11.21 6.93
CA VAL A 151 -15.85 -11.92 6.15
C VAL A 151 -15.65 -11.65 4.65
N ARG A 152 -15.49 -10.38 4.30
CA ARG A 152 -15.29 -9.98 2.91
C ARG A 152 -14.20 -10.82 2.25
N ARG A 153 -12.95 -10.52 2.57
CA ARG A 153 -12.14 -11.38 3.42
C ARG A 153 -12.53 -12.78 2.93
N GLU A 154 -12.92 -13.63 3.87
CA GLU A 154 -13.34 -14.99 3.54
C GLU A 154 -14.04 -15.18 2.20
N ASN A 155 -14.93 -14.25 1.87
CA ASN A 155 -15.98 -14.49 0.84
C ASN A 155 -15.18 -14.48 -0.47
N GLN A 156 -14.45 -13.39 -0.65
CA GLN A 156 -13.64 -13.12 -1.82
C GLN A 156 -12.48 -14.10 -1.95
N TRP A 157 -11.63 -14.30 -0.93
CA TRP A 157 -10.51 -15.17 -1.11
C TRP A 157 -10.91 -16.58 -1.29
N ALA A 158 -12.03 -17.01 -0.70
CA ALA A 158 -12.25 -18.47 -0.67
C ALA A 158 -13.57 -18.80 -1.37
N PHE A 159 -14.46 -17.84 -1.59
CA PHE A 159 -15.81 -18.25 -2.04
C PHE A 159 -16.32 -17.68 -3.30
N GLU A 160 -15.50 -16.90 -3.95
CA GLU A 160 -15.89 -16.51 -5.32
C GLU A 160 -14.74 -16.82 -6.22
N SER B 8 -37.34 -6.55 7.29
CA SER B 8 -37.25 -6.44 8.81
C SER B 8 -38.05 -7.55 9.55
N PHE B 9 -38.22 -8.65 8.83
CA PHE B 9 -39.28 -9.64 9.09
C PHE B 9 -38.68 -11.07 9.02
N PRO B 10 -39.42 -12.09 9.50
CA PRO B 10 -38.78 -13.22 10.14
C PRO B 10 -38.17 -14.19 9.12
N GLU B 11 -37.92 -15.40 9.60
CA GLU B 11 -36.58 -15.96 9.58
C GLU B 11 -36.65 -17.25 8.80
N GLU B 12 -36.99 -17.17 7.54
CA GLU B 12 -38.04 -18.02 6.99
C GLU B 12 -38.65 -17.33 5.82
N VAL B 13 -38.94 -16.05 5.99
CA VAL B 13 -39.16 -15.17 4.87
C VAL B 13 -37.84 -14.74 4.26
N LEU B 14 -36.92 -14.30 5.10
CA LEU B 14 -35.52 -14.11 4.63
C LEU B 14 -34.92 -15.34 3.93
N GLU B 15 -34.99 -16.50 4.58
CA GLU B 15 -34.60 -17.75 4.03
C GLU B 15 -35.29 -17.97 2.68
N HIS B 16 -36.62 -17.91 2.65
CA HIS B 16 -37.30 -18.06 1.38
C HIS B 16 -36.91 -16.99 0.36
N VAL B 17 -36.61 -15.79 0.81
CA VAL B 17 -36.08 -14.79 -0.13
C VAL B 17 -34.67 -15.19 -0.82
N PHE B 18 -33.65 -15.32 0.01
CA PHE B 18 -32.47 -16.06 -0.24
C PHE B 18 -32.60 -17.24 -1.20
N SER B 19 -33.56 -18.14 -0.99
CA SER B 19 -33.68 -19.20 -1.96
C SER B 19 -33.80 -18.75 -3.44
N PHE B 20 -33.99 -17.48 -3.73
CA PHE B 20 -34.12 -17.17 -5.12
C PHE B 20 -32.79 -16.54 -5.52
N ILE B 21 -31.87 -16.37 -4.54
CA ILE B 21 -30.47 -15.88 -4.80
C ILE B 21 -29.42 -17.01 -4.93
N GLN B 22 -28.86 -17.21 -6.15
CA GLN B 22 -27.94 -18.33 -6.39
C GLN B 22 -26.47 -17.99 -6.82
N LEU B 23 -26.23 -16.78 -7.33
CA LEU B 23 -24.85 -16.40 -7.69
C LEU B 23 -23.97 -16.23 -6.45
N ASP B 24 -22.77 -16.77 -6.53
CA ASP B 24 -21.84 -16.76 -5.44
C ASP B 24 -21.67 -15.36 -4.91
N LYS B 25 -21.57 -14.37 -5.83
CA LYS B 25 -21.37 -12.89 -5.54
C LYS B 25 -22.53 -12.35 -4.77
N ASP B 26 -23.73 -12.84 -5.11
CA ASP B 26 -24.92 -12.26 -4.61
C ASP B 26 -24.96 -12.75 -3.15
N ARG B 27 -24.70 -14.04 -2.91
CA ARG B 27 -24.75 -14.65 -1.55
C ARG B 27 -23.72 -14.00 -0.60
N ASN B 28 -22.59 -13.62 -1.18
CA ASN B 28 -21.48 -13.02 -0.40
C ASN B 28 -21.88 -11.66 0.03
N SER B 29 -22.61 -11.03 -0.86
CA SER B 29 -23.07 -9.72 -0.57
C SER B 29 -24.18 -9.66 0.53
N VAL B 30 -25.22 -10.44 0.33
CA VAL B 30 -26.17 -10.57 1.38
C VAL B 30 -25.50 -11.03 2.67
N SER B 31 -24.47 -11.84 2.59
CA SER B 31 -23.88 -12.23 3.88
C SER B 31 -23.28 -11.06 4.64
N LEU B 32 -23.08 -9.91 3.98
CA LEU B 32 -22.33 -8.79 4.60
C LEU B 32 -23.26 -7.58 4.98
N VAL B 33 -24.54 -7.69 4.63
CA VAL B 33 -25.55 -6.75 5.10
C VAL B 33 -25.53 -6.46 6.62
N CYS B 34 -25.65 -7.48 7.49
CA CYS B 34 -25.73 -7.29 8.96
C CYS B 34 -25.56 -8.63 9.56
N LYS B 35 -25.21 -8.73 10.84
CA LYS B 35 -24.99 -10.07 11.46
C LYS B 35 -26.14 -11.08 11.20
N SER B 36 -27.38 -10.57 11.15
CA SER B 36 -28.58 -11.40 11.03
C SER B 36 -28.51 -12.10 9.71
N TRP B 37 -28.12 -11.36 8.67
CA TRP B 37 -28.14 -11.98 7.34
C TRP B 37 -26.98 -12.95 7.13
N TYR B 38 -25.82 -12.56 7.57
CA TYR B 38 -24.76 -13.50 7.73
C TYR B 38 -25.17 -14.84 8.29
N GLU B 39 -25.86 -14.87 9.43
CA GLU B 39 -26.46 -16.16 9.93
C GLU B 39 -27.50 -16.89 9.03
N ILE B 40 -28.46 -16.16 8.47
CA ILE B 40 -29.50 -16.83 7.68
C ILE B 40 -28.89 -17.39 6.39
N GLU B 41 -27.85 -16.78 5.85
CA GLU B 41 -27.33 -17.29 4.60
C GLU B 41 -26.36 -18.45 4.61
N ARG B 42 -25.30 -18.33 5.40
CA ARG B 42 -24.78 -19.44 6.19
C ARG B 42 -25.60 -20.70 5.98
N TRP B 43 -26.84 -20.66 6.43
CA TRP B 43 -27.54 -21.87 6.81
C TRP B 43 -28.38 -22.36 5.65
N CYS B 44 -28.65 -21.47 4.71
CA CYS B 44 -29.29 -21.89 3.46
C CYS B 44 -28.43 -21.83 2.11
N ARG B 45 -27.10 -21.71 2.27
CA ARG B 45 -26.17 -21.75 1.12
C ARG B 45 -26.02 -23.14 0.49
N ARG B 46 -26.50 -23.31 -0.74
CA ARG B 46 -26.77 -24.64 -1.30
C ARG B 46 -25.47 -25.11 -1.94
N LYS B 47 -24.61 -24.17 -2.38
CA LYS B 47 -23.37 -24.52 -3.10
C LYS B 47 -22.24 -23.62 -2.84
N VAL B 48 -21.09 -24.19 -3.00
CA VAL B 48 -19.91 -23.41 -2.66
C VAL B 48 -18.90 -23.58 -3.82
N PHE B 49 -18.17 -22.53 -4.16
CA PHE B 49 -17.21 -22.62 -5.28
C PHE B 49 -15.84 -22.25 -4.72
N ILE B 50 -14.87 -23.18 -4.80
CA ILE B 50 -13.54 -22.94 -4.21
C ILE B 50 -12.49 -23.02 -5.32
N GLY B 51 -12.19 -21.84 -5.88
CA GLY B 51 -11.30 -21.78 -7.03
C GLY B 51 -9.87 -22.24 -6.77
N ASN B 52 -9.45 -22.32 -5.53
CA ASN B 52 -8.08 -22.66 -5.13
C ASN B 52 -8.32 -23.37 -3.82
N CYS B 53 -8.44 -24.70 -3.91
CA CYS B 53 -8.44 -25.61 -2.74
C CYS B 53 -7.53 -25.19 -1.58
N TYR B 54 -6.37 -24.53 -1.78
CA TYR B 54 -5.47 -24.16 -0.57
C TYR B 54 -5.75 -22.80 0.01
N ALA B 55 -6.72 -22.19 -0.63
CA ALA B 55 -7.13 -20.83 -0.21
C ALA B 55 -7.86 -20.91 1.10
N VAL B 56 -8.36 -22.07 1.47
CA VAL B 56 -9.13 -22.14 2.73
C VAL B 56 -9.18 -23.58 3.11
N SER B 57 -9.47 -23.89 4.37
CA SER B 57 -9.50 -25.29 4.85
C SER B 57 -10.88 -25.95 4.87
N PRO B 58 -10.95 -27.29 4.78
CA PRO B 58 -12.33 -27.80 4.86
C PRO B 58 -13.04 -27.43 6.18
N ALA B 59 -12.43 -27.71 7.32
CA ALA B 59 -13.06 -27.35 8.58
C ALA B 59 -13.67 -25.98 8.38
N THR B 60 -12.93 -25.04 7.81
CA THR B 60 -13.55 -23.78 7.59
C THR B 60 -14.86 -23.74 6.77
N VAL B 61 -14.89 -24.51 5.68
CA VAL B 61 -16.00 -24.37 4.77
C VAL B 61 -17.15 -25.09 5.51
N ILE B 62 -16.84 -26.20 6.15
CA ILE B 62 -17.89 -27.03 6.58
C ILE B 62 -18.58 -26.40 7.80
N ARG B 63 -17.83 -25.73 8.66
CA ARG B 63 -18.47 -25.12 9.81
C ARG B 63 -19.34 -23.90 9.47
N ARG B 64 -19.02 -23.21 8.39
CA ARG B 64 -19.73 -22.00 8.04
C ARG B 64 -20.99 -22.22 7.17
N PHE B 65 -20.91 -23.13 6.20
CA PHE B 65 -22.06 -23.47 5.35
C PHE B 65 -22.46 -24.91 5.60
N PRO B 66 -23.25 -25.17 6.66
CA PRO B 66 -23.35 -26.57 7.02
C PRO B 66 -24.41 -27.25 6.24
N LYS B 67 -25.08 -26.53 5.34
CA LYS B 67 -26.15 -27.16 4.57
C LYS B 67 -25.88 -27.43 3.06
N VAL B 68 -24.61 -27.26 2.66
CA VAL B 68 -24.23 -27.28 1.24
C VAL B 68 -24.60 -28.56 0.62
N ARG B 69 -25.12 -28.52 -0.61
CA ARG B 69 -25.48 -29.73 -1.32
C ARG B 69 -24.54 -30.02 -2.50
N SER B 70 -23.70 -29.04 -2.78
CA SER B 70 -22.99 -29.03 -4.05
C SER B 70 -21.66 -28.29 -3.87
N VAL B 71 -20.58 -29.01 -4.19
CA VAL B 71 -19.24 -28.50 -3.97
C VAL B 71 -18.35 -28.50 -5.24
N GLU B 72 -17.72 -27.36 -5.50
CA GLU B 72 -16.73 -27.30 -6.52
C GLU B 72 -15.34 -26.88 -6.06
N LEU B 73 -14.34 -27.71 -6.42
CA LEU B 73 -12.85 -27.47 -6.07
C LEU B 73 -11.82 -27.55 -7.24
N LYS B 74 -10.82 -26.70 -7.18
CA LYS B 74 -9.81 -26.59 -8.25
C LYS B 74 -8.46 -26.67 -7.57
N GLY B 75 -7.54 -27.45 -8.14
CA GLY B 75 -6.28 -27.72 -7.43
C GLY B 75 -5.07 -27.07 -8.08
N LYS B 76 -4.32 -27.84 -8.85
CA LYS B 76 -3.07 -27.31 -9.47
C LYS B 76 -3.38 -26.06 -10.36
N PRO B 77 -2.38 -25.14 -10.50
CA PRO B 77 -2.38 -23.99 -11.39
C PRO B 77 -2.51 -24.45 -12.81
N HIS B 78 -2.88 -23.55 -13.69
CA HIS B 78 -3.30 -23.97 -15.09
C HIS B 78 -2.14 -24.69 -15.81
N PHE B 79 -0.90 -24.26 -15.48
CA PHE B 79 0.36 -24.63 -16.20
C PHE B 79 0.74 -26.06 -15.94
N ALA B 80 0.09 -26.69 -14.95
CA ALA B 80 0.10 -28.18 -14.82
C ALA B 80 -0.16 -28.88 -16.14
N ASP B 81 -1.01 -28.27 -16.96
CA ASP B 81 -1.28 -28.89 -18.23
C ASP B 81 -0.08 -28.99 -19.12
N PHE B 82 0.96 -28.19 -18.85
CA PHE B 82 2.08 -28.07 -19.78
C PHE B 82 3.35 -28.65 -19.17
N ASN B 83 3.27 -29.89 -18.71
CA ASN B 83 3.56 -30.20 -17.31
C ASN B 83 4.73 -29.38 -16.77
N LEU B 84 4.41 -28.23 -16.19
CA LEU B 84 5.42 -27.38 -15.57
C LEU B 84 5.38 -27.47 -14.05
N VAL B 85 4.43 -28.25 -13.54
CA VAL B 85 4.43 -28.63 -12.12
C VAL B 85 4.85 -30.13 -11.78
N PRO B 86 5.99 -30.33 -11.07
CA PRO B 86 6.44 -31.74 -10.92
C PRO B 86 5.29 -32.52 -10.25
N ASP B 87 5.16 -33.82 -10.55
CA ASP B 87 4.32 -34.77 -9.83
C ASP B 87 4.51 -34.64 -8.30
N GLY B 88 3.44 -34.83 -7.56
CA GLY B 88 3.52 -34.85 -6.12
C GLY B 88 3.34 -33.46 -5.48
N TRP B 89 3.19 -32.43 -6.29
CA TRP B 89 3.16 -31.08 -5.74
C TRP B 89 1.97 -30.84 -4.73
N GLY B 90 0.79 -31.40 -5.06
CA GLY B 90 -0.35 -31.37 -4.19
C GLY B 90 -1.67 -31.44 -4.94
N GLY B 91 -2.74 -30.92 -4.35
CA GLY B 91 -4.09 -30.93 -5.03
C GLY B 91 -4.93 -32.09 -4.60
N TYR B 92 -4.66 -32.65 -3.42
CA TYR B 92 -5.29 -33.94 -3.04
C TYR B 92 -6.66 -33.60 -2.52
N VAL B 93 -7.69 -34.32 -2.99
CA VAL B 93 -9.01 -34.02 -2.56
C VAL B 93 -9.37 -34.82 -1.33
N TYR B 94 -8.58 -35.84 -0.98
CA TYR B 94 -9.02 -36.66 0.12
C TYR B 94 -9.40 -35.90 1.39
N PRO B 95 -8.51 -35.06 1.91
CA PRO B 95 -8.93 -34.42 3.14
C PRO B 95 -10.38 -33.78 3.05
N TRP B 96 -10.89 -33.52 1.84
CA TRP B 96 -12.12 -32.70 1.67
C TRP B 96 -13.23 -33.68 1.88
N ILE B 97 -13.08 -34.79 1.22
CA ILE B 97 -14.03 -35.83 1.24
C ILE B 97 -14.07 -36.35 2.66
N GLU B 98 -12.92 -36.46 3.30
CA GLU B 98 -12.99 -37.05 4.60
C GLU B 98 -13.84 -36.14 5.48
N ALA B 99 -13.56 -34.83 5.43
CA ALA B 99 -14.23 -33.82 6.27
C ALA B 99 -15.72 -33.76 5.90
N MET B 100 -16.04 -33.69 4.61
CA MET B 100 -17.45 -33.67 4.20
C MET B 100 -18.29 -34.92 4.55
N SER B 101 -17.63 -36.06 4.67
CA SER B 101 -18.33 -37.35 4.60
C SER B 101 -19.15 -37.46 5.87
N SER B 102 -18.70 -36.84 6.95
CA SER B 102 -19.54 -36.85 8.14
C SER B 102 -20.40 -35.61 8.34
N SER B 103 -20.07 -34.51 7.69
CA SER B 103 -20.95 -33.35 7.80
C SER B 103 -21.97 -33.22 6.69
N TYR B 104 -21.57 -33.43 5.46
CA TYR B 104 -22.55 -33.13 4.44
C TYR B 104 -23.37 -34.32 4.03
N THR B 105 -24.23 -34.79 4.91
CA THR B 105 -24.87 -36.10 4.59
C THR B 105 -25.71 -35.96 3.32
N TRP B 106 -26.22 -34.77 3.05
CA TRP B 106 -27.19 -34.76 2.00
C TRP B 106 -26.51 -34.34 0.71
N LEU B 107 -25.16 -34.34 0.66
CA LEU B 107 -24.44 -33.83 -0.51
C LEU B 107 -24.81 -34.55 -1.79
N GLU B 108 -24.92 -33.74 -2.83
CA GLU B 108 -25.44 -34.14 -4.11
C GLU B 108 -24.47 -34.09 -5.33
N GLU B 109 -23.59 -33.09 -5.31
CA GLU B 109 -22.79 -32.70 -6.39
C GLU B 109 -21.32 -32.41 -5.98
N ILE B 110 -20.42 -33.09 -6.66
CA ILE B 110 -18.96 -32.78 -6.50
C ILE B 110 -18.32 -32.46 -7.84
N ARG B 111 -17.74 -31.26 -8.00
CA ARG B 111 -17.03 -31.00 -9.27
C ARG B 111 -15.63 -30.64 -8.99
N LEU B 112 -14.74 -31.37 -9.62
CA LEU B 112 -13.29 -31.25 -9.26
C LEU B 112 -12.46 -30.95 -10.55
N LYS B 113 -11.53 -30.04 -10.37
CA LYS B 113 -10.56 -29.74 -11.39
C LYS B 113 -9.13 -29.75 -10.97
N ARG B 114 -8.39 -30.44 -11.81
CA ARG B 114 -6.95 -30.62 -11.59
C ARG B 114 -6.68 -30.91 -10.14
N MET B 115 -7.33 -31.97 -9.66
CA MET B 115 -6.95 -32.56 -8.35
C MET B 115 -6.59 -34.02 -8.41
N VAL B 116 -5.91 -34.42 -7.36
CA VAL B 116 -5.46 -35.77 -7.30
C VAL B 116 -6.51 -36.48 -6.55
N VAL B 117 -7.12 -37.48 -7.17
CA VAL B 117 -8.33 -38.07 -6.63
C VAL B 117 -8.11 -39.55 -6.75
N THR B 118 -8.39 -40.20 -5.64
CA THR B 118 -7.91 -41.52 -5.30
C THR B 118 -9.05 -42.50 -5.18
N ASP B 119 -8.77 -43.78 -5.37
CA ASP B 119 -9.86 -44.74 -5.30
C ASP B 119 -10.45 -44.68 -3.90
N ASP B 120 -9.62 -44.45 -2.92
CA ASP B 120 -10.16 -44.26 -1.62
C ASP B 120 -11.20 -43.13 -1.52
N CYS B 121 -10.90 -41.98 -2.15
CA CYS B 121 -11.85 -40.88 -2.28
C CYS B 121 -13.11 -41.44 -2.89
N LEU B 122 -12.99 -42.25 -3.95
CA LEU B 122 -14.21 -42.54 -4.63
C LEU B 122 -15.16 -43.44 -3.81
N GLU B 123 -14.61 -44.40 -3.08
CA GLU B 123 -15.35 -45.25 -2.20
C GLU B 123 -15.98 -44.44 -1.09
N LEU B 124 -15.24 -43.46 -0.60
CA LEU B 124 -15.73 -42.73 0.59
C LEU B 124 -17.00 -41.99 0.08
N ILE B 125 -16.98 -41.51 -1.17
CA ILE B 125 -18.04 -40.63 -1.63
C ILE B 125 -19.18 -41.61 -1.74
N ALA B 126 -18.86 -42.78 -2.27
CA ALA B 126 -19.93 -43.68 -2.74
C ALA B 126 -20.80 -44.03 -1.55
N LYS B 127 -20.15 -44.08 -0.39
CA LYS B 127 -20.64 -44.77 0.74
C LYS B 127 -20.98 -43.77 1.88
N SER B 128 -20.69 -42.51 1.70
CA SER B 128 -21.21 -41.48 2.59
C SER B 128 -22.37 -40.67 2.05
N PHE B 129 -22.54 -40.55 0.72
CA PHE B 129 -23.56 -39.61 0.23
C PHE B 129 -24.69 -40.31 -0.48
N LYS B 130 -25.81 -40.49 0.20
CA LYS B 130 -26.80 -41.40 -0.30
C LYS B 130 -27.52 -40.64 -1.46
N ASN B 131 -27.52 -39.31 -1.43
CA ASN B 131 -28.30 -38.65 -2.45
C ASN B 131 -27.37 -38.23 -3.63
N PHE B 132 -26.15 -38.80 -3.66
CA PHE B 132 -25.15 -38.45 -4.67
C PHE B 132 -25.60 -38.51 -6.13
N LYS B 133 -25.51 -37.36 -6.77
CA LYS B 133 -26.16 -37.21 -8.04
C LYS B 133 -25.22 -36.87 -9.19
N VAL B 134 -24.17 -36.10 -8.90
CA VAL B 134 -23.35 -35.51 -9.93
C VAL B 134 -21.86 -35.61 -9.62
N LEU B 135 -21.14 -36.36 -10.45
CA LEU B 135 -19.63 -36.39 -10.27
C LEU B 135 -18.93 -35.95 -11.55
N VAL B 136 -18.32 -34.80 -11.49
CA VAL B 136 -17.52 -34.29 -12.58
C VAL B 136 -16.05 -34.29 -12.20
N LEU B 137 -15.27 -35.06 -12.96
CA LEU B 137 -13.81 -35.13 -12.67
C LEU B 137 -12.99 -34.63 -13.87
N SER B 138 -12.47 -33.42 -13.75
CA SER B 138 -12.07 -32.68 -14.94
C SER B 138 -10.52 -32.48 -14.89
N SER B 139 -9.78 -33.18 -15.76
CA SER B 139 -8.35 -33.26 -15.64
C SER B 139 -7.99 -33.61 -14.26
N CYS B 140 -8.54 -34.70 -13.74
CA CYS B 140 -7.94 -35.17 -12.51
C CYS B 140 -7.07 -36.42 -12.73
N GLU B 141 -6.27 -36.79 -11.75
CA GLU B 141 -5.50 -38.04 -11.80
C GLU B 141 -5.55 -38.73 -10.43
N GLY B 142 -5.27 -40.03 -10.40
CA GLY B 142 -4.91 -40.70 -9.12
C GLY B 142 -5.81 -41.87 -8.86
N PHE B 143 -6.73 -42.12 -9.78
CA PHE B 143 -7.74 -43.13 -9.54
C PHE B 143 -7.77 -44.12 -10.68
N SER B 144 -8.60 -45.14 -10.59
CA SER B 144 -8.53 -46.29 -11.43
C SER B 144 -9.97 -46.72 -11.66
N THR B 145 -10.17 -47.57 -12.64
CA THR B 145 -11.44 -48.14 -12.88
C THR B 145 -12.05 -48.89 -11.67
N ASP B 146 -11.23 -49.10 -10.66
CA ASP B 146 -11.71 -49.88 -9.53
C ASP B 146 -12.56 -48.88 -8.77
N GLY B 147 -12.13 -47.58 -8.77
CA GLY B 147 -12.79 -46.54 -7.97
C GLY B 147 -14.18 -46.30 -8.57
N LEU B 148 -14.19 -46.24 -9.91
CA LEU B 148 -15.41 -46.01 -10.59
C LEU B 148 -16.34 -47.18 -10.38
N ALA B 149 -15.84 -48.40 -10.47
CA ALA B 149 -16.69 -49.58 -10.13
C ALA B 149 -17.41 -49.26 -8.79
N ALA B 150 -16.73 -48.61 -7.83
CA ALA B 150 -17.36 -48.32 -6.54
C ALA B 150 -18.57 -47.42 -6.69
N ILE B 151 -18.33 -46.32 -7.38
CA ILE B 151 -19.38 -45.38 -7.72
C ILE B 151 -20.56 -46.07 -8.39
N ALA B 152 -20.29 -46.85 -9.43
CA ALA B 152 -21.39 -47.43 -10.17
C ALA B 152 -22.19 -48.42 -9.34
N ALA B 153 -21.54 -49.07 -8.39
CA ALA B 153 -22.20 -50.23 -7.74
C ALA B 153 -23.11 -49.64 -6.67
N THR B 154 -22.67 -48.54 -6.08
CA THR B 154 -23.24 -48.03 -4.87
C THR B 154 -24.15 -46.81 -5.06
N CYS B 155 -23.86 -45.93 -6.03
CA CYS B 155 -24.53 -44.64 -6.13
C CYS B 155 -25.83 -44.73 -6.88
N ARG B 156 -26.90 -44.92 -6.11
CA ARG B 156 -28.07 -45.48 -6.70
C ARG B 156 -28.84 -44.38 -7.39
N ASN B 157 -28.53 -43.13 -7.10
CA ASN B 157 -29.33 -42.01 -7.57
C ASN B 157 -28.53 -41.22 -8.61
N LEU B 158 -27.28 -41.63 -8.86
CA LEU B 158 -26.40 -40.96 -9.85
C LEU B 158 -27.05 -40.53 -11.21
N LYS B 159 -26.84 -39.28 -11.58
CA LYS B 159 -27.37 -38.72 -12.79
C LYS B 159 -26.26 -38.40 -13.80
N GLU B 160 -25.05 -38.03 -13.28
CA GLU B 160 -23.98 -37.52 -14.14
C GLU B 160 -22.65 -38.18 -13.76
N LEU B 161 -21.98 -38.86 -14.71
CA LEU B 161 -20.53 -39.21 -14.51
C LEU B 161 -19.71 -38.71 -15.67
N ASP B 162 -18.95 -37.71 -15.37
CA ASP B 162 -18.30 -36.99 -16.41
C ASP B 162 -16.77 -37.02 -16.14
N LEU B 163 -16.03 -37.69 -17.00
CA LEU B 163 -14.64 -38.02 -16.72
C LEU B 163 -13.67 -37.12 -17.49
N ARG B 164 -14.20 -36.03 -18.04
CA ARG B 164 -13.58 -35.37 -19.18
C ARG B 164 -12.10 -35.07 -18.89
N GLU B 165 -11.24 -35.54 -19.78
CA GLU B 165 -9.85 -35.09 -19.80
C GLU B 165 -9.13 -35.46 -18.50
N SER B 166 -9.54 -36.58 -17.90
CA SER B 166 -8.83 -37.14 -16.83
C SER B 166 -7.89 -38.29 -17.26
N ASP B 167 -6.94 -38.57 -16.40
CA ASP B 167 -5.99 -39.63 -16.59
C ASP B 167 -6.38 -40.78 -15.62
N VAL B 168 -7.00 -41.85 -16.08
CA VAL B 168 -7.46 -42.91 -15.21
C VAL B 168 -6.54 -44.10 -15.34
N ASP B 169 -6.10 -44.61 -14.20
CA ASP B 169 -5.34 -45.81 -14.24
C ASP B 169 -6.27 -46.99 -14.73
N ASP B 170 -5.98 -47.48 -15.94
CA ASP B 170 -7.01 -48.16 -16.75
C ASP B 170 -6.87 -49.67 -16.68
N VAL B 171 -6.89 -50.21 -15.46
CA VAL B 171 -7.55 -51.49 -15.19
C VAL B 171 -8.99 -51.48 -15.71
N SER B 172 -9.33 -52.43 -16.57
CA SER B 172 -10.65 -53.05 -16.60
C SER B 172 -11.83 -52.20 -17.07
N GLY B 173 -12.42 -52.59 -18.18
CA GLY B 173 -13.71 -52.05 -18.58
C GLY B 173 -14.88 -52.69 -17.86
N HIS B 174 -14.56 -53.61 -16.96
CA HIS B 174 -15.60 -54.32 -16.22
C HIS B 174 -16.43 -53.44 -15.29
N TRP B 175 -15.84 -52.34 -14.86
CA TRP B 175 -16.39 -51.51 -13.81
C TRP B 175 -17.78 -51.04 -14.23
N LEU B 176 -17.99 -50.84 -15.54
CA LEU B 176 -19.28 -50.30 -15.92
C LEU B 176 -20.43 -51.32 -15.68
N SER B 177 -20.21 -52.60 -15.76
CA SER B 177 -21.31 -53.53 -15.54
C SER B 177 -21.60 -53.60 -14.08
N HIS B 178 -20.99 -52.76 -13.27
CA HIS B 178 -21.37 -52.75 -11.83
C HIS B 178 -22.67 -51.93 -11.46
N PHE B 179 -23.14 -51.10 -12.38
CA PHE B 179 -24.45 -50.52 -12.37
C PHE B 179 -25.46 -51.65 -12.33
N PRO B 180 -26.25 -51.71 -11.24
CA PRO B 180 -27.29 -52.74 -11.06
C PRO B 180 -28.40 -52.53 -12.07
N ASP B 181 -29.17 -53.58 -12.36
CA ASP B 181 -30.30 -53.49 -13.23
C ASP B 181 -31.33 -52.52 -12.69
N THR B 182 -31.29 -52.20 -11.41
CA THR B 182 -32.38 -51.39 -10.91
C THR B 182 -31.96 -49.94 -11.08
N TYR B 183 -30.71 -49.70 -11.45
CA TYR B 183 -30.26 -48.36 -11.81
C TYR B 183 -30.79 -47.84 -13.13
N THR B 184 -31.25 -46.60 -13.16
CA THR B 184 -31.98 -46.06 -14.30
C THR B 184 -31.88 -44.54 -14.49
N SER B 185 -31.07 -43.88 -13.69
CA SER B 185 -31.28 -42.46 -13.47
C SER B 185 -30.34 -41.58 -14.27
N LEU B 186 -29.55 -42.21 -15.11
CA LEU B 186 -28.39 -41.53 -15.68
C LEU B 186 -28.82 -40.47 -16.66
N VAL B 187 -28.31 -39.27 -16.49
CA VAL B 187 -28.53 -38.20 -17.49
C VAL B 187 -27.36 -38.03 -18.50
N SER B 188 -26.17 -38.44 -18.06
CA SER B 188 -24.90 -37.91 -18.57
C SER B 188 -23.61 -38.73 -18.18
N LEU B 189 -23.06 -39.44 -19.18
CA LEU B 189 -21.86 -40.29 -19.14
C LEU B 189 -20.84 -39.72 -20.10
N ASN B 190 -19.74 -39.18 -19.58
CA ASN B 190 -18.65 -38.73 -20.47
C ASN B 190 -17.46 -39.59 -20.24
N ILE B 191 -17.21 -40.44 -21.21
CA ILE B 191 -16.47 -41.73 -21.09
C ILE B 191 -15.12 -41.66 -21.76
N SER B 192 -14.81 -40.45 -22.21
CA SER B 192 -14.09 -40.34 -23.42
C SER B 192 -12.51 -40.39 -23.28
N CYS B 193 -11.96 -40.07 -22.13
CA CYS B 193 -10.62 -40.35 -21.74
C CYS B 193 -10.22 -41.78 -21.41
N LEU B 194 -11.12 -42.73 -21.33
CA LEU B 194 -10.66 -44.02 -20.89
C LEU B 194 -10.00 -44.76 -22.06
N ALA B 195 -8.84 -45.39 -21.87
CA ALA B 195 -8.34 -46.35 -22.91
C ALA B 195 -9.10 -47.69 -22.83
N SER B 196 -9.42 -48.17 -21.67
CA SER B 196 -9.78 -49.57 -21.67
C SER B 196 -11.18 -49.59 -22.25
N GLU B 197 -11.71 -50.79 -22.48
CA GLU B 197 -12.93 -50.95 -23.25
C GLU B 197 -14.02 -51.55 -22.40
N VAL B 198 -15.13 -50.85 -22.35
CA VAL B 198 -16.20 -51.19 -21.51
C VAL B 198 -16.88 -52.42 -22.04
N SER B 199 -17.61 -53.13 -21.20
CA SER B 199 -18.41 -54.19 -21.76
C SER B 199 -19.52 -53.62 -22.65
N PHE B 200 -19.64 -54.18 -23.83
CA PHE B 200 -20.50 -53.47 -24.71
C PHE B 200 -22.01 -53.83 -24.50
N SER B 201 -22.34 -55.13 -24.36
CA SER B 201 -23.71 -55.44 -23.97
C SER B 201 -24.10 -54.71 -22.64
N ALA B 202 -23.18 -54.58 -21.69
CA ALA B 202 -23.51 -53.85 -20.50
C ALA B 202 -23.82 -52.44 -20.93
N LEU B 203 -23.01 -51.86 -21.80
CA LEU B 203 -23.26 -50.46 -22.21
C LEU B 203 -24.61 -50.29 -22.90
N GLU B 204 -25.02 -51.24 -23.73
CA GLU B 204 -26.30 -51.16 -24.41
C GLU B 204 -27.52 -51.32 -23.49
N ARG B 205 -27.47 -52.28 -22.56
CA ARG B 205 -28.41 -52.42 -21.43
C ARG B 205 -28.54 -51.15 -20.58
N LEU B 206 -27.40 -50.62 -20.22
CA LEU B 206 -27.38 -49.38 -19.49
C LEU B 206 -28.16 -48.25 -20.26
N VAL B 207 -27.69 -47.89 -21.47
CA VAL B 207 -28.27 -46.80 -22.29
C VAL B 207 -29.71 -47.16 -22.52
N THR B 208 -30.01 -48.45 -22.66
CA THR B 208 -31.33 -48.78 -23.07
C THR B 208 -32.31 -48.46 -21.95
N ARG B 209 -31.90 -48.69 -20.69
CA ARG B 209 -32.83 -48.57 -19.58
C ARG B 209 -32.71 -47.20 -18.84
N CYS B 210 -32.01 -46.22 -19.39
CA CYS B 210 -32.03 -44.89 -18.78
C CYS B 210 -32.62 -43.87 -19.71
N PRO B 211 -33.95 -43.76 -19.67
CA PRO B 211 -34.76 -42.98 -20.64
C PRO B 211 -34.46 -41.50 -20.51
N ASN B 212 -33.75 -41.08 -19.46
CA ASN B 212 -33.31 -39.69 -19.33
C ASN B 212 -31.92 -39.34 -19.79
N LEU B 213 -31.22 -40.32 -20.35
CA LEU B 213 -29.91 -40.12 -20.94
C LEU B 213 -29.98 -39.02 -22.00
N LYS B 214 -29.13 -38.01 -21.83
CA LYS B 214 -29.17 -36.80 -22.67
C LYS B 214 -27.79 -36.53 -23.32
N SER B 215 -26.76 -37.07 -22.68
CA SER B 215 -25.42 -36.80 -23.10
C SER B 215 -24.52 -38.03 -22.94
N LEU B 216 -24.09 -38.60 -24.08
CA LEU B 216 -23.27 -39.85 -24.14
C LEU B 216 -21.96 -39.61 -24.96
N LYS B 217 -20.85 -39.49 -24.25
CA LYS B 217 -19.55 -39.33 -24.88
C LYS B 217 -18.67 -40.53 -24.69
N LEU B 218 -18.39 -41.22 -25.79
CA LEU B 218 -17.74 -42.52 -25.74
C LEU B 218 -16.23 -42.39 -25.79
N ASN B 219 -15.54 -43.15 -24.95
CA ASN B 219 -14.80 -44.35 -25.33
C ASN B 219 -14.54 -44.52 -26.79
N ARG B 220 -13.28 -44.65 -27.16
CA ARG B 220 -13.09 -44.84 -28.60
C ARG B 220 -12.84 -46.30 -28.85
N ALA B 221 -12.81 -47.09 -27.80
CA ALA B 221 -12.87 -48.51 -28.02
C ALA B 221 -14.27 -49.03 -28.31
N VAL B 222 -15.23 -48.13 -28.47
CA VAL B 222 -16.51 -48.55 -29.04
C VAL B 222 -16.40 -48.17 -30.48
N PRO B 223 -16.33 -49.17 -31.29
CA PRO B 223 -15.92 -48.95 -32.66
C PRO B 223 -17.10 -48.52 -33.52
N LEU B 224 -16.79 -47.72 -34.55
CA LEU B 224 -17.79 -47.20 -35.48
C LEU B 224 -18.88 -48.17 -35.80
N GLU B 225 -18.58 -49.44 -36.02
CA GLU B 225 -19.63 -50.31 -36.41
C GLU B 225 -20.66 -50.52 -35.36
N LYS B 226 -20.33 -50.15 -34.13
CA LYS B 226 -21.33 -50.38 -33.09
C LYS B 226 -22.23 -49.17 -32.80
N LEU B 227 -21.87 -47.95 -33.25
CA LEU B 227 -22.59 -46.73 -32.82
C LEU B 227 -24.10 -46.81 -33.11
N ALA B 228 -24.48 -47.13 -34.33
CA ALA B 228 -25.88 -47.32 -34.63
C ALA B 228 -26.67 -48.15 -33.62
N THR B 229 -26.18 -49.28 -33.12
CA THR B 229 -26.94 -49.94 -32.07
C THR B 229 -27.24 -49.00 -30.87
N LEU B 230 -26.20 -48.38 -30.33
CA LEU B 230 -26.40 -47.40 -29.32
C LEU B 230 -27.41 -46.35 -29.66
N LEU B 231 -27.42 -45.87 -30.90
CA LEU B 231 -28.12 -44.62 -31.11
C LEU B 231 -29.57 -44.99 -31.25
N GLN B 232 -29.85 -46.14 -31.83
CA GLN B 232 -31.23 -46.65 -31.89
C GLN B 232 -31.80 -46.78 -30.41
N ARG B 233 -30.97 -47.16 -29.43
CA ARG B 233 -31.41 -47.16 -28.04
C ARG B 233 -31.59 -45.74 -27.41
N ALA B 234 -31.04 -44.65 -27.96
CA ALA B 234 -31.12 -43.36 -27.27
C ALA B 234 -31.49 -42.24 -28.25
N PRO B 235 -32.61 -42.42 -28.90
CA PRO B 235 -32.96 -41.38 -29.81
C PRO B 235 -33.10 -39.97 -29.22
N GLN B 236 -33.12 -39.81 -27.89
CA GLN B 236 -33.46 -38.51 -27.27
C GLN B 236 -32.19 -37.72 -27.01
N LEU B 237 -31.07 -38.31 -27.38
CA LEU B 237 -29.77 -37.70 -27.09
C LEU B 237 -29.66 -36.20 -27.52
N GLU B 238 -29.09 -35.34 -26.68
CA GLU B 238 -28.67 -33.99 -27.10
C GLU B 238 -27.16 -33.77 -27.42
N GLU B 239 -26.27 -34.57 -26.85
CA GLU B 239 -24.85 -34.45 -27.08
C GLU B 239 -24.45 -35.89 -27.33
N LEU B 240 -23.68 -36.14 -28.40
CA LEU B 240 -23.07 -37.47 -28.68
C LEU B 240 -21.61 -37.20 -28.91
N GLY B 241 -20.80 -38.03 -28.23
CA GLY B 241 -19.36 -38.20 -28.41
C GLY B 241 -19.19 -39.57 -29.09
N THR B 242 -18.72 -39.62 -30.35
CA THR B 242 -18.55 -40.96 -30.99
C THR B 242 -17.42 -41.69 -30.24
N GLY B 243 -17.35 -43.01 -30.45
CA GLY B 243 -16.11 -43.72 -30.26
C GLY B 243 -15.31 -43.61 -31.54
N GLY B 244 -14.54 -44.67 -31.85
CA GLY B 244 -13.73 -44.71 -33.04
C GLY B 244 -14.62 -44.39 -34.26
N TYR B 245 -14.10 -43.58 -35.16
CA TYR B 245 -14.86 -43.28 -36.30
C TYR B 245 -14.18 -43.87 -37.58
N THR B 246 -13.90 -45.18 -37.52
CA THR B 246 -13.27 -45.90 -38.65
C THR B 246 -13.72 -47.35 -38.87
N ALA B 247 -13.85 -47.75 -40.15
CA ALA B 247 -14.38 -49.07 -40.46
C ALA B 247 -14.09 -49.26 -41.94
N GLU B 248 -14.11 -50.52 -42.38
CA GLU B 248 -14.09 -50.83 -43.80
C GLU B 248 -15.16 -49.98 -44.49
N VAL B 249 -14.84 -49.48 -45.65
CA VAL B 249 -15.88 -48.84 -46.36
C VAL B 249 -16.95 -49.84 -46.83
N ARG B 250 -18.13 -49.86 -46.19
CA ARG B 250 -19.24 -50.68 -46.72
C ARG B 250 -20.58 -49.95 -46.73
N PRO B 251 -21.40 -50.13 -47.78
CA PRO B 251 -22.78 -49.63 -47.82
C PRO B 251 -23.76 -50.06 -46.76
N ASP B 252 -23.83 -51.32 -46.38
CA ASP B 252 -24.73 -51.59 -45.24
C ASP B 252 -24.35 -50.81 -43.98
N VAL B 253 -23.07 -50.64 -43.66
CA VAL B 253 -22.67 -50.03 -42.39
C VAL B 253 -22.90 -48.57 -42.47
N TYR B 254 -22.61 -47.93 -43.62
CA TYR B 254 -22.99 -46.50 -43.85
C TYR B 254 -24.51 -46.25 -43.77
N SER B 255 -25.28 -46.98 -44.54
CA SER B 255 -26.68 -46.84 -44.47
C SER B 255 -27.22 -46.90 -43.05
N GLY B 256 -26.84 -47.90 -42.26
CA GLY B 256 -27.24 -48.02 -40.83
C GLY B 256 -26.79 -46.82 -40.00
N LEU B 257 -25.53 -46.41 -40.06
CA LEU B 257 -25.08 -45.26 -39.24
C LEU B 257 -26.05 -44.17 -39.59
N SER B 258 -26.42 -44.05 -40.86
CA SER B 258 -27.04 -42.81 -41.23
C SER B 258 -28.54 -42.73 -40.87
N VAL B 259 -29.27 -43.85 -40.98
CA VAL B 259 -30.67 -43.88 -40.57
C VAL B 259 -30.62 -43.57 -39.02
N ALA B 260 -29.64 -44.14 -38.32
CA ALA B 260 -29.62 -44.11 -36.86
C ALA B 260 -29.33 -42.67 -36.44
N LEU B 261 -28.51 -41.97 -37.18
CA LEU B 261 -28.20 -40.64 -36.69
C LEU B 261 -29.37 -39.67 -36.94
N SER B 262 -30.10 -39.89 -38.02
CA SER B 262 -31.02 -38.91 -38.43
C SER B 262 -32.34 -39.22 -37.70
N GLY B 263 -32.45 -40.44 -37.16
CA GLY B 263 -33.14 -40.68 -35.86
C GLY B 263 -32.94 -39.82 -34.59
N CYS B 264 -31.79 -39.16 -34.43
CA CYS B 264 -31.60 -38.29 -33.31
C CYS B 264 -31.93 -36.88 -33.59
N LYS B 265 -33.21 -36.59 -33.51
CA LYS B 265 -33.68 -35.26 -33.85
C LYS B 265 -33.31 -34.19 -32.85
N GLU B 266 -32.80 -34.59 -31.65
CA GLU B 266 -32.39 -33.65 -30.55
C GLU B 266 -30.89 -33.24 -30.45
N LEU B 267 -30.01 -33.86 -31.25
CA LEU B 267 -28.53 -33.54 -31.24
C LEU B 267 -28.24 -32.11 -31.38
N ARG B 268 -27.62 -31.52 -30.37
CA ARG B 268 -27.08 -30.18 -30.53
C ARG B 268 -25.49 -30.20 -30.63
N CYS B 269 -24.86 -31.29 -30.15
CA CYS B 269 -23.41 -31.34 -29.88
C CYS B 269 -22.89 -32.64 -30.38
N LEU B 270 -21.90 -32.57 -31.24
CA LEU B 270 -21.26 -33.70 -31.82
C LEU B 270 -19.66 -33.60 -31.60
N SER B 271 -19.08 -34.71 -31.16
CA SER B 271 -17.67 -34.73 -30.78
C SER B 271 -17.11 -36.14 -30.93
N GLY B 272 -15.82 -36.31 -30.69
CA GLY B 272 -15.19 -37.63 -30.80
C GLY B 272 -14.44 -37.79 -32.13
N PHE B 273 -14.91 -38.69 -32.99
CA PHE B 273 -14.28 -38.78 -34.34
C PHE B 273 -12.83 -39.25 -34.36
N TRP B 274 -12.41 -40.08 -33.37
CA TRP B 274 -11.03 -40.59 -33.52
C TRP B 274 -10.86 -41.34 -34.84
N ASP B 275 -9.73 -41.04 -35.49
CA ASP B 275 -9.32 -41.83 -36.69
C ASP B 275 -10.38 -41.70 -37.79
N ALA B 276 -11.05 -40.56 -37.90
CA ALA B 276 -12.22 -40.55 -38.75
C ALA B 276 -11.73 -40.82 -40.18
N VAL B 277 -12.44 -41.70 -40.91
CA VAL B 277 -12.40 -41.86 -42.36
C VAL B 277 -13.40 -40.94 -43.16
N PRO B 278 -12.85 -40.10 -44.07
CA PRO B 278 -13.68 -39.29 -44.96
C PRO B 278 -14.92 -40.00 -45.40
N ALA B 279 -14.82 -41.25 -45.83
CA ALA B 279 -15.99 -41.96 -46.36
C ALA B 279 -17.21 -42.08 -45.42
N TYR B 280 -16.99 -41.94 -44.12
CA TYR B 280 -18.09 -42.02 -43.15
C TYR B 280 -18.66 -40.66 -42.56
N LEU B 281 -17.99 -39.52 -42.70
CA LEU B 281 -18.51 -38.31 -42.11
C LEU B 281 -19.90 -37.91 -42.63
N PRO B 282 -20.15 -38.18 -43.90
CA PRO B 282 -21.37 -37.56 -44.41
C PRO B 282 -22.63 -38.14 -43.73
N ALA B 283 -22.47 -39.31 -43.13
CA ALA B 283 -23.53 -39.98 -42.36
C ALA B 283 -24.01 -38.99 -41.33
N VAL B 284 -23.12 -38.11 -40.94
CA VAL B 284 -23.40 -37.19 -39.86
C VAL B 284 -24.22 -35.97 -40.37
N TYR B 285 -24.45 -35.82 -41.68
CA TYR B 285 -24.90 -34.53 -42.21
C TYR B 285 -26.30 -34.07 -41.79
N SER B 286 -27.26 -34.98 -41.79
CA SER B 286 -28.64 -34.63 -41.50
C SER B 286 -28.78 -34.08 -40.09
N VAL B 287 -27.85 -34.48 -39.24
CA VAL B 287 -27.79 -34.01 -37.87
C VAL B 287 -27.43 -32.54 -37.85
N CYS B 288 -27.01 -32.02 -39.01
CA CYS B 288 -26.05 -30.95 -39.04
C CYS B 288 -26.74 -29.61 -39.17
N SER B 289 -27.87 -29.59 -39.85
CA SER B 289 -28.76 -28.45 -39.84
C SER B 289 -28.80 -27.77 -38.49
N ARG B 290 -28.54 -28.52 -37.43
CA ARG B 290 -29.07 -28.18 -36.12
C ARG B 290 -28.01 -27.98 -35.05
N LEU B 291 -26.77 -28.35 -35.37
CA LEU B 291 -25.69 -28.34 -34.39
C LEU B 291 -25.31 -26.95 -33.93
N THR B 292 -25.16 -26.77 -32.63
CA THR B 292 -24.56 -25.57 -32.16
C THR B 292 -23.09 -25.84 -31.69
N THR B 293 -22.73 -27.10 -31.43
CA THR B 293 -21.38 -27.40 -31.05
C THR B 293 -20.82 -28.57 -31.82
N LEU B 294 -19.73 -28.29 -32.53
CA LEU B 294 -19.01 -29.33 -33.28
C LEU B 294 -17.56 -29.26 -32.78
N ASN B 295 -17.07 -30.43 -32.33
CA ASN B 295 -15.64 -30.55 -31.92
C ASN B 295 -14.93 -31.58 -32.80
N LEU B 296 -14.14 -31.10 -33.73
CA LEU B 296 -13.47 -32.05 -34.65
C LEU B 296 -11.99 -32.28 -34.35
N SER B 297 -11.60 -32.00 -33.15
CA SER B 297 -10.26 -31.75 -32.86
C SER B 297 -9.41 -33.04 -32.84
N TYR B 298 -10.05 -34.21 -32.96
CA TYR B 298 -9.26 -35.38 -33.21
C TYR B 298 -9.48 -35.97 -34.57
N ALA B 299 -10.25 -35.35 -35.48
CA ALA B 299 -10.35 -35.86 -36.86
C ALA B 299 -9.13 -35.37 -37.56
N THR B 300 -8.48 -36.25 -38.32
CA THR B 300 -7.28 -35.83 -39.03
C THR B 300 -7.56 -35.64 -40.48
N VAL B 301 -8.83 -35.39 -40.82
CA VAL B 301 -9.26 -35.21 -42.20
C VAL B 301 -8.93 -33.83 -42.91
N GLN B 302 -8.90 -33.80 -44.24
CA GLN B 302 -8.30 -32.68 -44.94
C GLN B 302 -9.28 -31.51 -45.11
N SER B 303 -8.75 -30.36 -45.44
CA SER B 303 -9.53 -29.19 -45.34
C SER B 303 -10.82 -29.30 -46.17
N TYR B 304 -10.64 -29.85 -47.35
CA TYR B 304 -11.79 -30.08 -48.17
C TYR B 304 -12.96 -30.90 -47.50
N ASP B 305 -12.66 -31.98 -46.80
CA ASP B 305 -13.75 -32.78 -46.25
C ASP B 305 -14.34 -31.98 -45.09
N LEU B 306 -13.52 -31.32 -44.25
CA LEU B 306 -14.06 -30.44 -43.18
C LEU B 306 -15.10 -29.51 -43.82
N VAL B 307 -14.73 -28.84 -44.90
CA VAL B 307 -15.54 -27.79 -45.48
C VAL B 307 -16.89 -28.46 -45.85
N LYS B 308 -16.82 -29.60 -46.49
CA LYS B 308 -18.03 -30.18 -46.94
C LYS B 308 -19.06 -30.32 -45.80
N LEU B 309 -18.53 -30.55 -44.59
CA LEU B 309 -19.30 -30.79 -43.39
C LEU B 309 -19.76 -29.43 -42.86
N LEU B 310 -18.80 -28.53 -42.66
CA LEU B 310 -19.12 -27.20 -42.23
C LEU B 310 -20.27 -26.60 -43.07
N CYS B 311 -20.22 -26.82 -44.37
CA CYS B 311 -21.15 -26.19 -45.27
C CYS B 311 -22.54 -26.34 -44.80
N GLN B 312 -22.75 -27.26 -43.87
CA GLN B 312 -24.08 -27.48 -43.39
C GLN B 312 -24.42 -27.40 -41.95
N CYS B 313 -23.74 -26.49 -41.29
CA CYS B 313 -23.92 -26.27 -39.90
C CYS B 313 -24.23 -24.79 -39.77
N PRO B 314 -25.34 -24.37 -40.36
CA PRO B 314 -25.66 -22.96 -40.24
C PRO B 314 -25.87 -22.41 -38.84
N LYS B 315 -26.26 -23.26 -37.89
CA LYS B 315 -26.52 -22.72 -36.57
C LYS B 315 -25.34 -22.84 -35.68
N LEU B 316 -24.18 -23.21 -36.22
CA LEU B 316 -23.03 -23.60 -35.45
C LEU B 316 -22.57 -22.46 -34.56
N GLN B 317 -22.39 -22.66 -33.24
CA GLN B 317 -22.08 -21.57 -32.35
C GLN B 317 -20.67 -21.65 -31.86
N ARG B 318 -20.18 -22.90 -31.88
CA ARG B 318 -18.87 -23.36 -31.32
C ARG B 318 -18.25 -24.46 -32.16
N LEU B 319 -17.07 -24.16 -32.72
CA LEU B 319 -16.21 -25.11 -33.46
C LEU B 319 -14.82 -25.27 -32.82
N TRP B 320 -14.45 -26.47 -32.53
CA TRP B 320 -13.10 -26.83 -32.21
C TRP B 320 -12.66 -27.79 -33.37
N VAL B 321 -11.53 -27.48 -33.99
CA VAL B 321 -11.02 -28.25 -35.15
C VAL B 321 -9.52 -28.25 -35.28
N LEU B 322 -8.98 -29.22 -35.99
CA LEU B 322 -7.61 -29.11 -36.40
C LEU B 322 -7.25 -27.97 -37.41
N ASP B 323 -6.01 -27.45 -37.28
CA ASP B 323 -5.44 -26.60 -38.33
C ASP B 323 -5.54 -27.08 -39.78
N TYR B 324 -5.80 -28.36 -39.98
CA TYR B 324 -6.09 -28.89 -41.31
C TYR B 324 -7.18 -28.10 -42.03
N ILE B 325 -7.94 -27.31 -41.29
CA ILE B 325 -9.02 -26.53 -41.89
C ILE B 325 -8.56 -25.45 -42.84
N GLU B 326 -7.46 -24.80 -42.49
CA GLU B 326 -6.70 -23.96 -43.41
C GLU B 326 -7.37 -22.62 -43.65
N ASP B 327 -6.70 -21.74 -44.37
CA ASP B 327 -7.22 -20.40 -44.59
C ASP B 327 -8.50 -20.44 -45.40
N ALA B 328 -8.54 -21.36 -46.36
CA ALA B 328 -9.63 -21.43 -47.31
C ALA B 328 -10.81 -22.12 -46.66
N GLY B 329 -10.53 -23.04 -45.75
CA GLY B 329 -11.62 -23.73 -45.07
C GLY B 329 -12.30 -22.76 -44.06
N LEU B 330 -11.55 -21.78 -43.54
CA LEU B 330 -11.96 -20.85 -42.50
C LEU B 330 -12.71 -19.71 -43.20
N GLU B 331 -12.35 -19.46 -44.45
CA GLU B 331 -13.03 -18.45 -45.11
C GLU B 331 -14.51 -18.90 -45.35
N VAL B 332 -14.64 -20.17 -45.74
CA VAL B 332 -15.95 -20.79 -45.96
C VAL B 332 -16.71 -20.78 -44.64
N LEU B 333 -16.05 -21.17 -43.56
CA LEU B 333 -16.52 -20.83 -42.23
C LEU B 333 -17.12 -19.41 -42.06
N ALA B 334 -16.40 -18.36 -42.40
CA ALA B 334 -16.85 -16.97 -42.15
C ALA B 334 -18.15 -16.70 -42.89
N SER B 335 -18.38 -17.50 -43.91
CA SER B 335 -19.44 -17.25 -44.79
C SER B 335 -20.68 -17.98 -44.40
N THR B 336 -20.57 -19.18 -43.82
CA THR B 336 -21.72 -20.03 -43.46
C THR B 336 -22.23 -20.01 -42.03
N CYS B 337 -21.45 -19.52 -41.10
CA CYS B 337 -21.81 -19.62 -39.70
C CYS B 337 -21.97 -18.25 -39.07
N LYS B 338 -23.11 -17.60 -39.29
CA LYS B 338 -23.10 -16.22 -38.91
C LYS B 338 -23.31 -16.14 -37.40
N ASP B 339 -23.65 -17.30 -36.81
CA ASP B 339 -23.94 -17.33 -35.39
C ASP B 339 -22.72 -17.84 -34.51
N LEU B 340 -21.52 -18.01 -35.11
CA LEU B 340 -20.32 -18.30 -34.31
C LEU B 340 -19.98 -17.37 -33.17
N ARG B 341 -19.91 -17.98 -32.00
CA ARG B 341 -19.34 -17.36 -30.82
C ARG B 341 -17.85 -17.71 -30.53
N GLU B 342 -17.42 -18.92 -30.90
CA GLU B 342 -16.19 -19.46 -30.30
C GLU B 342 -15.58 -20.26 -31.36
N LEU B 343 -14.32 -19.98 -31.63
CA LEU B 343 -13.48 -20.76 -32.57
C LEU B 343 -12.17 -21.20 -31.88
N ARG B 344 -11.99 -22.52 -31.87
CA ARG B 344 -10.68 -23.11 -31.43
C ARG B 344 -10.00 -23.86 -32.55
N VAL B 345 -8.83 -23.35 -32.94
CA VAL B 345 -8.03 -24.10 -33.94
C VAL B 345 -6.74 -24.67 -33.34
N PHE B 346 -6.67 -25.98 -33.31
CA PHE B 346 -5.57 -26.64 -32.64
C PHE B 346 -4.45 -27.00 -33.65
N PRO B 347 -3.18 -27.13 -33.15
CA PRO B 347 -2.02 -27.43 -34.05
C PRO B 347 -2.08 -28.96 -34.46
N SER B 348 -2.15 -29.30 -35.75
CA SER B 348 -1.90 -30.71 -36.15
C SER B 348 -0.50 -31.25 -35.94
N GLU B 349 0.51 -30.40 -36.07
CA GLU B 349 1.86 -30.82 -35.85
C GLU B 349 2.70 -29.82 -35.04
N PRO B 350 2.35 -29.61 -33.77
CA PRO B 350 2.91 -28.51 -33.00
C PRO B 350 4.41 -28.73 -32.73
N PHE B 351 4.99 -29.87 -33.10
CA PHE B 351 6.42 -30.09 -32.78
C PHE B 351 7.39 -30.08 -33.96
N VAL B 352 6.91 -29.81 -35.17
CA VAL B 352 7.82 -29.45 -36.25
C VAL B 352 7.76 -27.95 -36.67
N MET B 353 8.91 -27.36 -37.03
CA MET B 353 8.98 -25.94 -37.40
C MET B 353 8.24 -25.64 -38.68
N GLU B 354 8.59 -26.34 -39.76
CA GLU B 354 7.95 -26.03 -41.03
C GLU B 354 6.49 -26.28 -40.98
N PRO B 355 5.75 -25.30 -41.51
CA PRO B 355 4.30 -25.35 -41.74
C PRO B 355 4.00 -26.61 -42.59
N ASN B 356 3.07 -27.45 -42.11
CA ASN B 356 2.54 -28.58 -42.87
C ASN B 356 1.17 -28.21 -43.32
N VAL B 357 0.76 -27.02 -43.11
CA VAL B 357 -0.61 -26.81 -43.38
C VAL B 357 -0.66 -25.32 -43.76
N ALA B 358 -1.50 -24.98 -44.72
CA ALA B 358 -1.64 -23.62 -45.17
C ALA B 358 -2.62 -22.85 -44.17
N LEU B 359 -2.26 -22.62 -42.92
CA LEU B 359 -3.18 -21.99 -42.00
C LEU B 359 -2.37 -20.89 -41.35
N THR B 360 -2.82 -19.63 -41.40
CA THR B 360 -1.96 -18.41 -41.10
C THR B 360 -2.80 -17.23 -40.54
N GLU B 361 -2.26 -16.03 -40.34
CA GLU B 361 -3.10 -14.91 -39.90
C GLU B 361 -4.36 -14.79 -40.69
N GLN B 362 -4.27 -15.08 -41.95
CA GLN B 362 -5.42 -14.86 -42.81
C GLN B 362 -6.74 -15.55 -42.36
N GLY B 363 -6.77 -16.85 -42.06
CA GLY B 363 -8.05 -17.51 -41.66
C GLY B 363 -8.71 -16.78 -40.48
N LEU B 364 -7.91 -16.28 -39.54
CA LEU B 364 -8.47 -15.65 -38.36
C LEU B 364 -9.07 -14.34 -38.72
N VAL B 365 -8.39 -13.59 -39.60
CA VAL B 365 -8.93 -12.35 -40.22
C VAL B 365 -10.29 -12.63 -40.92
N SER B 366 -10.33 -13.63 -41.78
CA SER B 366 -11.61 -14.00 -42.40
C SER B 366 -12.76 -14.02 -41.40
N VAL B 367 -12.57 -14.90 -40.45
CA VAL B 367 -13.50 -15.12 -39.37
C VAL B 367 -13.72 -13.85 -38.50
N SER B 368 -12.72 -13.00 -38.41
CA SER B 368 -12.93 -11.74 -37.72
C SER B 368 -14.02 -10.95 -38.41
N MET B 369 -14.05 -11.01 -39.73
CA MET B 369 -14.86 -10.03 -40.40
C MET B 369 -16.21 -10.63 -40.68
N GLY B 370 -16.30 -11.94 -40.70
CA GLY B 370 -17.48 -12.56 -41.17
C GLY B 370 -18.43 -13.02 -40.08
N CYS B 371 -18.01 -13.01 -38.80
CA CYS B 371 -18.82 -13.63 -37.72
C CYS B 371 -19.13 -12.62 -36.63
N PRO B 372 -20.11 -11.76 -36.82
CA PRO B 372 -20.19 -10.56 -35.97
C PRO B 372 -20.30 -10.91 -34.50
N LYS B 373 -20.59 -12.17 -34.19
CA LYS B 373 -20.82 -12.60 -32.80
C LYS B 373 -19.65 -13.45 -32.17
N LEU B 374 -18.52 -13.47 -32.86
CA LEU B 374 -17.36 -14.21 -32.40
C LEU B 374 -16.73 -13.45 -31.23
N GLU B 375 -16.60 -14.15 -30.12
CA GLU B 375 -16.14 -13.43 -28.94
C GLU B 375 -14.99 -14.17 -28.34
N SER B 376 -14.83 -15.36 -28.84
CA SER B 376 -14.00 -16.28 -28.12
C SER B 376 -13.12 -17.05 -29.04
N VAL B 377 -11.81 -16.80 -28.88
CA VAL B 377 -10.81 -17.34 -29.83
C VAL B 377 -9.62 -18.03 -29.17
N LEU B 378 -9.35 -19.27 -29.64
CA LEU B 378 -8.05 -19.91 -29.36
C LEU B 378 -7.42 -20.34 -30.66
N TYR B 379 -6.19 -19.91 -30.90
CA TYR B 379 -5.62 -20.07 -32.22
C TYR B 379 -4.11 -20.42 -32.19
N PHE B 380 -3.81 -21.59 -32.77
CA PHE B 380 -2.39 -21.97 -33.06
C PHE B 380 -2.03 -21.84 -34.48
N CYS B 381 -1.04 -20.96 -34.77
CA CYS B 381 -0.46 -20.87 -36.13
C CYS B 381 1.11 -20.69 -36.17
N ARG B 382 1.72 -20.71 -37.35
CA ARG B 382 3.12 -20.37 -37.29
C ARG B 382 3.56 -19.03 -37.64
N GLN B 383 2.62 -18.13 -38.03
CA GLN B 383 3.03 -16.69 -38.35
C GLN B 383 1.87 -15.65 -38.13
N MET B 384 2.15 -14.37 -38.09
CA MET B 384 1.16 -13.45 -37.68
C MET B 384 1.68 -12.05 -37.97
N THR B 385 0.85 -11.01 -37.97
CA THR B 385 1.40 -9.64 -38.18
C THR B 385 0.70 -8.69 -37.28
N ASN B 386 1.39 -7.62 -36.99
CA ASN B 386 0.75 -6.46 -36.50
C ASN B 386 -0.50 -6.04 -37.30
N ALA B 387 -0.39 -6.02 -38.61
CA ALA B 387 -1.55 -5.63 -39.40
C ALA B 387 -2.73 -6.58 -39.13
N ALA B 388 -2.51 -7.88 -39.16
CA ALA B 388 -3.63 -8.76 -38.93
C ALA B 388 -4.29 -8.54 -37.56
N LEU B 389 -3.47 -8.29 -36.53
CA LEU B 389 -4.09 -8.21 -35.22
C LEU B 389 -4.93 -6.96 -35.21
N ILE B 390 -4.39 -5.91 -35.84
CA ILE B 390 -5.05 -4.64 -35.80
C ILE B 390 -6.42 -4.78 -36.50
N THR B 391 -6.61 -5.68 -37.47
CA THR B 391 -7.84 -5.72 -38.30
C THR B 391 -8.84 -6.57 -37.49
N ILE B 392 -8.28 -7.50 -36.73
CA ILE B 392 -9.03 -8.36 -35.88
C ILE B 392 -9.61 -7.51 -34.73
N ALA B 393 -8.84 -6.60 -34.22
CA ALA B 393 -9.32 -5.83 -33.07
C ALA B 393 -10.39 -4.82 -33.57
N ARG B 394 -10.04 -4.09 -34.61
CA ARG B 394 -11.02 -3.36 -35.34
C ARG B 394 -12.33 -4.18 -35.58
N ASN B 395 -12.28 -5.45 -35.99
CA ASN B 395 -13.58 -6.02 -36.51
C ASN B 395 -14.44 -6.54 -35.36
N ARG B 396 -13.75 -6.84 -34.23
CA ARG B 396 -14.34 -7.58 -33.10
C ARG B 396 -14.19 -6.93 -31.75
N PRO B 397 -14.63 -5.71 -31.62
CA PRO B 397 -14.46 -5.05 -30.34
C PRO B 397 -15.26 -5.74 -29.22
N ASN B 398 -16.08 -6.72 -29.58
CA ASN B 398 -16.84 -7.46 -28.59
C ASN B 398 -16.09 -8.73 -28.12
N MET B 399 -14.89 -8.97 -28.62
CA MET B 399 -14.09 -10.15 -28.18
C MET B 399 -13.88 -10.13 -26.66
N THR B 400 -13.83 -11.33 -26.10
CA THR B 400 -14.00 -11.64 -24.63
C THR B 400 -12.74 -12.41 -24.14
N ARG B 401 -12.29 -13.27 -25.03
CA ARG B 401 -11.35 -14.34 -24.72
C ARG B 401 -10.51 -14.55 -26.01
N PHE B 402 -9.29 -14.09 -25.89
CA PHE B 402 -8.38 -14.07 -27.03
C PHE B 402 -6.99 -14.71 -26.74
N ARG B 403 -6.80 -15.88 -27.31
CA ARG B 403 -5.71 -16.73 -26.94
C ARG B 403 -5.04 -17.07 -28.27
N LEU B 404 -3.84 -16.53 -28.44
CA LEU B 404 -3.22 -16.66 -29.76
C LEU B 404 -1.79 -17.04 -29.59
N CYS B 405 -1.51 -18.27 -29.98
CA CYS B 405 -0.25 -18.91 -29.67
C CYS B 405 0.57 -19.17 -30.99
N ILE B 406 1.63 -18.40 -31.20
CA ILE B 406 2.56 -18.63 -32.31
C ILE B 406 3.66 -19.64 -31.84
N ILE B 407 3.81 -20.66 -32.63
CA ILE B 407 4.47 -21.88 -32.23
C ILE B 407 6.00 -21.65 -32.01
N GLU B 408 6.63 -20.85 -32.89
CA GLU B 408 8.00 -20.39 -32.70
C GLU B 408 8.14 -19.38 -31.59
N PRO B 409 8.84 -19.75 -30.53
CA PRO B 409 9.13 -18.68 -29.56
C PRO B 409 9.41 -17.19 -29.84
N LYS B 410 10.22 -16.69 -30.72
CA LYS B 410 10.00 -15.20 -30.63
C LYS B 410 9.75 -14.53 -31.93
N ALA B 411 8.91 -15.23 -32.67
CA ALA B 411 8.66 -14.90 -34.05
C ALA B 411 8.19 -13.43 -34.15
N PRO B 412 8.93 -12.63 -34.87
CA PRO B 412 8.33 -11.34 -35.14
C PRO B 412 7.25 -11.32 -36.18
N ASP B 413 6.79 -10.11 -36.45
CA ASP B 413 5.92 -9.88 -37.60
C ASP B 413 6.72 -10.35 -38.80
N TYR B 414 6.17 -11.18 -39.68
CA TYR B 414 6.99 -11.83 -40.70
C TYR B 414 7.13 -10.98 -41.96
N LEU B 415 6.34 -9.93 -42.08
CA LEU B 415 6.33 -9.10 -43.26
C LEU B 415 7.18 -7.88 -43.02
N THR B 416 7.58 -7.67 -41.78
CA THR B 416 7.73 -6.34 -41.24
C THR B 416 8.78 -6.41 -40.18
N LEU B 417 8.72 -7.48 -39.40
CA LEU B 417 9.88 -7.99 -38.71
C LEU B 417 10.03 -7.26 -37.41
N GLU B 418 8.98 -6.52 -37.07
CA GLU B 418 8.92 -5.87 -35.77
C GLU B 418 8.37 -6.83 -34.73
N PRO B 419 8.46 -6.41 -33.46
CA PRO B 419 7.70 -7.08 -32.40
C PRO B 419 6.23 -6.90 -32.62
N LEU B 420 5.41 -7.82 -32.08
CA LEU B 420 3.98 -7.72 -32.22
C LEU B 420 3.31 -6.71 -31.23
N ASP B 421 4.13 -5.86 -30.61
CA ASP B 421 3.57 -4.98 -29.62
C ASP B 421 2.34 -4.23 -30.16
N ILE B 422 2.40 -3.58 -31.32
CA ILE B 422 1.17 -2.84 -31.64
C ILE B 422 -0.07 -3.68 -31.97
N GLY B 423 0.16 -4.90 -32.46
CA GLY B 423 -0.96 -5.79 -32.77
C GLY B 423 -1.72 -6.14 -31.48
N PHE B 424 -1.00 -6.64 -30.50
CA PHE B 424 -1.58 -6.76 -29.21
C PHE B 424 -2.04 -5.51 -28.55
N GLY B 425 -1.34 -4.38 -28.72
CA GLY B 425 -1.84 -3.08 -28.15
C GLY B 425 -3.26 -3.00 -28.73
N ALA B 426 -3.39 -3.15 -30.05
CA ALA B 426 -4.71 -2.94 -30.61
C ALA B 426 -5.86 -3.86 -30.03
N ILE B 427 -5.54 -5.11 -29.72
CA ILE B 427 -6.59 -6.07 -29.33
C ILE B 427 -7.02 -5.51 -27.95
N VAL B 428 -6.04 -4.98 -27.24
CA VAL B 428 -6.27 -4.68 -25.86
C VAL B 428 -6.92 -3.23 -25.73
N GLU B 429 -6.49 -2.28 -26.55
CA GLU B 429 -7.12 -0.98 -26.59
C GLU B 429 -8.54 -1.14 -27.09
N HIS B 430 -8.72 -1.96 -28.12
CA HIS B 430 -10.03 -1.96 -28.75
C HIS B 430 -11.07 -2.88 -28.15
N CYS B 431 -10.67 -3.87 -27.36
CA CYS B 431 -11.65 -4.95 -26.99
C CYS B 431 -11.84 -4.74 -25.50
N LYS B 432 -12.80 -3.91 -25.17
CA LYS B 432 -12.75 -3.24 -23.94
C LYS B 432 -13.18 -4.17 -22.82
N ASP B 433 -13.85 -5.28 -23.19
CA ASP B 433 -14.40 -6.35 -22.30
C ASP B 433 -13.56 -7.64 -22.45
N LEU B 434 -12.39 -7.49 -23.04
CA LEU B 434 -11.48 -8.62 -23.00
C LEU B 434 -11.18 -9.04 -21.52
N ARG B 435 -11.67 -10.20 -21.15
CA ARG B 435 -11.38 -10.66 -19.76
C ARG B 435 -10.20 -11.70 -19.73
N ARG B 436 -9.85 -12.23 -20.92
CA ARG B 436 -8.85 -13.28 -21.12
C ARG B 436 -7.96 -13.05 -22.35
N LEU B 437 -6.63 -13.02 -22.07
CA LEU B 437 -5.56 -12.83 -23.05
C LEU B 437 -4.45 -13.87 -22.83
N SER B 438 -4.12 -14.52 -23.91
CA SER B 438 -2.82 -15.13 -24.00
C SER B 438 -2.22 -14.74 -25.33
N LEU B 439 -0.98 -14.23 -25.27
CA LEU B 439 -0.18 -13.76 -26.39
C LEU B 439 1.22 -14.37 -26.46
N SER B 440 1.92 -14.07 -27.54
CA SER B 440 3.08 -14.81 -27.99
C SER B 440 3.78 -14.08 -29.14
N GLY B 441 4.90 -14.62 -29.60
CA GLY B 441 5.74 -13.91 -30.52
C GLY B 441 6.66 -12.89 -29.89
N LEU B 442 7.25 -12.02 -30.72
CA LEU B 442 8.32 -11.18 -30.30
C LEU B 442 7.71 -9.97 -29.59
N LEU B 443 8.05 -9.73 -28.33
CA LEU B 443 7.28 -8.78 -27.55
C LEU B 443 8.19 -8.04 -26.64
N THR B 444 8.05 -6.71 -26.62
CA THR B 444 8.99 -5.91 -25.86
C THR B 444 8.26 -5.32 -24.68
N ASP B 445 8.97 -4.66 -23.78
CA ASP B 445 8.34 -4.18 -22.54
C ASP B 445 7.10 -3.39 -22.96
N LYS B 446 7.04 -3.01 -24.21
CA LYS B 446 5.97 -2.12 -24.57
C LYS B 446 4.50 -2.72 -24.68
N VAL B 447 4.33 -3.94 -25.19
CA VAL B 447 3.01 -4.61 -25.04
C VAL B 447 2.58 -4.53 -23.62
N PHE B 448 3.50 -4.80 -22.68
CA PHE B 448 3.12 -4.88 -21.32
C PHE B 448 2.53 -3.56 -20.93
N GLU B 449 3.12 -2.53 -21.45
CA GLU B 449 2.67 -1.22 -21.14
C GLU B 449 1.30 -1.03 -21.69
N TYR B 450 1.06 -1.54 -22.88
CA TYR B 450 -0.27 -1.31 -23.42
C TYR B 450 -1.24 -2.05 -22.54
N ILE B 451 -0.76 -3.16 -21.99
CA ILE B 451 -1.64 -4.14 -21.38
C ILE B 451 -2.12 -3.43 -20.11
N GLY B 452 -1.21 -2.64 -19.48
CA GLY B 452 -1.45 -1.96 -18.15
C GLY B 452 -2.34 -0.74 -18.36
N THR B 453 -2.20 -0.12 -19.53
CA THR B 453 -3.04 0.99 -19.85
C THR B 453 -4.45 0.69 -20.32
N TYR B 454 -4.63 -0.30 -21.18
CA TYR B 454 -5.91 -0.60 -21.76
C TYR B 454 -6.62 -1.80 -21.20
N ALA B 455 -5.95 -2.77 -20.54
CA ALA B 455 -6.64 -4.05 -20.33
C ALA B 455 -7.32 -4.08 -18.95
N LYS B 456 -8.20 -3.10 -18.72
CA LYS B 456 -8.82 -2.85 -17.40
C LYS B 456 -9.85 -3.97 -16.95
N LYS B 457 -10.23 -4.88 -17.83
CA LYS B 457 -11.30 -5.80 -17.56
C LYS B 457 -10.70 -7.14 -17.54
N MET B 458 -9.42 -7.16 -17.74
CA MET B 458 -8.82 -8.39 -18.06
C MET B 458 -8.46 -9.20 -16.78
N GLU B 459 -8.86 -10.47 -16.79
CA GLU B 459 -8.84 -11.31 -15.59
C GLU B 459 -7.73 -12.37 -15.52
N MET B 460 -7.50 -12.98 -16.70
CA MET B 460 -6.47 -14.04 -16.84
C MET B 460 -5.54 -13.64 -17.98
N LEU B 461 -4.23 -13.63 -17.70
CA LEU B 461 -3.21 -13.30 -18.70
C LEU B 461 -2.13 -14.35 -18.68
N SER B 462 -1.74 -14.90 -19.85
CA SER B 462 -0.78 -15.97 -19.99
C SER B 462 0.38 -15.49 -20.87
N VAL B 463 1.58 -15.56 -20.38
CA VAL B 463 2.61 -15.24 -21.30
C VAL B 463 4.02 -15.99 -21.13
N ALA B 464 4.83 -16.07 -22.22
CA ALA B 464 6.11 -16.89 -22.33
C ALA B 464 7.13 -16.08 -23.20
N PHE B 465 8.42 -16.06 -22.87
CA PHE B 465 9.41 -15.65 -23.84
C PHE B 465 9.12 -14.23 -24.27
N ALA B 466 9.01 -13.39 -23.27
CA ALA B 466 8.56 -12.06 -23.61
C ALA B 466 9.03 -11.01 -22.63
N GLY B 467 9.08 -9.75 -23.12
CA GLY B 467 9.43 -8.54 -22.40
C GLY B 467 10.95 -8.38 -22.32
N ASP B 468 11.45 -7.26 -21.81
CA ASP B 468 12.92 -7.03 -21.65
C ASP B 468 13.35 -6.78 -20.24
N SER B 469 12.43 -6.41 -19.39
CA SER B 469 12.85 -6.18 -18.01
C SER B 469 11.67 -6.08 -17.05
N ASP B 470 11.99 -5.73 -15.83
CA ASP B 470 11.02 -5.83 -14.79
C ASP B 470 9.86 -4.76 -15.04
N LEU B 471 10.17 -3.63 -15.71
CA LEU B 471 9.18 -2.64 -16.10
C LEU B 471 7.94 -3.30 -16.71
N GLY B 472 8.13 -4.33 -17.51
CA GLY B 472 6.93 -4.85 -18.13
C GLY B 472 5.93 -5.48 -17.16
N MET B 473 6.42 -6.30 -16.23
CA MET B 473 5.56 -7.02 -15.32
C MET B 473 5.03 -5.96 -14.38
N HIS B 474 5.86 -5.02 -14.05
CA HIS B 474 5.31 -3.88 -13.32
C HIS B 474 4.08 -3.23 -13.94
N HIS B 475 4.06 -2.96 -15.26
CA HIS B 475 2.89 -2.28 -15.86
C HIS B 475 1.71 -3.18 -15.69
N VAL B 476 1.91 -4.50 -15.70
CA VAL B 476 0.75 -5.36 -15.61
C VAL B 476 0.20 -5.26 -14.17
N LEU B 477 1.01 -5.44 -13.16
CA LEU B 477 0.48 -5.65 -11.82
C LEU B 477 0.00 -4.25 -11.48
N SER B 478 0.68 -3.23 -11.98
CA SER B 478 0.15 -1.87 -11.94
C SER B 478 -1.24 -1.34 -12.43
N GLY B 479 -1.60 -1.79 -13.63
CA GLY B 479 -2.58 -1.14 -14.49
C GLY B 479 -3.75 -2.05 -14.52
N CYS B 480 -3.55 -3.33 -14.28
CA CYS B 480 -4.52 -4.29 -14.55
C CYS B 480 -5.58 -4.47 -13.46
N ASP B 481 -6.41 -3.44 -13.27
CA ASP B 481 -7.57 -3.42 -12.33
C ASP B 481 -8.24 -4.76 -12.08
N SER B 482 -8.58 -5.50 -13.10
CA SER B 482 -9.35 -6.66 -12.76
C SER B 482 -8.53 -8.00 -12.71
N LEU B 483 -7.19 -7.89 -12.67
CA LEU B 483 -6.37 -9.15 -12.74
C LEU B 483 -6.76 -10.20 -11.71
N ARG B 484 -7.09 -11.43 -12.09
CA ARG B 484 -7.28 -12.48 -11.10
C ARG B 484 -6.15 -13.50 -11.09
N LYS B 485 -5.71 -13.89 -12.30
CA LYS B 485 -4.70 -14.95 -12.54
C LYS B 485 -3.68 -14.41 -13.57
N LEU B 486 -2.44 -14.35 -13.08
CA LEU B 486 -1.26 -13.94 -13.85
C LEU B 486 -0.32 -15.17 -13.88
N GLU B 487 0.06 -15.62 -15.08
CA GLU B 487 0.93 -16.83 -15.20
C GLU B 487 1.92 -16.63 -16.34
N ILE B 488 3.21 -16.74 -15.99
CA ILE B 488 4.36 -16.26 -16.73
C ILE B 488 5.49 -17.25 -16.66
N ARG B 489 5.99 -17.62 -17.84
CA ARG B 489 7.19 -18.46 -17.97
C ARG B 489 8.20 -17.79 -18.89
N ASP B 490 9.47 -17.79 -18.42
CA ASP B 490 10.60 -17.68 -19.31
C ASP B 490 10.70 -16.23 -19.76
N CYS B 491 10.61 -15.29 -18.82
CA CYS B 491 10.66 -13.84 -19.11
C CYS B 491 11.56 -13.18 -18.16
N PRO B 492 12.17 -12.06 -18.60
CA PRO B 492 13.06 -11.35 -17.66
C PRO B 492 12.38 -10.54 -16.57
N PHE B 493 11.51 -11.17 -15.77
CA PHE B 493 10.67 -10.47 -14.72
C PHE B 493 11.18 -11.09 -13.42
N GLY B 494 11.49 -10.26 -12.43
CA GLY B 494 12.13 -10.74 -11.17
C GLY B 494 11.67 -9.94 -9.94
N ASP B 495 12.64 -9.53 -9.14
CA ASP B 495 12.50 -9.23 -7.74
C ASP B 495 11.87 -7.82 -7.67
N LYS B 496 12.40 -6.95 -8.51
CA LYS B 496 12.09 -5.54 -8.47
C LYS B 496 10.59 -5.31 -8.79
N ALA B 497 10.04 -5.89 -9.87
CA ALA B 497 8.64 -5.68 -10.16
C ALA B 497 7.74 -6.47 -9.20
N LEU B 498 8.23 -7.58 -8.72
CA LEU B 498 7.40 -8.44 -7.91
C LEU B 498 7.21 -7.74 -6.51
N LEU B 499 8.28 -7.26 -5.92
CA LEU B 499 8.12 -6.74 -4.59
C LEU B 499 7.56 -5.31 -4.72
N ALA B 500 7.68 -4.65 -5.87
CA ALA B 500 7.23 -3.27 -5.82
C ALA B 500 5.72 -3.27 -5.86
N ASN B 501 5.19 -4.45 -6.13
CA ASN B 501 3.75 -4.63 -6.31
C ASN B 501 3.24 -5.67 -5.38
N ALA B 502 3.80 -5.71 -4.19
CA ALA B 502 3.60 -6.90 -3.42
C ALA B 502 2.11 -6.90 -3.13
N SER B 503 1.58 -5.72 -2.86
CA SER B 503 0.25 -5.71 -2.29
C SER B 503 -0.93 -5.99 -3.29
N LYS B 504 -0.67 -5.71 -4.57
CA LYS B 504 -1.48 -6.34 -5.66
C LYS B 504 -1.86 -7.80 -5.45
N LEU B 505 -0.97 -8.58 -4.81
CA LEU B 505 -1.08 -10.04 -4.90
C LEU B 505 -2.29 -10.45 -4.06
N GLU B 506 -2.59 -9.67 -3.02
CA GLU B 506 -3.77 -9.93 -2.18
C GLU B 506 -5.09 -9.78 -2.90
N THR B 507 -5.03 -9.29 -4.13
CA THR B 507 -6.28 -9.07 -4.82
C THR B 507 -6.52 -10.02 -5.90
N MET B 508 -5.73 -11.10 -5.96
CA MET B 508 -5.59 -11.87 -7.18
C MET B 508 -5.74 -13.29 -6.71
N ARG B 509 -6.26 -14.20 -7.49
CA ARG B 509 -6.20 -15.58 -6.96
C ARG B 509 -4.74 -16.17 -6.81
N SER B 510 -3.85 -16.02 -7.83
CA SER B 510 -2.52 -16.67 -7.93
C SER B 510 -1.61 -15.90 -8.86
N LEU B 511 -0.31 -15.76 -8.57
CA LEU B 511 0.79 -15.49 -9.58
C LEU B 511 1.61 -16.77 -9.74
N TRP B 512 1.62 -17.35 -10.95
CA TRP B 512 2.71 -18.24 -11.40
C TRP B 512 3.90 -17.62 -12.15
N MET B 513 5.12 -17.84 -11.66
CA MET B 513 6.42 -17.46 -12.44
C MET B 513 7.49 -18.60 -12.49
N SER B 514 7.62 -19.25 -13.64
CA SER B 514 8.69 -20.28 -13.80
C SER B 514 9.77 -19.84 -14.87
N SER B 515 11.02 -20.12 -14.54
CA SER B 515 12.16 -19.71 -15.30
C SER B 515 12.14 -18.27 -15.49
N CYS B 516 11.93 -17.48 -14.46
CA CYS B 516 12.11 -16.06 -14.71
C CYS B 516 13.37 -15.68 -13.99
N SER B 517 13.58 -14.42 -13.65
CA SER B 517 14.66 -14.11 -12.71
C SER B 517 14.22 -13.75 -11.31
N VAL B 518 13.35 -14.50 -10.66
CA VAL B 518 13.11 -14.26 -9.20
C VAL B 518 14.14 -14.92 -8.24
N SER B 519 14.93 -14.11 -7.51
CA SER B 519 15.92 -14.70 -6.60
C SER B 519 15.20 -15.41 -5.48
N PHE B 520 15.86 -16.41 -4.87
CA PHE B 520 15.38 -16.99 -3.65
C PHE B 520 15.25 -15.87 -2.60
N GLY B 521 16.20 -14.96 -2.53
CA GLY B 521 16.11 -13.91 -1.50
C GLY B 521 14.80 -13.07 -1.55
N ALA B 522 14.32 -12.73 -2.75
CA ALA B 522 13.10 -11.96 -2.90
C ALA B 522 11.92 -12.83 -2.51
N CYS B 523 11.96 -14.11 -2.85
CA CYS B 523 10.99 -15.05 -2.29
C CYS B 523 10.93 -14.99 -0.72
N LYS B 524 12.06 -14.95 0.01
CA LYS B 524 11.98 -14.98 1.47
C LYS B 524 11.45 -13.64 1.95
N LEU B 525 11.98 -12.53 1.42
CA LEU B 525 11.46 -11.20 1.76
C LEU B 525 9.94 -11.15 1.46
N LEU B 526 9.52 -11.50 0.24
CA LEU B 526 8.05 -11.50 -0.01
C LEU B 526 7.23 -12.25 1.07
N GLY B 527 7.68 -13.44 1.52
CA GLY B 527 6.99 -14.27 2.47
C GLY B 527 6.83 -13.51 3.78
N GLN B 528 7.83 -12.69 4.10
CA GLN B 528 7.87 -11.94 5.36
C GLN B 528 6.99 -10.72 5.29
N LYS B 529 7.04 -9.98 4.17
CA LYS B 529 6.17 -8.83 4.05
C LYS B 529 4.71 -9.31 4.12
N MET B 530 4.43 -10.44 3.47
CA MET B 530 3.04 -10.78 3.13
C MET B 530 2.58 -12.07 3.74
N PRO B 531 2.36 -12.04 5.06
CA PRO B 531 2.07 -13.30 5.76
C PRO B 531 0.76 -13.94 5.31
N LYS B 532 -0.08 -13.25 4.57
CA LYS B 532 -1.21 -14.02 4.08
C LYS B 532 -1.16 -14.49 2.67
N LEU B 533 -0.04 -14.27 2.01
CA LEU B 533 0.33 -15.14 0.90
C LEU B 533 1.09 -16.43 1.36
N ASN B 534 0.69 -17.55 0.86
CA ASN B 534 1.58 -18.68 0.67
C ASN B 534 2.45 -18.37 -0.57
N VAL B 535 3.74 -18.05 -0.37
CA VAL B 535 4.74 -17.94 -1.43
C VAL B 535 5.51 -19.27 -1.58
N GLU B 536 5.23 -20.08 -2.62
CA GLU B 536 5.82 -21.35 -2.74
C GLU B 536 6.90 -21.47 -3.80
N VAL B 537 8.13 -21.80 -3.34
CA VAL B 537 9.24 -22.10 -4.23
C VAL B 537 9.20 -23.56 -4.57
N ILE B 538 9.23 -23.87 -5.86
CA ILE B 538 8.99 -25.20 -6.31
C ILE B 538 10.17 -25.52 -7.22
N ASP B 539 11.09 -26.36 -6.75
CA ASP B 539 12.48 -26.30 -7.32
C ASP B 539 13.20 -27.61 -7.09
N GLU B 540 13.32 -28.43 -8.11
CA GLU B 540 13.84 -29.73 -7.90
C GLU B 540 15.33 -29.85 -7.60
N ARG B 541 16.09 -28.81 -7.30
CA ARG B 541 17.58 -28.90 -7.30
C ARG B 541 18.01 -29.13 -5.87
N GLY B 542 17.07 -29.43 -5.00
CA GLY B 542 17.44 -29.45 -3.59
C GLY B 542 17.31 -28.10 -2.90
N ALA B 543 17.68 -28.12 -1.62
CA ALA B 543 17.31 -27.07 -0.72
C ALA B 543 18.02 -25.82 -1.19
N PRO B 544 17.26 -24.72 -1.27
CA PRO B 544 17.60 -23.41 -1.67
C PRO B 544 18.67 -22.60 -0.94
N ASP B 545 18.94 -22.82 0.34
CA ASP B 545 20.33 -22.48 0.83
C ASP B 545 21.51 -23.26 0.25
N SER B 546 21.27 -24.30 -0.53
CA SER B 546 22.36 -24.96 -1.29
C SER B 546 23.08 -23.91 -2.11
N ARG B 547 22.32 -22.92 -2.59
CA ARG B 547 22.81 -21.96 -3.54
C ARG B 547 22.68 -20.59 -2.85
N PRO B 548 23.41 -19.58 -3.36
CA PRO B 548 23.27 -18.18 -2.91
C PRO B 548 21.85 -17.56 -3.12
N GLU B 549 21.47 -16.65 -2.25
CA GLU B 549 20.09 -16.24 -2.27
C GLU B 549 19.74 -15.34 -3.44
N SER B 550 20.70 -14.54 -3.85
CA SER B 550 20.99 -14.27 -5.25
C SER B 550 20.66 -15.23 -6.38
N CYS B 551 20.05 -16.28 -6.26
CA CYS B 551 20.04 -17.28 -7.31
C CYS B 551 18.57 -17.45 -7.59
N PRO B 552 18.20 -17.35 -8.86
CA PRO B 552 16.83 -17.58 -9.28
C PRO B 552 16.37 -18.97 -8.94
N VAL B 553 15.15 -19.06 -8.44
CA VAL B 553 14.51 -20.32 -8.16
C VAL B 553 13.89 -20.70 -9.46
N GLU B 554 13.59 -22.00 -9.62
CA GLU B 554 13.07 -22.55 -10.86
C GLU B 554 11.60 -22.12 -11.14
N ARG B 555 10.80 -22.04 -10.07
CA ARG B 555 9.34 -21.72 -10.13
C ARG B 555 9.03 -21.14 -8.77
N VAL B 556 8.45 -19.93 -8.71
CA VAL B 556 7.55 -19.56 -7.59
C VAL B 556 6.02 -19.54 -7.99
N PHE B 557 5.18 -20.11 -7.13
CA PHE B 557 3.75 -20.05 -7.21
C PHE B 557 3.24 -19.27 -6.02
N ILE B 558 2.51 -18.15 -6.20
CA ILE B 558 2.08 -17.30 -5.04
C ILE B 558 0.54 -17.13 -4.96
N TYR B 559 -0.07 -17.42 -3.82
CA TYR B 559 -1.54 -17.30 -3.85
C TYR B 559 -2.02 -16.89 -2.50
N ARG B 560 -3.07 -16.08 -2.42
CA ARG B 560 -3.48 -15.52 -1.07
C ARG B 560 -4.37 -16.58 -0.37
N THR B 561 -4.45 -16.59 0.93
CA THR B 561 -5.22 -17.70 1.52
C THR B 561 -5.63 -17.36 2.93
N VAL B 562 -6.67 -18.00 3.36
CA VAL B 562 -6.93 -17.85 4.84
C VAL B 562 -6.52 -19.08 5.66
N ALA B 563 -5.94 -20.13 5.03
CA ALA B 563 -5.60 -21.34 5.74
C ALA B 563 -4.14 -21.25 6.24
N GLY B 564 -3.44 -20.18 5.91
CA GLY B 564 -2.03 -20.20 6.06
C GLY B 564 -1.37 -21.31 5.28
N PRO B 565 -0.12 -21.59 5.61
CA PRO B 565 0.70 -22.57 4.96
C PRO B 565 0.12 -23.98 5.03
N ARG B 566 0.41 -24.77 4.03
CA ARG B 566 -0.38 -25.93 3.76
C ARG B 566 0.40 -27.13 4.27
N PHE B 567 -0.29 -28.23 4.48
CA PHE B 567 0.30 -29.29 5.28
C PHE B 567 0.96 -30.39 4.49
N ASP B 568 0.75 -30.39 3.18
CA ASP B 568 1.13 -31.52 2.34
C ASP B 568 2.11 -31.08 1.23
N MET B 569 2.89 -30.00 1.45
CA MET B 569 4.10 -29.88 0.64
C MET B 569 4.92 -31.15 0.55
N PRO B 570 5.39 -31.48 -0.64
CA PRO B 570 6.47 -32.51 -0.77
C PRO B 570 7.88 -31.91 -0.74
N GLY B 571 8.87 -32.79 -0.98
CA GLY B 571 10.26 -32.44 -0.72
C GLY B 571 10.78 -31.21 -1.46
N PHE B 572 10.13 -30.81 -2.54
CA PHE B 572 10.69 -29.76 -3.42
C PHE B 572 9.88 -28.46 -3.41
N VAL B 573 9.03 -28.34 -2.41
CA VAL B 573 8.24 -27.13 -2.29
C VAL B 573 8.48 -26.64 -0.89
N TRP B 574 8.75 -25.34 -0.81
CA TRP B 574 9.08 -24.66 0.43
C TRP B 574 8.14 -23.50 0.57
N ASN B 575 7.60 -23.27 1.74
CA ASN B 575 6.81 -22.10 1.88
C ASN B 575 7.68 -21.02 2.53
N MET B 576 7.63 -19.78 2.06
CA MET B 576 8.37 -18.72 2.73
C MET B 576 7.79 -18.08 3.94
N ASP B 577 6.85 -18.72 4.58
CA ASP B 577 6.37 -18.08 5.83
C ASP B 577 7.46 -17.91 6.88
N GLN B 578 8.01 -19.00 7.43
CA GLN B 578 8.55 -18.97 8.85
C GLN B 578 7.76 -18.20 10.00
N GLN C 1 13.98 -27.62 -28.85
CA GLN C 1 12.62 -27.53 -28.26
C GLN C 1 12.69 -27.00 -26.85
N VAL C 2 11.54 -26.62 -26.32
CA VAL C 2 11.57 -26.20 -24.98
C VAL C 2 10.53 -26.91 -24.25
N VAL C 3 10.78 -27.14 -22.96
CA VAL C 3 9.86 -27.90 -22.16
C VAL C 3 8.52 -27.20 -22.05
N GLY C 4 7.45 -27.94 -22.24
CA GLY C 4 6.14 -27.32 -22.15
C GLY C 4 5.77 -26.35 -23.29
N TRP C 5 6.62 -26.21 -24.29
CA TRP C 5 6.24 -25.43 -25.43
C TRP C 5 6.26 -26.19 -26.71
N PRO C 6 5.31 -25.91 -27.57
CA PRO C 6 4.25 -24.96 -27.37
C PRO C 6 3.17 -25.54 -26.45
N PRO C 7 2.31 -24.69 -25.90
CA PRO C 7 1.56 -25.19 -24.76
C PRO C 7 0.31 -25.95 -25.16
N VAL C 8 0.38 -27.27 -25.10
CA VAL C 8 -0.60 -28.07 -25.75
C VAL C 8 -0.54 -29.37 -24.96
N ARG C 9 -1.56 -30.19 -25.02
CA ARG C 9 -1.46 -31.44 -24.32
C ARG C 9 -1.11 -32.69 -25.12
N ASN C 10 -0.59 -32.51 -26.33
CA ASN C 10 -0.09 -33.61 -27.17
C ASN C 10 1.19 -34.28 -26.66
N TYR C 11 1.60 -35.37 -27.31
CA TYR C 11 2.37 -36.41 -26.62
C TYR C 11 3.88 -36.23 -26.56
N ARG C 12 4.46 -35.59 -27.55
CA ARG C 12 5.88 -35.72 -27.77
C ARG C 12 6.60 -34.38 -27.91
N LYS C 13 7.12 -33.87 -26.81
CA LYS C 13 8.13 -32.83 -26.80
C LYS C 13 7.70 -31.61 -26.02
N LYS D 5 -23.16 55.55 38.23
CA LYS D 5 -22.76 56.63 37.29
C LYS D 5 -22.99 56.50 35.75
N ILE D 6 -22.82 55.33 35.11
CA ILE D 6 -23.35 55.14 33.74
C ILE D 6 -24.32 53.99 33.68
N VAL D 7 -25.37 54.11 32.86
CA VAL D 7 -26.38 53.06 32.77
C VAL D 7 -26.32 52.33 31.41
N LEU D 8 -26.14 51.01 31.42
CA LEU D 8 -26.18 50.18 30.20
C LEU D 8 -27.45 49.34 30.14
N LYS D 9 -28.06 49.23 28.96
CA LYS D 9 -29.25 48.41 28.86
C LYS D 9 -29.06 47.27 27.91
N SER D 10 -29.49 46.07 28.27
CA SER D 10 -29.12 44.94 27.48
C SER D 10 -30.08 44.86 26.35
N SER D 11 -29.98 43.82 25.52
CA SER D 11 -30.80 43.77 24.34
C SER D 11 -32.20 43.29 24.70
N ASP D 12 -32.37 42.92 25.97
CA ASP D 12 -33.74 42.70 26.45
C ASP D 12 -34.14 43.63 27.57
N GLY D 13 -33.89 44.91 27.40
CA GLY D 13 -34.63 45.91 28.11
C GLY D 13 -34.10 46.17 29.51
N GLU D 14 -33.30 45.27 30.13
CA GLU D 14 -33.08 45.39 31.58
C GLU D 14 -31.90 46.24 31.65
N SER D 15 -31.72 46.97 32.73
CA SER D 15 -30.72 47.93 32.63
C SER D 15 -29.76 47.90 33.83
N PHE D 16 -28.54 48.44 33.68
CA PHE D 16 -27.33 48.06 34.49
C PHE D 16 -26.62 49.35 34.89
N GLU D 17 -26.16 49.42 36.13
CA GLU D 17 -25.54 50.66 36.60
C GLU D 17 -24.12 50.47 37.01
N VAL D 18 -23.21 51.17 36.32
CA VAL D 18 -21.78 50.89 36.54
C VAL D 18 -21.06 52.19 36.83
N GLU D 19 -20.00 52.14 37.64
CA GLU D 19 -19.23 53.35 37.77
C GLU D 19 -18.65 53.65 36.40
N GLU D 20 -18.55 54.93 36.07
CA GLU D 20 -18.03 55.30 34.75
C GLU D 20 -16.70 54.69 34.25
N ALA D 21 -15.75 54.41 35.13
CA ALA D 21 -14.54 53.61 34.76
C ALA D 21 -14.84 52.20 34.25
N VAL D 22 -15.61 51.43 34.98
CA VAL D 22 -15.99 50.17 34.41
C VAL D 22 -16.55 50.30 32.95
N ALA D 23 -17.49 51.20 32.70
CA ALA D 23 -18.09 51.31 31.35
C ALA D 23 -17.13 51.66 30.20
N LEU D 24 -16.10 52.44 30.50
CA LEU D 24 -15.20 52.92 29.47
C LEU D 24 -14.09 51.95 29.10
N GLU D 25 -14.05 50.81 29.76
CA GLU D 25 -13.28 49.68 29.28
C GLU D 25 -13.68 49.16 27.92
N SER D 26 -14.96 49.24 27.60
CA SER D 26 -15.40 49.04 26.23
C SER D 26 -15.17 50.32 25.47
N GLN D 27 -14.46 50.25 24.36
CA GLN D 27 -14.41 51.43 23.53
C GLN D 27 -15.68 51.58 22.75
N THR D 28 -16.40 50.47 22.50
CA THR D 28 -17.69 50.59 21.88
C THR D 28 -18.59 51.54 22.71
N ILE D 29 -18.72 51.26 24.01
CA ILE D 29 -19.36 52.24 24.92
C ILE D 29 -18.82 53.69 24.79
N ALA D 30 -17.51 53.86 25.04
CA ALA D 30 -16.87 55.20 25.09
C ALA D 30 -17.37 56.13 23.99
N HIS D 31 -17.64 55.55 22.83
CA HIS D 31 -17.85 56.28 21.57
C HIS D 31 -19.34 56.42 21.37
N MET D 32 -20.09 55.48 21.97
CA MET D 32 -21.52 55.68 22.22
C MET D 32 -21.86 56.92 23.08
N VAL D 33 -21.17 57.11 24.20
CA VAL D 33 -21.05 58.44 24.80
C VAL D 33 -20.61 59.52 23.78
N ASN D 40 -32.13 58.48 27.49
CA ASN D 40 -30.96 58.61 28.36
C ASN D 40 -30.58 57.28 29.02
N GLY D 41 -29.42 56.72 28.66
CA GLY D 41 -29.04 55.35 29.06
C GLY D 41 -28.71 54.47 27.84
N VAL D 42 -27.49 53.93 27.81
CA VAL D 42 -26.89 53.38 26.57
C VAL D 42 -27.33 51.98 26.00
N PRO D 43 -28.04 51.94 24.84
CA PRO D 43 -28.60 50.60 24.61
C PRO D 43 -27.61 49.64 23.89
N LEU D 44 -27.84 48.34 23.94
CA LEU D 44 -26.76 47.47 23.55
C LEU D 44 -27.43 46.33 22.81
N PRO D 45 -27.93 46.61 21.60
CA PRO D 45 -28.78 45.63 20.97
C PRO D 45 -28.11 44.27 20.68
N ASN D 46 -26.81 44.11 20.95
CA ASN D 46 -26.16 42.77 20.81
C ASN D 46 -25.69 41.94 22.04
N VAL D 47 -25.87 42.49 23.24
CA VAL D 47 -25.50 41.79 24.47
C VAL D 47 -26.73 41.45 25.29
N THR D 48 -27.09 40.18 25.31
CA THR D 48 -27.78 39.59 26.46
C THR D 48 -27.48 40.36 27.74
N SER D 49 -28.47 40.48 28.60
CA SER D 49 -28.24 40.65 30.03
C SER D 49 -27.26 39.60 30.56
N LYS D 50 -27.63 38.33 30.42
CA LYS D 50 -26.79 37.25 30.87
C LYS D 50 -25.30 37.61 30.74
N ILE D 51 -24.95 38.02 29.52
CA ILE D 51 -23.60 38.22 29.07
C ILE D 51 -23.13 39.57 29.43
N LEU D 52 -23.98 40.58 29.32
CA LEU D 52 -23.58 41.91 29.87
C LEU D 52 -23.17 41.75 31.33
N ALA D 53 -23.86 40.87 32.09
CA ALA D 53 -23.58 40.72 33.51
C ALA D 53 -22.13 40.25 33.71
N LYS D 54 -21.74 39.17 33.00
CA LYS D 54 -20.38 38.57 32.98
C LYS D 54 -19.38 39.61 32.55
N VAL D 55 -19.57 40.22 31.38
CA VAL D 55 -18.73 41.37 30.99
C VAL D 55 -18.55 42.48 32.09
N ILE D 56 -19.60 42.78 32.88
CA ILE D 56 -19.49 43.83 33.92
C ILE D 56 -18.60 43.27 35.02
N GLU D 57 -18.86 42.01 35.33
CA GLU D 57 -18.15 41.38 36.41
C GLU D 57 -16.61 41.43 36.21
N TYR D 58 -16.19 41.02 35.02
CA TYR D 58 -14.79 41.02 34.64
C TYR D 58 -14.28 42.44 34.58
N CYS D 59 -15.02 43.32 33.88
CA CYS D 59 -14.53 44.69 33.79
C CYS D 59 -14.39 45.28 35.19
N LYS D 60 -15.25 44.84 36.15
CA LYS D 60 -15.13 45.33 37.54
C LYS D 60 -13.77 44.94 38.12
N ARG D 61 -13.35 43.66 38.02
CA ARG D 61 -11.98 43.25 38.47
C ARG D 61 -10.79 44.04 37.91
N HIS D 62 -10.64 44.05 36.59
CA HIS D 62 -9.63 44.92 35.92
C HIS D 62 -9.93 46.44 35.92
N TRP D 86 -9.53 32.04 39.04
CA TRP D 86 -8.82 33.31 38.91
C TRP D 86 -9.50 34.23 37.90
N ASP D 87 -8.70 34.89 37.07
CA ASP D 87 -9.13 35.24 35.73
C ASP D 87 -9.67 34.03 34.98
N ALA D 88 -10.00 32.98 35.72
CA ALA D 88 -9.66 31.62 35.32
C ALA D 88 -10.57 30.60 36.01
N ASP D 89 -10.78 30.78 37.31
CA ASP D 89 -12.12 30.73 37.87
C ASP D 89 -13.10 31.24 36.84
N PHE D 90 -12.77 32.40 36.27
CA PHE D 90 -13.78 33.17 35.57
C PHE D 90 -14.11 32.49 34.27
N MET D 91 -13.16 31.71 33.77
CA MET D 91 -13.35 31.14 32.44
C MET D 91 -13.94 29.75 32.51
N LYS D 92 -13.98 29.17 33.71
CA LYS D 92 -14.79 27.99 33.97
C LYS D 92 -16.27 28.33 33.73
N ILE D 93 -16.66 28.33 32.46
CA ILE D 93 -18.03 28.68 32.05
C ILE D 93 -18.06 27.79 30.87
N ASP D 94 -19.24 27.58 30.31
CA ASP D 94 -19.36 26.48 29.39
C ASP D 94 -19.16 26.97 27.97
N GLN D 95 -19.49 26.10 27.01
CA GLN D 95 -19.08 26.31 25.63
C GLN D 95 -19.94 27.37 25.01
N ALA D 96 -21.24 27.09 24.91
CA ALA D 96 -22.13 28.02 24.22
C ALA D 96 -21.89 29.45 24.74
N THR D 97 -21.55 29.57 26.02
CA THR D 97 -21.51 30.86 26.70
C THR D 97 -20.23 31.66 26.47
N LEU D 98 -19.08 31.04 26.74
CA LEU D 98 -17.82 31.51 26.14
C LEU D 98 -17.86 31.92 24.61
N PHE D 99 -18.46 31.10 23.76
CA PHE D 99 -18.89 31.60 22.45
C PHE D 99 -19.57 33.00 22.36
N GLU D 100 -20.43 33.35 23.33
CA GLU D 100 -21.23 34.57 23.23
C GLU D 100 -20.42 35.71 23.87
N LEU D 101 -19.74 35.36 24.94
CA LEU D 101 -18.64 36.14 25.51
C LEU D 101 -17.66 36.71 24.49
N ILE D 102 -17.00 35.83 23.75
CA ILE D 102 -16.15 36.24 22.64
C ILE D 102 -16.79 37.34 21.81
N LEU D 103 -18.02 37.09 21.39
CA LEU D 103 -18.70 38.00 20.48
C LEU D 103 -18.96 39.33 21.14
N ALA D 104 -19.41 39.29 22.39
CA ALA D 104 -19.67 40.52 23.17
C ALA D 104 -18.43 41.35 23.36
N ALA D 105 -17.30 40.66 23.60
CA ALA D 105 -16.00 41.33 23.80
C ALA D 105 -15.50 42.07 22.52
N ASN D 106 -15.75 41.42 21.39
CA ASN D 106 -15.39 42.02 20.15
C ASN D 106 -16.31 43.22 19.85
N TYR D 107 -17.61 42.99 20.12
CA TYR D 107 -18.66 43.98 19.92
C TYR D 107 -18.50 45.17 20.80
N LEU D 108 -18.10 44.94 22.05
CA LEU D 108 -17.80 46.09 22.91
C LEU D 108 -16.40 46.63 22.82
N ASN D 109 -15.50 45.96 22.06
CA ASN D 109 -14.11 46.39 21.91
C ASN D 109 -13.40 46.49 23.24
N ILE D 110 -13.34 45.37 23.94
CA ILE D 110 -12.64 45.33 25.23
C ILE D 110 -11.39 44.48 25.03
N LYS D 111 -10.24 45.12 24.75
CA LYS D 111 -9.00 44.41 24.42
C LYS D 111 -8.66 43.21 25.35
N ASN D 112 -8.43 43.46 26.67
CA ASN D 112 -8.14 42.36 27.64
C ASN D 112 -9.09 41.20 27.57
N LEU D 113 -10.38 41.51 27.47
CA LEU D 113 -11.41 40.46 27.54
C LEU D 113 -11.40 39.64 26.26
N LEU D 114 -11.30 40.34 25.13
CA LEU D 114 -11.04 39.72 23.85
C LEU D 114 -9.78 38.80 23.88
N ASP D 115 -8.70 39.29 24.51
CA ASP D 115 -7.52 38.47 24.70
C ASP D 115 -7.85 37.22 25.46
N LEU D 116 -8.20 37.35 26.73
CA LEU D 116 -8.54 36.20 27.49
C LEU D 116 -9.49 35.26 26.76
N THR D 117 -10.53 35.75 26.10
CA THR D 117 -11.40 34.79 25.44
C THR D 117 -10.84 34.20 24.18
N CYS D 118 -10.03 34.95 23.45
CA CYS D 118 -9.32 34.30 22.33
C CYS D 118 -8.29 33.24 22.68
N GLN D 119 -7.36 33.56 23.60
CA GLN D 119 -6.47 32.55 24.20
C GLN D 119 -7.18 31.26 24.50
N THR D 120 -8.35 31.43 25.09
CA THR D 120 -9.07 30.34 25.68
C THR D 120 -9.53 29.42 24.59
N VAL D 121 -10.11 29.99 23.53
CA VAL D 121 -10.55 29.24 22.31
C VAL D 121 -9.38 28.54 21.55
N ALA D 122 -8.27 29.28 21.37
CA ALA D 122 -7.04 28.70 20.82
C ALA D 122 -6.69 27.49 21.66
N ASP D 123 -6.66 27.66 22.98
CA ASP D 123 -6.21 26.56 23.83
C ASP D 123 -7.13 25.38 23.56
N MET D 124 -8.23 25.67 22.86
CA MET D 124 -9.21 24.63 22.53
C MET D 124 -8.80 23.99 21.24
N ILE D 125 -7.97 24.71 20.52
CA ILE D 125 -7.63 24.20 19.25
C ILE D 125 -6.36 23.33 19.25
N LYS D 126 -5.37 23.66 20.08
CA LYS D 126 -3.97 23.16 19.93
C LYS D 126 -3.91 21.69 20.26
N GLY D 127 -3.29 20.90 19.37
CA GLY D 127 -3.15 19.49 19.63
C GLY D 127 -4.29 18.64 19.08
N LYS D 128 -5.14 19.20 18.24
CA LYS D 128 -6.36 18.52 17.83
C LYS D 128 -6.26 18.25 16.33
N THR D 129 -6.77 17.12 15.87
CA THR D 129 -6.99 17.00 14.45
C THR D 129 -8.16 17.90 14.04
N PRO D 130 -8.20 18.20 12.75
CA PRO D 130 -9.23 18.86 11.96
C PRO D 130 -10.64 18.33 12.27
N GLU D 131 -10.80 17.01 12.46
CA GLU D 131 -12.11 16.41 12.77
C GLU D 131 -12.49 16.75 14.23
N GLU D 132 -11.50 16.90 15.12
CA GLU D 132 -11.80 17.01 16.54
C GLU D 132 -12.16 18.46 16.75
N ILE D 133 -11.51 19.33 16.00
CA ILE D 133 -11.91 20.72 15.89
C ILE D 133 -13.23 20.81 15.17
N ARG D 134 -13.30 20.17 14.01
CA ARG D 134 -14.51 20.15 13.23
C ARG D 134 -15.70 19.75 14.10
N THR D 135 -15.41 19.45 15.36
CA THR D 135 -16.32 18.66 16.18
C THR D 135 -16.52 19.26 17.55
N THR D 136 -15.44 19.72 18.15
CA THR D 136 -15.53 20.56 19.34
C THR D 136 -16.36 21.82 19.13
N PHE D 137 -15.94 22.65 18.19
CA PHE D 137 -16.88 23.46 17.45
C PHE D 137 -17.78 22.50 16.71
N ASN D 138 -18.64 23.04 15.87
CA ASN D 138 -19.38 22.19 14.95
C ASN D 138 -19.31 22.74 13.56
N ILE D 139 -18.10 22.78 13.02
CA ILE D 139 -17.93 23.06 11.62
C ILE D 139 -18.14 21.79 10.83
N LYS D 140 -18.75 21.93 9.66
CA LYS D 140 -18.87 20.81 8.75
C LYS D 140 -17.84 20.94 7.65
N ASN D 141 -17.21 19.83 7.29
CA ASN D 141 -16.07 19.95 6.37
C ASN D 141 -16.33 20.05 4.86
N ASP D 142 -16.01 21.19 4.27
CA ASP D 142 -16.48 21.49 2.92
C ASP D 142 -15.31 21.50 1.96
N PHE D 143 -14.31 20.68 2.28
CA PHE D 143 -13.32 20.16 1.33
C PHE D 143 -13.84 18.92 0.60
N THR D 144 -13.55 18.81 -0.68
CA THR D 144 -13.59 17.50 -1.32
C THR D 144 -12.46 16.53 -0.86
N PRO D 145 -12.81 15.25 -0.87
CA PRO D 145 -11.86 14.16 -1.09
C PRO D 145 -10.49 14.67 -1.50
N GLU D 146 -10.34 15.01 -2.77
CA GLU D 146 -9.03 15.09 -3.39
C GLU D 146 -8.32 16.39 -3.03
N GLU D 147 -9.10 17.43 -2.76
CA GLU D 147 -8.56 18.68 -2.25
C GLU D 147 -7.94 18.48 -0.87
N GLU D 148 -8.78 18.13 0.10
CA GLU D 148 -8.34 17.99 1.48
C GLU D 148 -7.03 17.24 1.53
N GLU D 149 -6.80 16.44 0.50
CA GLU D 149 -5.69 15.54 0.49
C GLU D 149 -4.50 16.22 -0.15
N GLU D 150 -4.75 17.10 -1.10
CA GLU D 150 -3.70 17.96 -1.61
C GLU D 150 -3.19 18.95 -0.59
N VAL D 151 -4.07 19.52 0.21
CA VAL D 151 -3.63 20.46 1.25
C VAL D 151 -2.89 19.72 2.37
N ARG D 152 -3.49 18.67 2.88
CA ARG D 152 -2.80 17.79 3.82
C ARG D 152 -1.32 17.47 3.40
N ARG D 153 -1.14 17.12 2.12
CA ARG D 153 0.11 16.62 1.62
C ARG D 153 1.12 17.76 1.59
N GLU D 154 0.72 18.92 1.09
CA GLU D 154 1.61 20.11 1.23
C GLU D 154 1.84 20.58 2.69
N ASN D 155 0.82 20.59 3.55
CA ASN D 155 1.12 20.89 4.95
C ASN D 155 2.32 20.03 5.43
N GLN D 156 2.18 18.69 5.33
CA GLN D 156 3.05 17.76 6.00
C GLN D 156 4.39 17.70 5.25
N TRP D 157 4.39 17.74 3.92
CA TRP D 157 5.62 17.48 3.20
C TRP D 157 6.41 18.74 3.04
N ALA D 158 5.75 19.89 3.03
CA ALA D 158 6.43 21.20 2.84
C ALA D 158 6.59 21.94 4.16
N PHE D 159 5.63 21.79 5.07
CA PHE D 159 5.60 22.80 6.13
C PHE D 159 5.76 22.32 7.57
N GLU D 160 5.86 21.05 7.78
CA GLU D 160 6.22 20.63 9.11
C GLU D 160 7.55 19.98 8.82
N SER E 8 -20.80 31.70 13.31
CA SER E 8 -19.50 31.25 13.94
C SER E 8 -18.67 32.36 14.62
N PHE E 9 -17.59 32.82 13.99
CA PHE E 9 -17.07 34.16 14.31
C PHE E 9 -16.64 34.96 13.11
N PRO E 10 -16.95 36.25 13.13
CA PRO E 10 -16.30 37.19 12.24
C PRO E 10 -14.85 36.81 11.97
N GLU E 11 -14.51 36.72 10.70
CA GLU E 11 -13.13 36.86 10.25
C GLU E 11 -12.18 37.26 11.36
N GLU E 12 -12.41 38.43 11.94
CA GLU E 12 -11.37 39.12 12.68
C GLU E 12 -11.23 38.56 14.08
N VAL E 13 -12.29 37.93 14.58
CA VAL E 13 -12.15 36.97 15.69
C VAL E 13 -11.30 35.70 15.37
N LEU E 14 -11.55 35.06 14.25
CA LEU E 14 -10.84 33.81 13.90
C LEU E 14 -9.38 34.17 13.85
N GLU E 15 -9.05 35.14 13.00
CA GLU E 15 -7.75 35.81 13.06
C GLU E 15 -7.16 35.99 14.46
N HIS E 16 -7.85 36.69 15.34
CA HIS E 16 -7.23 36.96 16.65
C HIS E 16 -7.04 35.65 17.43
N VAL E 17 -7.93 34.70 17.25
CA VAL E 17 -7.67 33.40 17.84
C VAL E 17 -6.35 32.69 17.35
N PHE E 18 -6.31 32.25 16.09
CA PHE E 18 -5.11 32.17 15.25
C PHE E 18 -3.80 32.81 15.73
N SER E 19 -3.74 34.12 15.96
CA SER E 19 -2.57 34.71 16.63
C SER E 19 -2.02 34.07 17.93
N PHE E 20 -2.84 33.28 18.63
CA PHE E 20 -2.41 32.70 19.89
C PHE E 20 -1.85 31.31 19.67
N ILE E 21 -1.61 31.02 18.39
CA ILE E 21 -1.32 29.67 17.87
C ILE E 21 -0.08 29.63 16.94
N GLN E 22 1.02 29.05 17.44
CA GLN E 22 2.36 29.28 16.91
C GLN E 22 3.06 28.07 16.30
N LEU E 23 2.67 26.84 16.72
CA LEU E 23 3.29 25.59 16.22
C LEU E 23 2.83 25.27 14.85
N ASP E 24 3.78 25.05 13.95
CA ASP E 24 3.44 24.60 12.63
C ASP E 24 2.36 23.52 12.61
N LYS E 25 2.46 22.48 13.43
CA LYS E 25 1.42 21.41 13.31
C LYS E 25 0.04 21.98 13.66
N ASP E 26 -0.02 22.88 14.64
CA ASP E 26 -1.29 23.46 15.05
C ASP E 26 -1.85 24.22 13.83
N ARG E 27 -1.03 25.09 13.24
CA ARG E 27 -1.42 25.86 12.06
C ARG E 27 -1.94 24.95 10.90
N ASN E 28 -1.33 23.79 10.64
CA ASN E 28 -1.76 22.97 9.49
C ASN E 28 -3.07 22.30 9.76
N SER E 29 -3.21 21.81 10.99
CA SER E 29 -4.49 21.53 11.59
C SER E 29 -5.61 22.54 11.25
N VAL E 30 -5.42 23.79 11.70
CA VAL E 30 -6.35 24.82 11.42
C VAL E 30 -6.74 25.00 9.95
N SER E 31 -5.73 25.03 9.10
CA SER E 31 -5.89 25.10 7.69
C SER E 31 -6.73 23.96 7.18
N LEU E 32 -6.88 22.91 7.95
CA LEU E 32 -7.53 21.78 7.32
C LEU E 32 -8.94 21.63 7.84
N VAL E 33 -9.43 22.64 8.59
CA VAL E 33 -10.78 22.48 9.08
C VAL E 33 -11.94 22.74 8.14
N CYS E 34 -11.87 23.84 7.38
CA CYS E 34 -12.83 24.18 6.28
C CYS E 34 -12.16 25.20 5.39
N LYS E 35 -12.78 25.49 4.23
CA LYS E 35 -12.18 26.35 3.19
C LYS E 35 -12.01 27.77 3.77
N SER E 36 -12.75 28.02 4.85
CA SER E 36 -12.81 29.32 5.50
C SER E 36 -11.60 29.54 6.41
N TRP E 37 -11.37 28.57 7.29
CA TRP E 37 -10.15 28.56 8.09
C TRP E 37 -8.85 28.40 7.26
N TYR E 38 -8.95 27.67 6.17
CA TYR E 38 -7.91 27.70 5.25
C TYR E 38 -7.52 29.07 4.78
N GLU E 39 -8.46 29.87 4.32
CA GLU E 39 -8.12 31.26 3.97
C GLU E 39 -7.70 32.16 5.14
N ILE E 40 -8.40 32.07 6.25
CA ILE E 40 -8.04 32.95 7.34
C ILE E 40 -6.65 32.60 7.85
N GLU E 41 -6.42 31.29 8.06
CA GLU E 41 -5.13 30.64 7.85
C GLU E 41 -4.03 31.38 7.12
N ARG E 42 -3.98 31.19 5.80
CA ARG E 42 -2.85 31.60 5.02
C ARG E 42 -2.41 33.01 5.39
N TRP E 43 -3.37 33.89 5.60
CA TRP E 43 -3.15 35.31 5.50
C TRP E 43 -2.63 35.84 6.83
N CYS E 44 -2.68 35.00 7.85
CA CYS E 44 -2.06 35.33 9.13
C CYS E 44 -0.98 34.37 9.65
N ARG E 45 -0.60 33.39 8.85
CA ARG E 45 0.72 32.70 9.04
C ARG E 45 1.99 33.58 9.13
N ARG E 46 2.77 33.43 10.19
CA ARG E 46 3.76 34.44 10.50
C ARG E 46 5.11 33.89 10.02
N LYS E 47 5.20 32.56 10.05
CA LYS E 47 6.49 31.91 9.96
C LYS E 47 6.38 30.58 9.27
N VAL E 48 7.35 30.28 8.45
CA VAL E 48 7.23 29.01 7.77
C VAL E 48 8.52 28.17 8.05
N PHE E 49 8.40 26.84 8.09
CA PHE E 49 9.60 26.01 8.44
C PHE E 49 9.75 25.06 7.28
N ILE E 50 10.87 25.11 6.56
CA ILE E 50 10.93 24.30 5.37
C ILE E 50 12.10 23.38 5.44
N GLY E 51 11.84 22.16 5.93
CA GLY E 51 12.83 21.11 6.24
C GLY E 51 13.67 20.62 5.10
N ASN E 52 13.17 20.69 3.88
CA ASN E 52 13.86 20.24 2.70
C ASN E 52 13.48 21.22 1.63
N CYS E 53 14.37 22.13 1.32
CA CYS E 53 14.15 23.12 0.33
C CYS E 53 13.65 22.56 -1.03
N TYR E 54 13.85 21.30 -1.41
CA TYR E 54 13.28 20.77 -2.68
C TYR E 54 11.92 20.06 -2.53
N ALA E 55 11.49 20.05 -1.28
CA ALA E 55 10.13 19.54 -1.00
C ALA E 55 9.04 20.42 -1.70
N VAL E 56 9.31 21.70 -1.94
CA VAL E 56 8.25 22.64 -2.46
C VAL E 56 8.92 23.87 -3.16
N SER E 57 8.22 24.48 -4.13
CA SER E 57 8.76 25.55 -5.00
C SER E 57 8.69 26.90 -4.25
N PRO E 58 9.64 27.82 -4.42
CA PRO E 58 9.33 29.10 -3.67
C PRO E 58 7.97 29.78 -4.03
N ALA E 59 7.54 29.59 -5.29
CA ALA E 59 6.38 30.32 -5.84
C ALA E 59 5.22 29.78 -5.08
N THR E 60 5.19 28.45 -4.96
CA THR E 60 4.38 27.83 -3.99
C THR E 60 4.08 28.49 -2.69
N VAL E 61 5.14 28.98 -2.05
CA VAL E 61 5.09 29.18 -0.66
C VAL E 61 4.63 30.61 -0.65
N ILE E 62 5.21 31.42 -1.53
CA ILE E 62 4.85 32.82 -1.47
C ILE E 62 3.34 33.04 -1.82
N ARG E 63 2.77 32.21 -2.68
CA ARG E 63 1.41 32.39 -3.10
C ARG E 63 0.42 32.02 -2.00
N ARG E 64 0.76 31.05 -1.20
CA ARG E 64 -0.18 30.63 -0.20
C ARG E 64 0.01 31.41 1.13
N PHE E 65 1.26 31.82 1.40
CA PHE E 65 1.57 32.51 2.64
C PHE E 65 2.10 33.89 2.38
N PRO E 66 1.18 34.78 2.08
CA PRO E 66 1.60 36.01 1.61
C PRO E 66 2.21 36.80 2.73
N LYS E 67 1.94 36.48 3.99
CA LYS E 67 2.31 37.49 4.98
C LYS E 67 3.49 37.16 5.81
N VAL E 68 4.16 36.05 5.47
CA VAL E 68 5.37 35.61 6.17
C VAL E 68 6.43 36.65 6.51
N ARG E 69 6.85 36.64 7.79
CA ARG E 69 7.95 37.48 8.33
C ARG E 69 9.17 36.68 8.80
N SER E 70 8.99 35.37 8.89
CA SER E 70 10.03 34.51 9.35
C SER E 70 10.12 33.23 8.52
N VAL E 71 11.26 33.02 7.83
CA VAL E 71 11.51 31.86 6.91
C VAL E 71 12.69 30.98 7.40
N GLU E 72 12.45 29.67 7.55
CA GLU E 72 13.56 28.74 7.77
C GLU E 72 13.78 27.68 6.73
N LEU E 73 15.06 27.51 6.32
CA LEU E 73 15.40 26.60 5.18
C LEU E 73 16.50 25.57 5.39
N LYS E 74 16.23 24.34 5.08
CA LYS E 74 17.28 23.32 5.16
C LYS E 74 17.54 22.70 3.78
N GLY E 75 18.82 22.60 3.44
CA GLY E 75 19.22 22.15 2.10
C GLY E 75 19.86 20.78 2.01
N LYS E 76 21.16 20.72 2.08
CA LYS E 76 21.79 19.39 1.79
C LYS E 76 21.55 18.43 2.94
N PRO E 77 21.56 17.12 2.67
CA PRO E 77 21.36 16.22 3.81
C PRO E 77 22.58 16.14 4.75
N HIS E 78 22.32 15.50 5.87
CA HIS E 78 23.14 15.62 7.11
C HIS E 78 24.56 15.10 6.80
N PHE E 79 24.63 13.97 6.07
CA PHE E 79 25.86 13.36 5.55
C PHE E 79 26.78 14.31 4.80
N ALA E 80 26.26 15.42 4.30
CA ALA E 80 27.15 16.38 3.57
C ALA E 80 28.15 16.80 4.57
N ASP E 81 27.80 16.73 5.85
CA ASP E 81 28.83 16.99 6.87
C ASP E 81 30.04 16.04 6.83
N PHE E 82 29.93 14.89 6.15
CA PHE E 82 31.07 14.04 6.09
C PHE E 82 31.66 13.90 4.70
N ASN E 83 31.62 14.95 3.87
CA ASN E 83 31.90 14.84 2.46
C ASN E 83 31.47 13.67 1.68
N LEU E 84 30.21 13.29 1.86
CA LEU E 84 29.66 12.16 1.16
C LEU E 84 28.75 12.67 0.08
N VAL E 85 28.41 13.95 0.15
CA VAL E 85 27.68 14.58 -0.96
C VAL E 85 28.64 15.55 -1.78
N PRO E 86 28.94 15.22 -3.08
CA PRO E 86 29.97 16.00 -3.83
C PRO E 86 29.62 17.49 -3.96
N ASP E 87 30.63 18.35 -4.16
CA ASP E 87 30.40 19.76 -4.33
C ASP E 87 29.45 19.99 -5.51
N GLY E 88 28.59 21.00 -5.41
CA GLY E 88 27.76 21.36 -6.57
C GLY E 88 26.41 20.58 -6.65
N TRP E 89 26.15 19.79 -5.63
CA TRP E 89 24.98 18.94 -5.63
C TRP E 89 23.74 19.81 -5.71
N GLY E 90 23.70 20.87 -4.90
CA GLY E 90 22.49 21.74 -4.74
C GLY E 90 22.39 22.51 -3.43
N GLY E 91 21.16 22.84 -3.01
CA GLY E 91 20.95 23.64 -1.82
C GLY E 91 21.13 25.13 -2.07
N TYR E 92 20.84 25.62 -3.27
CA TYR E 92 20.98 27.07 -3.51
C TYR E 92 19.82 27.89 -2.93
N VAL E 93 20.11 28.97 -2.21
CA VAL E 93 19.02 29.70 -1.63
C VAL E 93 18.66 30.89 -2.49
N TYR E 94 19.56 31.28 -3.39
CA TYR E 94 19.24 32.37 -4.26
C TYR E 94 17.79 32.34 -4.83
N PRO E 95 17.31 31.20 -5.39
CA PRO E 95 16.01 31.51 -6.06
C PRO E 95 15.06 31.98 -4.96
N TRP E 96 15.31 31.51 -3.76
CA TRP E 96 14.36 31.71 -2.70
C TRP E 96 14.37 33.16 -2.42
N ILE E 97 15.56 33.75 -2.33
CA ILE E 97 15.65 35.15 -2.12
C ILE E 97 15.07 35.93 -3.29
N GLU E 98 15.28 35.50 -4.52
CA GLU E 98 14.80 36.25 -5.66
C GLU E 98 13.33 36.43 -5.44
N ALA E 99 12.64 35.32 -5.15
CA ALA E 99 11.18 35.31 -5.05
C ALA E 99 10.73 36.15 -3.87
N MET E 100 11.40 36.02 -2.75
CA MET E 100 10.92 36.76 -1.59
C MET E 100 11.05 38.28 -1.77
N SER E 101 12.07 38.72 -2.49
CA SER E 101 12.46 40.14 -2.45
C SER E 101 11.30 41.00 -3.02
N SER E 102 10.61 40.52 -4.07
CA SER E 102 9.22 40.92 -4.34
C SER E 102 8.05 40.80 -3.34
N SER E 103 7.76 39.65 -2.78
CA SER E 103 6.48 39.63 -2.09
C SER E 103 6.55 39.86 -0.56
N TYR E 104 7.65 39.48 0.03
CA TYR E 104 7.77 39.68 1.44
C TYR E 104 8.62 40.90 1.70
N THR E 105 8.20 42.11 1.30
CA THR E 105 9.06 43.32 1.50
C THR E 105 9.41 43.58 2.95
N TRP E 106 8.65 42.94 3.81
CA TRP E 106 8.69 43.10 5.22
C TRP E 106 9.21 41.89 5.96
N LEU E 107 9.84 40.94 5.24
CA LEU E 107 10.67 39.86 5.92
C LEU E 107 11.60 40.35 7.03
N GLU E 108 11.47 39.70 8.19
CA GLU E 108 12.29 40.03 9.35
C GLU E 108 13.39 39.04 9.67
N GLU E 109 13.19 37.76 9.28
CA GLU E 109 14.08 36.62 9.64
C GLU E 109 14.25 35.53 8.61
N ILE E 110 15.52 35.21 8.39
CA ILE E 110 15.94 34.06 7.54
C ILE E 110 16.92 33.07 8.24
N ARG E 111 16.57 31.78 8.38
CA ARG E 111 17.50 30.88 8.96
C ARG E 111 17.71 29.76 7.99
N LEU E 112 18.97 29.63 7.58
CA LEU E 112 19.36 28.68 6.59
C LEU E 112 20.32 27.62 7.24
N LYS E 113 20.10 26.37 6.88
CA LYS E 113 21.01 25.31 7.22
C LYS E 113 21.41 24.53 5.98
N ARG E 114 22.74 24.32 5.84
CA ARG E 114 23.34 23.62 4.66
C ARG E 114 22.81 24.06 3.33
N MET E 115 22.80 25.37 3.10
CA MET E 115 22.51 25.87 1.75
C MET E 115 23.79 26.50 1.28
N VAL E 116 23.92 26.49 -0.05
CA VAL E 116 24.83 27.40 -0.69
C VAL E 116 24.26 28.85 -0.71
N VAL E 117 25.00 29.81 -0.13
CA VAL E 117 24.56 31.20 0.04
C VAL E 117 25.69 32.08 -0.41
N THR E 118 25.37 32.98 -1.32
CA THR E 118 26.29 33.63 -2.24
C THR E 118 26.40 35.13 -1.88
N ASP E 119 27.48 35.83 -2.24
CA ASP E 119 27.46 37.23 -1.91
C ASP E 119 26.26 37.91 -2.55
N ASP E 120 26.01 37.55 -3.77
CA ASP E 120 24.77 37.97 -4.38
C ASP E 120 23.54 37.86 -3.50
N CYS E 121 23.19 36.67 -2.99
CA CYS E 121 22.05 36.51 -2.00
C CYS E 121 22.07 37.62 -0.90
N LEU E 122 23.27 37.93 -0.46
CA LEU E 122 23.37 38.68 0.75
C LEU E 122 23.10 40.14 0.41
N GLU E 123 23.65 40.59 -0.73
CA GLU E 123 23.42 41.98 -1.15
C GLU E 123 21.93 42.19 -1.37
N LEU E 124 21.30 41.24 -2.08
CA LEU E 124 19.84 41.14 -2.30
C LEU E 124 19.02 41.17 -0.99
N ILE E 125 19.45 40.44 0.04
CA ILE E 125 18.77 40.52 1.31
C ILE E 125 18.84 41.94 1.73
N ALA E 126 20.04 42.49 1.60
CA ALA E 126 20.40 43.60 2.41
C ALA E 126 19.50 44.64 1.77
N LYS E 127 19.48 44.66 0.44
CA LYS E 127 18.83 45.77 -0.23
C LYS E 127 17.33 45.54 -0.48
N SER E 128 16.79 44.41 -0.06
CA SER E 128 15.34 44.09 -0.34
C SER E 128 14.43 44.19 0.88
N PHE E 129 14.96 43.86 2.07
CA PHE E 129 14.21 43.92 3.33
C PHE E 129 14.67 45.00 4.30
N LYS E 130 13.89 46.06 4.49
CA LYS E 130 14.48 47.18 5.21
C LYS E 130 14.39 46.90 6.70
N ASN E 131 13.46 46.01 6.98
CA ASN E 131 13.17 45.57 8.30
C ASN E 131 13.80 44.22 8.71
N PHE E 132 14.76 43.77 7.95
CA PHE E 132 15.52 42.62 8.37
C PHE E 132 16.13 42.54 9.81
N LYS E 133 15.95 41.37 10.40
CA LYS E 133 16.15 41.29 11.79
C LYS E 133 17.13 40.20 12.24
N VAL E 134 17.00 39.04 11.64
CA VAL E 134 17.68 37.84 12.05
C VAL E 134 18.19 37.13 10.79
N LEU E 135 19.53 37.05 10.69
CA LEU E 135 20.24 36.12 9.74
C LEU E 135 21.04 35.04 10.52
N VAL E 136 20.57 33.81 10.39
CA VAL E 136 21.23 32.64 10.94
C VAL E 136 21.68 31.79 9.75
N LEU E 137 23.00 31.67 9.61
CA LEU E 137 23.66 30.88 8.56
C LEU E 137 24.42 29.71 9.24
N SER E 138 23.86 28.53 9.07
CA SER E 138 24.29 27.46 9.92
C SER E 138 24.82 26.42 8.93
N SER E 139 26.12 26.12 9.01
CA SER E 139 26.73 25.16 8.01
C SER E 139 26.40 25.51 6.61
N CYS E 140 26.63 26.74 6.26
CA CYS E 140 26.41 27.17 4.91
C CYS E 140 27.80 27.42 4.30
N GLU E 141 27.85 27.39 2.97
CA GLU E 141 28.99 27.83 2.27
C GLU E 141 28.64 28.70 1.11
N GLY E 142 29.60 29.51 0.67
CA GLY E 142 29.58 29.95 -0.69
C GLY E 142 29.63 31.46 -0.70
N PHE E 143 29.88 32.03 0.46
CA PHE E 143 29.87 33.44 0.47
C PHE E 143 31.13 33.93 1.11
N SER E 144 31.21 35.23 1.36
CA SER E 144 32.51 35.75 1.68
C SER E 144 32.31 36.95 2.55
N THR E 145 33.39 37.44 3.13
CA THR E 145 33.32 38.61 3.94
C THR E 145 32.83 39.80 3.15
N ASP E 146 32.85 39.74 1.82
CA ASP E 146 32.23 40.87 1.10
C ASP E 146 30.73 41.00 1.37
N GLY E 147 30.10 39.84 1.40
CA GLY E 147 28.69 39.74 1.69
C GLY E 147 28.32 40.20 3.07
N LEU E 148 28.99 39.70 4.08
CA LEU E 148 28.79 40.33 5.33
C LEU E 148 29.06 41.85 5.32
N ALA E 149 30.13 42.37 4.71
CA ALA E 149 30.25 43.87 4.57
C ALA E 149 28.91 44.49 4.25
N ALA E 150 28.19 43.86 3.34
CA ALA E 150 26.96 44.40 2.79
C ALA E 150 25.82 44.38 3.79
N ILE E 151 25.60 43.22 4.38
CA ILE E 151 24.76 43.12 5.55
C ILE E 151 25.02 44.15 6.63
N ALA E 152 26.26 44.34 7.04
CA ALA E 152 26.45 45.32 8.07
C ALA E 152 26.26 46.80 7.67
N ALA E 153 26.27 47.15 6.38
CA ALA E 153 26.21 48.61 6.06
C ALA E 153 24.72 48.98 5.92
N THR E 154 23.96 48.06 5.41
CA THR E 154 22.61 48.33 4.93
C THR E 154 21.53 47.88 5.97
N CYS E 155 21.76 46.84 6.76
CA CYS E 155 20.74 46.40 7.75
C CYS E 155 20.65 47.22 8.98
N ARG E 156 19.94 48.34 8.92
CA ARG E 156 19.84 49.17 10.12
C ARG E 156 19.18 48.60 11.38
N ASN E 157 18.30 47.61 11.20
CA ASN E 157 17.50 47.04 12.28
C ASN E 157 17.95 45.67 12.81
N LEU E 158 19.09 45.18 12.30
CA LEU E 158 19.61 43.87 12.65
C LEU E 158 19.75 43.54 14.11
N LYS E 159 19.44 42.29 14.43
CA LYS E 159 19.66 41.87 15.82
C LYS E 159 20.56 40.65 16.05
N GLU E 160 20.46 39.68 15.11
CA GLU E 160 21.31 38.54 15.08
C GLU E 160 21.99 38.35 13.73
N LEU E 161 23.32 38.37 13.79
CA LEU E 161 24.17 37.61 12.82
C LEU E 161 24.82 36.37 13.44
N ASP E 162 24.29 35.24 13.11
CA ASP E 162 24.81 33.98 13.61
C ASP E 162 25.36 33.13 12.44
N LEU E 163 26.67 32.91 12.41
CA LEU E 163 27.29 32.18 11.30
C LEU E 163 27.86 30.81 11.63
N ARG E 164 27.14 30.01 12.40
CA ARG E 164 27.74 28.86 13.04
C ARG E 164 28.19 27.73 12.12
N GLU E 165 29.43 27.31 12.29
CA GLU E 165 30.10 26.35 11.42
C GLU E 165 29.90 26.60 9.94
N SER E 166 29.67 27.85 9.59
CA SER E 166 29.78 28.23 8.21
C SER E 166 31.21 28.35 7.74
N ASP E 167 31.35 28.16 6.44
CA ASP E 167 32.59 28.12 5.74
C ASP E 167 32.59 29.46 5.00
N VAL E 168 33.29 30.43 5.54
CA VAL E 168 33.32 31.68 4.90
C VAL E 168 34.56 32.06 4.04
N ASP E 169 34.32 32.39 2.78
CA ASP E 169 35.44 32.79 1.95
C ASP E 169 36.07 34.13 2.46
N ASP E 170 37.23 34.03 3.11
CA ASP E 170 37.50 34.90 4.24
C ASP E 170 38.46 35.99 3.85
N VAL E 171 37.96 37.02 3.17
CA VAL E 171 38.79 37.87 2.32
C VAL E 171 39.35 39.06 3.12
N SER E 172 38.69 39.46 4.21
CA SER E 172 39.31 40.37 5.21
C SER E 172 38.28 40.82 6.23
N GLY E 173 38.72 41.37 7.37
CA GLY E 173 37.80 41.63 8.48
C GLY E 173 37.39 43.10 8.62
N HIS E 174 37.90 43.95 7.72
CA HIS E 174 37.31 45.24 7.50
C HIS E 174 35.80 45.15 7.63
N TRP E 175 35.20 44.02 7.22
CA TRP E 175 33.74 44.04 7.02
C TRP E 175 33.08 44.53 8.27
N LEU E 176 33.54 44.12 9.45
CA LEU E 176 32.75 44.51 10.59
C LEU E 176 32.75 46.05 10.79
N SER E 177 33.70 46.73 10.21
CA SER E 177 33.79 48.16 10.41
C SER E 177 32.66 48.91 9.66
N HIS E 178 31.89 48.20 8.83
CA HIS E 178 30.71 48.79 8.06
C HIS E 178 29.38 49.10 8.84
N PHE E 179 29.13 48.36 9.94
CA PHE E 179 28.17 48.75 10.96
C PHE E 179 28.50 50.18 11.23
N PRO E 180 27.64 51.09 10.82
CA PRO E 180 28.00 52.49 11.02
C PRO E 180 27.62 52.79 12.46
N ASP E 181 27.87 54.01 12.94
CA ASP E 181 27.77 54.29 14.37
C ASP E 181 26.38 54.61 14.86
N THR E 182 25.53 54.98 13.93
CA THR E 182 24.09 54.95 14.09
C THR E 182 23.55 53.63 14.55
N TYR E 183 24.22 52.54 14.18
CA TYR E 183 23.74 51.20 14.41
C TYR E 183 23.92 50.78 15.86
N THR E 184 22.89 50.20 16.46
CA THR E 184 22.91 49.91 17.87
C THR E 184 22.05 48.78 18.35
N SER E 185 21.51 48.00 17.42
CA SER E 185 20.43 47.11 17.81
C SER E 185 20.86 45.68 18.14
N LEU E 186 22.14 45.39 17.98
CA LEU E 186 22.63 44.01 17.94
C LEU E 186 22.29 43.22 19.19
N VAL E 187 21.76 42.00 19.02
CA VAL E 187 21.39 41.20 20.17
C VAL E 187 22.33 40.03 20.25
N SER E 188 22.64 39.47 19.09
CA SER E 188 23.46 38.23 19.04
C SER E 188 24.47 38.25 17.85
N LEU E 189 25.75 38.01 18.11
CA LEU E 189 26.77 38.06 17.07
C LEU E 189 27.64 36.82 17.27
N ASN E 190 27.62 35.88 16.32
CA ASN E 190 28.41 34.69 16.41
C ASN E 190 29.39 34.63 15.19
N ILE E 191 30.64 35.08 15.35
CA ILE E 191 31.60 35.11 14.24
C ILE E 191 32.70 34.04 14.42
N SER E 192 32.34 33.00 15.15
CA SER E 192 33.40 32.19 15.73
C SER E 192 33.90 31.28 14.62
N CYS E 193 33.31 31.28 13.42
CA CYS E 193 33.89 30.46 12.32
C CYS E 193 34.76 31.31 11.39
N LEU E 194 35.08 32.53 11.73
CA LEU E 194 35.77 33.33 10.84
C LEU E 194 37.27 33.36 11.17
N ALA E 195 38.07 33.00 10.18
CA ALA E 195 39.53 33.10 10.28
C ALA E 195 40.00 34.51 10.24
N SER E 196 39.28 35.44 9.67
CA SER E 196 40.05 36.69 9.57
C SER E 196 39.85 37.53 10.82
N GLU E 197 40.84 38.37 11.11
CA GLU E 197 40.77 39.21 12.27
C GLU E 197 40.04 40.51 11.96
N VAL E 198 38.82 40.63 12.48
CA VAL E 198 38.10 41.89 12.63
C VAL E 198 38.92 42.96 13.31
N SER E 199 38.56 44.21 13.06
CA SER E 199 39.25 45.33 13.62
C SER E 199 38.85 45.47 15.10
N PHE E 200 39.80 45.52 16.01
CA PHE E 200 39.38 45.34 17.35
C PHE E 200 38.77 46.65 17.88
N SER E 201 39.35 47.79 17.51
CA SER E 201 38.74 49.01 17.99
C SER E 201 37.31 49.13 17.42
N ALA E 202 37.07 48.63 16.21
CA ALA E 202 35.68 48.63 15.67
C ALA E 202 34.76 47.72 16.50
N LEU E 203 35.20 46.50 16.69
CA LEU E 203 34.51 45.61 17.60
C LEU E 203 34.27 46.29 18.97
N GLU E 204 35.24 46.95 19.51
CA GLU E 204 34.98 47.38 20.89
C GLU E 204 33.93 48.51 20.86
N ARG E 205 34.06 49.39 19.87
CA ARG E 205 33.16 50.53 19.66
C ARG E 205 31.72 50.02 19.41
N LEU E 206 31.67 48.91 18.67
CA LEU E 206 30.43 48.23 18.37
C LEU E 206 29.71 47.61 19.59
N VAL E 207 30.46 46.86 20.41
CA VAL E 207 29.88 46.19 21.56
C VAL E 207 29.46 47.34 22.49
N THR E 208 30.18 48.45 22.40
CA THR E 208 30.05 49.40 23.51
C THR E 208 28.72 50.12 23.36
N ARG E 209 28.40 50.43 22.11
CA ARG E 209 27.13 51.08 21.75
C ARG E 209 25.97 50.13 21.38
N CYS E 210 26.00 48.85 21.79
CA CYS E 210 24.78 48.05 21.68
C CYS E 210 24.26 47.45 22.97
N PRO E 211 23.54 48.25 23.77
CA PRO E 211 23.13 47.93 25.15
C PRO E 211 22.37 46.62 25.33
N ASN E 212 21.66 46.15 24.31
CA ASN E 212 20.92 44.87 24.39
C ASN E 212 21.66 43.60 23.91
N LEU E 213 22.90 43.78 23.46
CA LEU E 213 23.83 42.67 23.26
C LEU E 213 23.70 41.62 24.37
N LYS E 214 23.40 40.38 24.00
CA LYS E 214 23.19 39.33 24.96
C LYS E 214 24.05 38.10 24.63
N SER E 215 24.46 37.94 23.35
CA SER E 215 25.30 36.80 22.93
C SER E 215 26.46 37.25 22.01
N LEU E 216 27.68 37.32 22.56
CA LEU E 216 28.96 37.56 21.81
C LEU E 216 29.87 36.27 21.73
N LYS E 217 29.85 35.63 20.57
CA LYS E 217 30.75 34.54 20.30
C LYS E 217 31.91 34.90 19.34
N LEU E 218 33.12 35.02 19.87
CA LEU E 218 34.22 35.65 19.15
C LEU E 218 34.92 34.65 18.24
N ASN E 219 35.62 35.15 17.23
CA ASN E 219 36.50 34.33 16.41
C ASN E 219 37.89 34.20 17.04
N ARG E 220 38.62 33.17 16.62
CA ARG E 220 39.89 32.81 17.26
C ARG E 220 40.75 34.06 17.48
N ALA E 221 40.69 34.99 16.52
CA ALA E 221 41.69 36.01 16.42
C ALA E 221 41.41 37.16 17.33
N VAL E 222 40.36 37.13 18.14
CA VAL E 222 40.48 37.94 19.33
C VAL E 222 41.28 37.34 20.46
N PRO E 223 42.42 37.91 20.75
CA PRO E 223 43.39 37.33 21.69
C PRO E 223 42.92 37.52 23.13
N LEU E 224 43.13 36.49 23.93
CA LEU E 224 42.90 36.52 25.35
C LEU E 224 43.12 37.84 26.04
N GLU E 225 44.26 38.48 25.82
CA GLU E 225 44.57 39.74 26.47
C GLU E 225 43.57 40.85 26.13
N LYS E 226 42.88 40.73 25.01
CA LYS E 226 41.92 41.75 24.70
C LYS E 226 40.55 41.42 25.33
N LEU E 227 40.38 40.22 25.86
CA LEU E 227 39.06 39.72 26.23
C LEU E 227 38.37 40.64 27.30
N ALA E 228 39.08 40.94 28.40
CA ALA E 228 38.56 41.84 29.45
C ALA E 228 37.99 43.17 28.98
N THR E 229 38.80 43.99 28.30
CA THR E 229 38.28 45.12 27.50
C THR E 229 36.85 44.92 26.97
N LEU E 230 36.61 43.85 26.20
CA LEU E 230 35.30 43.65 25.59
C LEU E 230 34.30 43.39 26.74
N LEU E 231 34.67 42.52 27.69
CA LEU E 231 33.79 42.17 28.78
C LEU E 231 33.36 43.39 29.64
N GLN E 232 34.26 44.34 29.91
CA GLN E 232 33.93 45.59 30.62
C GLN E 232 32.88 46.43 29.87
N ARG E 233 32.87 46.31 28.55
CA ARG E 233 31.97 47.11 27.74
C ARG E 233 30.66 46.33 27.61
N ALA E 234 30.57 45.13 28.18
CA ALA E 234 29.32 44.35 27.93
C ALA E 234 29.02 43.38 29.02
N PRO E 235 28.86 43.93 30.24
CA PRO E 235 28.63 43.16 31.44
C PRO E 235 27.27 42.42 31.45
N GLN E 236 26.33 42.74 30.55
CA GLN E 236 24.99 42.15 30.66
C GLN E 236 24.83 40.78 29.93
N LEU E 237 25.95 40.17 29.57
CA LEU E 237 25.98 39.02 28.63
C LEU E 237 25.42 37.71 29.17
N GLU E 238 24.75 36.97 28.34
CA GLU E 238 24.22 35.71 28.75
C GLU E 238 24.97 34.51 28.11
N GLU E 239 25.68 34.72 27.01
CA GLU E 239 26.36 33.67 26.23
C GLU E 239 27.64 34.37 25.84
N LEU E 240 28.77 33.86 26.29
CA LEU E 240 30.06 34.38 25.81
C LEU E 240 30.81 33.27 25.06
N GLY E 241 31.30 33.60 23.86
CA GLY E 241 32.35 32.80 23.17
C GLY E 241 33.72 33.50 23.21
N THR E 242 34.66 32.99 24.00
CA THR E 242 36.03 33.56 23.96
C THR E 242 36.61 33.52 22.56
N GLY E 243 37.62 34.34 22.39
CA GLY E 243 38.51 34.24 21.24
C GLY E 243 39.57 33.31 21.71
N GLY E 244 40.82 33.60 21.36
CA GLY E 244 41.88 32.66 21.66
C GLY E 244 41.90 32.66 23.17
N TYR E 245 42.38 31.56 23.73
CA TYR E 245 42.50 31.47 25.20
C TYR E 245 43.97 31.24 25.58
N THR E 246 44.90 31.97 25.00
CA THR E 246 46.29 31.70 25.37
C THR E 246 47.05 32.98 25.51
N ALA E 247 48.11 32.96 26.32
CA ALA E 247 48.83 34.18 26.61
C ALA E 247 50.05 33.87 27.45
N GLU E 248 51.07 34.69 27.39
CA GLU E 248 52.20 34.51 28.35
C GLU E 248 51.48 34.51 29.71
N VAL E 249 51.84 33.61 30.62
CA VAL E 249 51.29 33.63 31.96
C VAL E 249 51.72 34.85 32.77
N ARG E 250 50.87 35.88 32.97
CA ARG E 250 51.23 37.05 33.92
C ARG E 250 50.11 37.43 34.89
N PRO E 251 50.44 37.87 36.13
CA PRO E 251 49.39 38.21 37.09
C PRO E 251 48.50 39.41 36.71
N ASP E 252 49.04 40.55 36.29
CA ASP E 252 48.13 41.57 35.77
C ASP E 252 47.16 41.12 34.65
N VAL E 253 47.58 40.21 33.78
CA VAL E 253 46.65 39.69 32.75
C VAL E 253 45.59 38.81 33.34
N TYR E 254 45.99 37.98 34.30
CA TYR E 254 45.06 37.05 34.92
C TYR E 254 44.01 37.85 35.71
N SER E 255 44.49 38.88 36.40
CA SER E 255 43.72 39.50 37.45
C SER E 255 42.51 40.23 36.81
N GLY E 256 42.84 41.15 35.88
CA GLY E 256 41.89 41.85 35.00
C GLY E 256 40.93 40.87 34.34
N LEU E 257 41.41 39.72 33.94
CA LEU E 257 40.50 38.86 33.20
C LEU E 257 39.49 38.49 34.27
N SER E 258 39.96 38.21 35.48
CA SER E 258 39.13 37.56 36.52
C SER E 258 38.06 38.55 36.91
N VAL E 259 38.47 39.78 37.13
CA VAL E 259 37.58 40.84 37.64
C VAL E 259 36.44 41.00 36.62
N ALA E 260 36.72 40.70 35.36
CA ALA E 260 35.91 41.22 34.30
C ALA E 260 34.89 40.14 34.13
N LEU E 261 35.28 38.90 34.40
CA LEU E 261 34.41 37.82 33.97
C LEU E 261 33.42 37.85 35.10
N SER E 262 33.93 38.23 36.26
CA SER E 262 33.18 38.12 37.47
C SER E 262 32.24 39.33 37.63
N GLY E 263 32.57 40.46 37.00
CA GLY E 263 31.53 41.39 36.54
C GLY E 263 30.38 40.86 35.65
N CYS E 264 30.47 39.64 35.11
CA CYS E 264 29.37 39.23 34.26
C CYS E 264 28.35 38.44 34.97
N LYS E 265 27.43 39.13 35.62
CA LYS E 265 26.47 38.39 36.46
C LYS E 265 25.47 37.63 35.68
N GLU E 266 25.27 37.92 34.38
CA GLU E 266 24.27 37.08 33.72
C GLU E 266 24.79 35.93 32.81
N LEU E 267 26.06 35.57 32.87
CA LEU E 267 26.57 34.54 31.95
C LEU E 267 25.99 33.22 32.27
N ARG E 268 25.43 32.53 31.28
CA ARG E 268 24.90 31.21 31.49
C ARG E 268 25.64 30.14 30.64
N CYS E 269 26.44 30.59 29.65
CA CYS E 269 26.97 29.78 28.53
C CYS E 269 28.37 30.25 28.20
N LEU E 270 29.37 29.45 28.48
CA LEU E 270 30.74 29.67 27.95
C LEU E 270 31.05 28.70 26.77
N SER E 271 31.80 29.19 25.79
CA SER E 271 32.26 28.30 24.69
C SER E 271 33.52 28.97 24.19
N GLY E 272 34.17 28.43 23.15
CA GLY E 272 35.40 29.10 22.72
C GLY E 272 36.63 28.36 23.21
N PHE E 273 37.55 29.03 23.90
CA PHE E 273 38.71 28.29 24.46
C PHE E 273 39.75 27.70 23.43
N TRP E 274 39.73 28.11 22.16
CA TRP E 274 40.93 27.90 21.32
C TRP E 274 42.30 27.93 22.09
N ASP E 275 43.02 26.79 22.08
CA ASP E 275 44.45 26.83 22.47
C ASP E 275 44.44 27.16 23.92
N ALA E 276 43.40 26.67 24.62
CA ALA E 276 43.19 27.04 25.99
C ALA E 276 44.45 26.68 26.79
N VAL E 277 44.92 27.55 27.69
CA VAL E 277 45.98 27.13 28.58
C VAL E 277 45.63 26.92 30.06
N PRO E 278 45.94 25.71 30.62
CA PRO E 278 45.55 25.42 32.02
C PRO E 278 45.59 26.61 32.99
N ALA E 279 46.58 27.47 32.89
CA ALA E 279 46.84 28.48 33.91
C ALA E 279 45.88 29.70 33.90
N TYR E 280 45.22 29.82 32.77
CA TYR E 280 44.21 30.80 32.63
C TYR E 280 42.71 30.36 32.81
N LEU E 281 42.39 29.06 32.95
CA LEU E 281 40.95 28.71 33.07
C LEU E 281 40.28 29.11 34.35
N PRO E 282 41.05 29.16 35.41
CA PRO E 282 40.36 29.40 36.69
C PRO E 282 39.69 30.80 36.72
N ALA E 283 40.12 31.68 35.80
CA ALA E 283 39.55 33.03 35.68
C ALA E 283 38.07 32.85 35.36
N VAL E 284 37.75 31.71 34.77
CA VAL E 284 36.38 31.40 34.39
C VAL E 284 35.52 30.89 35.63
N TYR E 285 36.13 30.82 36.83
CA TYR E 285 35.45 30.22 37.99
C TYR E 285 34.29 31.01 38.63
N SER E 286 34.49 32.23 39.09
CA SER E 286 33.34 32.98 39.66
C SER E 286 32.05 32.80 38.80
N VAL E 287 32.16 32.69 37.50
CA VAL E 287 30.98 32.67 36.68
C VAL E 287 30.34 31.30 36.60
N CYS E 288 31.00 30.34 37.23
CA CYS E 288 30.85 28.93 36.89
C CYS E 288 29.87 28.30 37.85
N SER E 289 29.39 29.10 38.80
CA SER E 289 28.34 28.68 39.72
C SER E 289 27.00 28.73 39.03
N ARG E 290 26.95 29.47 37.94
CA ARG E 290 25.68 29.80 37.31
C ARG E 290 25.51 29.16 35.94
N LEU E 291 26.59 28.63 35.38
CA LEU E 291 26.60 28.22 33.98
C LEU E 291 25.62 27.09 33.72
N THR E 292 24.75 27.25 32.74
CA THR E 292 24.01 26.08 32.37
C THR E 292 24.51 25.29 31.15
N THR E 293 25.22 26.00 30.25
CA THR E 293 25.88 25.40 29.14
C THR E 293 27.37 25.64 29.11
N LEU E 294 28.14 24.59 28.87
CA LEU E 294 29.57 24.76 28.77
C LEU E 294 30.14 23.94 27.59
N ASN E 295 30.97 24.59 26.75
CA ASN E 295 31.44 24.00 25.50
C ASN E 295 32.92 23.99 25.48
N LEU E 296 33.47 22.83 25.70
CA LEU E 296 34.92 22.79 25.72
C LEU E 296 35.51 21.99 24.55
N SER E 297 34.72 21.70 23.51
CA SER E 297 35.21 21.09 22.21
C SER E 297 36.62 21.43 21.69
N TYR E 298 37.09 22.65 21.92
CA TYR E 298 38.34 23.05 21.34
C TYR E 298 39.38 23.33 22.41
N ALA E 299 39.07 23.07 23.68
CA ALA E 299 40.18 23.12 24.68
C ALA E 299 40.91 21.83 24.58
N THR E 300 42.20 21.84 24.67
CA THR E 300 42.78 20.53 24.70
C THR E 300 43.48 20.23 26.00
N VAL E 301 43.21 21.04 27.00
CA VAL E 301 43.46 20.65 28.37
C VAL E 301 43.16 19.24 28.83
N GLN E 302 43.90 18.84 29.85
CA GLN E 302 43.88 17.54 30.41
C GLN E 302 42.79 17.31 31.50
N SER E 303 42.39 16.05 31.63
CA SER E 303 41.36 15.65 32.57
C SER E 303 41.29 16.46 33.87
N TYR E 304 42.40 16.47 34.59
CA TYR E 304 42.34 17.04 35.91
C TYR E 304 41.96 18.54 35.81
N ASP E 305 42.36 19.21 34.75
CA ASP E 305 42.02 20.61 34.59
C ASP E 305 40.56 20.74 34.32
N LEU E 306 39.97 19.84 33.51
CA LEU E 306 38.55 19.85 33.26
C LEU E 306 37.88 19.63 34.60
N VAL E 307 38.31 18.61 35.35
CA VAL E 307 37.72 18.30 36.63
C VAL E 307 37.67 19.55 37.51
N LYS E 308 38.75 20.28 37.65
CA LYS E 308 38.72 21.37 38.58
C LYS E 308 37.61 22.40 38.13
N LEU E 309 37.26 22.36 36.86
CA LEU E 309 36.40 23.38 36.27
C LEU E 309 35.01 22.88 36.62
N LEU E 310 34.80 21.61 36.28
CA LEU E 310 33.55 20.99 36.37
C LEU E 310 33.03 21.05 37.82
N CYS E 311 33.91 20.79 38.79
CA CYS E 311 33.53 20.84 40.15
C CYS E 311 32.76 22.08 40.51
N GLN E 312 32.78 23.09 39.65
CA GLN E 312 32.33 24.40 40.08
C GLN E 312 31.14 24.82 39.22
N CYS E 313 30.47 23.81 38.66
CA CYS E 313 29.38 24.01 37.73
C CYS E 313 28.21 23.12 38.15
N PRO E 314 27.58 23.44 39.30
CA PRO E 314 26.52 22.65 39.81
C PRO E 314 25.31 22.78 38.95
N LYS E 315 25.16 23.88 38.22
CA LYS E 315 23.87 23.98 37.53
C LYS E 315 23.87 23.45 36.09
N LEU E 316 24.92 22.76 35.70
CA LEU E 316 25.24 22.61 34.29
C LEU E 316 24.18 21.72 33.65
N GLN E 317 23.51 22.11 32.55
CA GLN E 317 22.57 21.21 31.92
C GLN E 317 23.09 20.54 30.65
N ARG E 318 24.19 21.06 30.12
CA ARG E 318 24.73 20.70 28.79
C ARG E 318 26.28 20.82 28.78
N LEU E 319 26.97 19.70 28.59
CA LEU E 319 28.42 19.77 28.50
C LEU E 319 28.89 19.17 27.15
N TRP E 320 29.69 19.93 26.43
CA TRP E 320 30.36 19.47 25.22
C TRP E 320 31.87 19.54 25.61
N VAL E 321 32.60 18.42 25.47
CA VAL E 321 34.04 18.32 25.90
C VAL E 321 34.79 17.35 25.02
N LEU E 322 36.12 17.54 24.89
CA LEU E 322 37.00 16.45 24.40
C LEU E 322 36.94 15.19 25.24
N ASP E 323 37.12 14.04 24.58
CA ASP E 323 37.46 12.82 25.31
C ASP E 323 38.60 12.91 26.32
N TYR E 324 39.42 13.96 26.24
CA TYR E 324 40.50 14.17 27.20
C TYR E 324 39.99 14.06 28.63
N ILE E 325 38.82 14.64 28.87
CA ILE E 325 37.88 14.08 29.82
C ILE E 325 37.76 12.57 29.66
N GLU E 326 38.44 11.83 30.54
CA GLU E 326 38.41 10.37 30.49
C GLU E 326 37.40 9.82 31.50
N ASP E 327 37.32 8.49 31.57
CA ASP E 327 36.54 7.83 32.61
C ASP E 327 36.49 8.60 34.00
N ALA E 328 37.61 8.86 34.65
CA ALA E 328 37.64 9.38 36.02
C ALA E 328 36.97 10.76 36.04
N GLY E 329 37.19 11.47 34.94
CA GLY E 329 36.75 12.84 34.76
C GLY E 329 35.23 12.77 34.72
N LEU E 330 34.66 11.78 34.01
CA LEU E 330 33.17 11.78 33.89
C LEU E 330 32.54 11.26 35.16
N GLU E 331 33.29 10.55 35.98
CA GLU E 331 32.78 10.02 37.22
C GLU E 331 32.60 11.25 38.12
N VAL E 332 33.47 12.25 37.99
CA VAL E 332 33.31 13.44 38.82
C VAL E 332 32.07 14.16 38.33
N LEU E 333 31.96 14.21 37.04
CA LEU E 333 30.84 14.84 36.43
C LEU E 333 29.54 14.26 37.03
N ALA E 334 29.49 12.95 37.07
CA ALA E 334 28.28 12.20 37.28
C ALA E 334 27.91 12.56 38.72
N SER E 335 28.90 12.90 39.51
CA SER E 335 28.60 13.14 40.83
C SER E 335 28.28 14.62 41.22
N THR E 336 28.83 15.62 40.53
CA THR E 336 28.52 17.01 40.74
C THR E 336 27.37 17.65 39.89
N CYS E 337 26.94 17.08 38.78
CA CYS E 337 26.01 17.84 37.93
C CYS E 337 24.68 17.19 37.79
N LYS E 338 23.80 17.33 38.78
CA LYS E 338 22.74 16.36 38.83
C LYS E 338 21.68 16.94 37.94
N ASP E 339 21.89 18.16 37.46
CA ASP E 339 20.91 18.66 36.51
C ASP E 339 21.22 18.39 35.02
N LEU E 340 22.34 17.70 34.70
CA LEU E 340 22.68 17.35 33.29
C LEU E 340 21.60 16.80 32.45
N ARG E 341 21.30 17.48 31.35
CA ARG E 341 20.44 16.85 30.29
C ARG E 341 21.17 16.23 29.05
N GLU E 342 22.36 16.74 28.78
CA GLU E 342 22.93 16.62 27.45
C GLU E 342 24.42 16.50 27.67
N LEU E 343 24.97 15.39 27.17
CA LEU E 343 26.43 15.14 27.21
C LEU E 343 27.00 14.86 25.84
N ARG E 344 27.94 15.72 25.45
CA ARG E 344 28.71 15.36 24.20
C ARG E 344 30.22 15.19 24.46
N VAL E 345 30.70 14.00 24.12
CA VAL E 345 32.21 13.74 24.10
C VAL E 345 32.83 13.50 22.71
N PHE E 346 33.65 14.44 22.31
CA PHE E 346 34.28 14.37 21.03
C PHE E 346 35.66 13.78 21.15
N PRO E 347 36.12 13.15 20.07
CA PRO E 347 37.45 12.53 20.03
C PRO E 347 38.57 13.51 19.73
N SER E 348 39.60 13.47 20.54
CA SER E 348 40.76 14.31 20.31
C SER E 348 41.55 13.92 19.09
N GLU E 349 41.74 12.62 18.90
CA GLU E 349 42.35 12.14 17.69
C GLU E 349 41.45 11.12 17.03
N PRO E 350 40.41 11.56 16.33
CA PRO E 350 39.59 10.54 15.67
C PRO E 350 40.34 9.75 14.58
N PHE E 351 41.52 10.18 14.16
CA PHE E 351 42.15 9.52 13.02
C PHE E 351 43.29 8.59 13.37
N VAL E 352 43.44 8.34 14.66
CA VAL E 352 44.44 7.42 15.17
C VAL E 352 43.72 6.20 15.74
N MET E 353 44.13 5.01 15.35
CA MET E 353 43.40 3.82 15.75
C MET E 353 43.50 3.54 17.25
N GLU E 354 44.67 3.74 17.83
CA GLU E 354 44.91 3.39 19.21
C GLU E 354 44.65 4.53 20.16
N PRO E 355 43.93 4.20 21.23
CA PRO E 355 43.46 5.17 22.23
C PRO E 355 44.61 5.96 22.76
N ASN E 356 44.57 7.28 22.58
CA ASN E 356 45.54 8.24 23.16
C ASN E 356 45.03 8.56 24.51
N VAL E 357 43.96 7.93 24.98
CA VAL E 357 43.27 8.53 26.14
C VAL E 357 42.49 7.47 26.93
N ALA E 358 42.46 7.51 28.27
CA ALA E 358 41.61 6.55 29.04
C ALA E 358 40.07 6.85 29.01
N LEU E 359 39.39 6.66 27.87
CA LEU E 359 37.99 7.01 27.87
C LEU E 359 37.24 5.90 27.21
N THR E 360 36.31 5.26 27.94
CA THR E 360 35.78 3.91 27.51
C THR E 360 34.27 3.80 27.76
N GLU E 361 33.65 2.62 27.58
CA GLU E 361 32.24 2.43 28.09
C GLU E 361 32.03 3.03 29.42
N GLN E 362 33.01 3.04 30.30
CA GLN E 362 32.72 3.22 31.70
C GLN E 362 32.27 4.68 32.03
N GLY E 363 32.99 5.71 31.54
CA GLY E 363 32.50 7.12 31.53
C GLY E 363 30.98 7.20 31.29
N LEU E 364 30.51 6.59 30.21
CA LEU E 364 29.14 6.78 29.89
C LEU E 364 28.19 6.05 30.85
N VAL E 365 28.47 4.77 31.15
CA VAL E 365 27.89 4.11 32.36
C VAL E 365 27.81 5.04 33.60
N SER E 366 28.93 5.59 34.04
CA SER E 366 28.88 6.44 35.23
C SER E 366 27.83 7.52 35.11
N VAL E 367 27.90 8.26 34.02
CA VAL E 367 27.14 9.45 33.87
C VAL E 367 25.65 9.02 33.71
N SER E 368 25.46 7.84 33.17
CA SER E 368 24.15 7.18 33.06
C SER E 368 23.51 7.04 34.40
N MET E 369 24.28 6.67 35.44
CA MET E 369 23.61 6.26 36.66
C MET E 369 23.73 7.43 37.56
N GLY E 370 24.60 8.40 37.30
CA GLY E 370 24.71 9.52 38.21
C GLY E 370 23.84 10.70 37.81
N CYS E 371 23.29 10.66 36.58
CA CYS E 371 22.58 11.86 36.08
C CYS E 371 21.08 11.64 35.80
N PRO E 372 20.20 11.87 36.78
CA PRO E 372 18.83 11.34 36.54
C PRO E 372 18.12 12.03 35.38
N LYS E 373 18.57 13.20 34.94
CA LYS E 373 18.04 13.74 33.68
C LYS E 373 18.84 13.73 32.41
N LEU E 374 19.98 12.98 32.31
CA LEU E 374 20.55 12.69 30.94
C LEU E 374 19.46 12.18 30.04
N GLU E 375 19.19 12.97 29.00
CA GLU E 375 18.24 12.49 27.98
C GLU E 375 18.91 12.44 26.60
N SER E 376 20.04 13.15 26.51
CA SER E 376 20.76 13.40 25.23
C SER E 376 22.26 13.05 25.25
N VAL E 377 22.63 12.04 24.45
CA VAL E 377 24.04 11.60 24.45
C VAL E 377 24.69 11.59 23.07
N LEU E 378 25.82 12.25 22.94
CA LEU E 378 26.66 11.98 21.78
C LEU E 378 28.03 11.59 22.28
N TYR E 379 28.47 10.38 21.97
CA TYR E 379 29.70 9.87 22.62
C TYR E 379 30.64 9.14 21.57
N PHE E 380 31.87 9.61 21.44
CA PHE E 380 32.88 8.87 20.58
C PHE E 380 33.83 8.12 21.49
N CYS E 381 33.90 6.79 21.42
CA CYS E 381 34.97 6.03 22.08
C CYS E 381 35.54 4.88 21.14
N ARG E 382 36.50 4.14 21.66
CA ARG E 382 37.08 3.03 20.89
C ARG E 382 36.63 1.65 21.25
N GLN E 383 35.79 1.53 22.29
CA GLN E 383 35.41 0.16 22.73
C GLN E 383 34.01 0.27 23.41
N MET E 384 33.28 -0.83 23.43
CA MET E 384 31.96 -0.84 24.01
C MET E 384 31.57 -2.28 24.31
N THR E 385 30.65 -2.49 25.27
CA THR E 385 30.06 -3.85 25.55
C THR E 385 28.54 -3.83 25.61
N ASN E 386 27.94 -4.96 25.25
CA ASN E 386 26.55 -5.22 25.51
C ASN E 386 26.21 -4.96 26.97
N ALA E 387 27.03 -5.41 27.90
CA ALA E 387 26.73 -5.12 29.31
C ALA E 387 26.65 -3.61 29.60
N ALA E 388 27.50 -2.77 29.06
CA ALA E 388 27.45 -1.36 29.35
C ALA E 388 26.23 -0.75 28.66
N LEU E 389 25.90 -1.22 27.47
CA LEU E 389 24.70 -0.75 26.81
C LEU E 389 23.41 -1.05 27.55
N ILE E 390 23.24 -2.28 28.03
CA ILE E 390 22.05 -2.59 28.79
C ILE E 390 21.98 -1.99 30.17
N THR E 391 23.13 -1.69 30.75
CA THR E 391 23.16 -0.88 31.96
C THR E 391 22.78 0.58 31.74
N ILE E 392 23.35 1.22 30.72
CA ILE E 392 22.88 2.50 30.30
C ILE E 392 21.33 2.50 30.05
N ALA E 393 20.78 1.46 29.43
CA ALA E 393 19.42 1.49 28.98
C ALA E 393 18.51 1.32 30.19
N ARG E 394 18.83 0.37 31.07
CA ARG E 394 18.12 0.24 32.36
C ARG E 394 18.10 1.49 33.24
N ASN E 395 19.24 2.11 33.50
CA ASN E 395 19.29 3.37 34.22
C ASN E 395 18.60 4.60 33.63
N ARG E 396 18.51 4.70 32.31
CA ARG E 396 18.09 5.94 31.64
C ARG E 396 16.89 5.78 30.64
N PRO E 397 15.81 5.24 31.15
CA PRO E 397 14.81 4.83 30.19
C PRO E 397 14.10 6.07 29.72
N ASN E 398 14.56 7.20 30.27
CA ASN E 398 14.09 8.50 29.79
C ASN E 398 14.91 9.05 28.62
N MET E 399 15.99 8.35 28.20
CA MET E 399 16.79 8.81 27.00
C MET E 399 15.97 9.14 25.73
N THR E 400 16.32 10.26 25.12
CA THR E 400 15.60 10.77 23.93
C THR E 400 16.33 10.69 22.59
N ARG E 401 17.58 11.10 22.67
CA ARG E 401 18.57 11.17 21.58
C ARG E 401 19.85 10.38 22.04
N PHE E 402 20.11 9.25 21.42
CA PHE E 402 21.28 8.47 21.81
C PHE E 402 22.25 8.25 20.60
N ARG E 403 23.40 8.87 20.64
CA ARG E 403 24.33 8.77 19.48
C ARG E 403 25.70 8.17 19.92
N LEU E 404 26.01 6.98 19.44
CA LEU E 404 27.21 6.35 19.97
C LEU E 404 28.18 5.85 18.89
N CYS E 405 29.33 6.46 18.78
CA CYS E 405 30.05 6.22 17.55
C CYS E 405 31.43 5.56 17.95
N ILE E 406 31.57 4.25 17.69
CA ILE E 406 32.74 3.48 18.04
C ILE E 406 33.62 3.61 16.82
N ILE E 407 34.82 4.09 17.06
CA ILE E 407 35.71 4.55 16.02
C ILE E 407 36.19 3.46 15.06
N GLU E 408 36.33 2.21 15.46
CA GLU E 408 36.76 1.16 14.42
C GLU E 408 35.45 0.61 13.90
N PRO E 409 35.27 0.61 12.58
CA PRO E 409 34.05 0.04 11.92
C PRO E 409 33.13 -1.08 12.40
N LYS E 410 33.66 -2.25 12.61
CA LYS E 410 32.74 -3.32 12.94
C LYS E 410 33.30 -3.95 14.22
N ALA E 411 33.83 -3.12 15.11
CA ALA E 411 34.33 -3.56 16.37
C ALA E 411 33.30 -4.39 17.11
N PRO E 412 33.62 -5.62 17.53
CA PRO E 412 32.72 -6.33 18.45
C PRO E 412 32.76 -5.85 19.90
N ASP E 413 31.85 -6.37 20.74
CA ASP E 413 32.03 -6.31 22.20
C ASP E 413 33.46 -6.80 22.46
N TYR E 414 34.26 -5.96 23.08
CA TYR E 414 35.61 -6.35 23.27
C TYR E 414 35.91 -7.38 24.39
N LEU E 415 34.95 -7.62 25.28
CA LEU E 415 35.08 -8.69 26.32
C LEU E 415 34.55 -10.00 25.76
N THR E 416 33.63 -9.90 24.83
CA THR E 416 32.73 -11.00 24.58
C THR E 416 32.82 -11.39 23.11
N LEU E 417 33.18 -10.41 22.26
CA LEU E 417 33.51 -10.64 20.84
C LEU E 417 32.22 -10.90 20.12
N GLU E 418 31.14 -10.77 20.86
CA GLU E 418 29.85 -10.70 20.16
C GLU E 418 29.41 -9.41 19.42
N PRO E 419 28.46 -9.52 18.51
CA PRO E 419 27.94 -8.28 17.94
C PRO E 419 27.26 -7.54 19.05
N LEU E 420 27.15 -6.21 18.90
CA LEU E 420 26.48 -5.37 19.87
C LEU E 420 24.91 -5.34 19.70
N ASP E 421 24.37 -6.33 19.02
CA ASP E 421 22.95 -6.41 18.77
C ASP E 421 22.12 -6.26 20.03
N ILE E 422 22.44 -7.01 21.07
CA ILE E 422 21.56 -7.05 22.22
C ILE E 422 21.69 -5.77 22.99
N GLY E 423 22.87 -5.18 22.91
CA GLY E 423 23.16 -3.95 23.57
C GLY E 423 22.36 -2.79 23.07
N PHE E 424 22.13 -2.71 21.76
CA PHE E 424 21.52 -1.54 21.23
C PHE E 424 20.10 -2.04 21.23
N GLY E 425 19.89 -3.31 21.00
CA GLY E 425 18.53 -3.84 21.30
C GLY E 425 17.99 -3.31 22.64
N ALA E 426 18.83 -3.18 23.65
CA ALA E 426 18.29 -2.89 24.95
C ALA E 426 17.97 -1.34 24.97
N ILE E 427 18.81 -0.54 24.34
CA ILE E 427 18.58 0.82 24.33
C ILE E 427 17.21 1.13 23.75
N VAL E 428 16.77 0.38 22.75
CA VAL E 428 15.59 0.80 21.96
C VAL E 428 14.38 0.11 22.67
N GLU E 429 14.66 -1.01 23.35
CA GLU E 429 13.57 -1.66 24.11
C GLU E 429 13.25 -0.77 25.33
N HIS E 430 14.30 -0.28 26.00
CA HIS E 430 14.07 0.39 27.27
C HIS E 430 13.71 1.89 27.12
N CYS E 431 14.16 2.62 26.09
CA CYS E 431 13.95 4.07 26.02
C CYS E 431 12.84 4.33 25.05
N LYS E 432 11.62 4.23 25.52
CA LYS E 432 10.43 4.09 24.69
C LYS E 432 10.23 5.39 23.98
N ASP E 433 10.76 6.46 24.58
CA ASP E 433 10.71 7.72 23.90
C ASP E 433 11.96 8.08 23.09
N LEU E 434 12.77 7.12 22.73
CA LEU E 434 13.93 7.51 21.92
C LEU E 434 13.48 8.07 20.57
N ARG E 435 13.88 9.30 20.27
CA ARG E 435 13.48 9.80 18.95
C ARG E 435 14.66 9.84 17.90
N ARG E 436 15.90 9.72 18.42
CA ARG E 436 17.13 9.69 17.63
C ARG E 436 18.16 8.68 18.05
N LEU E 437 18.63 7.91 17.07
CA LEU E 437 19.59 6.82 17.26
C LEU E 437 20.67 6.89 16.11
N SER E 438 21.95 6.99 16.52
CA SER E 438 23.13 6.60 15.64
C SER E 438 23.81 5.47 16.36
N LEU E 439 23.91 4.28 15.72
CA LEU E 439 24.74 3.15 16.22
C LEU E 439 25.86 2.70 15.25
N SER E 440 26.60 1.67 15.66
CA SER E 440 28.10 1.62 15.54
C SER E 440 28.55 0.23 16.03
N GLY E 441 29.73 -0.26 15.62
CA GLY E 441 30.21 -1.62 16.01
C GLY E 441 29.68 -2.81 15.22
N LEU E 442 30.13 -4.00 15.56
CA LEU E 442 29.69 -5.15 14.79
C LEU E 442 28.13 -5.26 14.94
N LEU E 443 27.38 -5.37 13.84
CA LEU E 443 25.94 -5.46 14.03
C LEU E 443 25.32 -6.24 12.95
N THR E 444 24.44 -7.19 13.33
CA THR E 444 23.84 -8.09 12.36
C THR E 444 22.36 -7.74 12.12
N ASP E 445 21.72 -8.41 11.16
CA ASP E 445 20.33 -8.11 10.87
C ASP E 445 19.59 -8.05 12.22
N LYS E 446 20.00 -8.77 13.23
CA LYS E 446 19.25 -8.73 14.48
C LYS E 446 18.97 -7.33 15.05
N VAL E 447 20.00 -6.51 15.14
CA VAL E 447 19.76 -5.19 15.73
C VAL E 447 18.60 -4.46 15.07
N PHE E 448 18.45 -4.71 13.79
CA PHE E 448 17.57 -3.95 12.95
C PHE E 448 16.21 -4.52 13.29
N GLU E 449 16.15 -5.82 13.50
CA GLU E 449 14.94 -6.43 13.94
C GLU E 449 14.38 -5.80 15.23
N TYR E 450 15.27 -5.49 16.17
CA TYR E 450 14.87 -4.91 17.44
C TYR E 450 14.52 -3.51 17.13
N ILE E 451 15.33 -2.80 16.37
CA ILE E 451 14.93 -1.44 16.09
C ILE E 451 13.50 -1.44 15.55
N GLY E 452 13.17 -2.41 14.72
CA GLY E 452 11.88 -2.41 14.04
C GLY E 452 10.72 -2.70 14.99
N THR E 453 10.94 -3.62 15.92
CA THR E 453 9.95 -3.89 16.92
C THR E 453 9.90 -2.97 18.15
N TYR E 454 10.92 -2.25 18.51
CA TYR E 454 10.85 -1.49 19.69
C TYR E 454 11.00 -0.03 19.49
N ALA E 455 11.61 0.46 18.38
CA ALA E 455 11.85 1.92 18.34
C ALA E 455 10.69 2.68 17.63
N LYS E 456 9.48 2.57 18.19
CA LYS E 456 8.23 3.21 17.64
C LYS E 456 8.25 4.73 17.64
N LYS E 457 9.21 5.37 18.25
CA LYS E 457 8.99 6.74 18.50
C LYS E 457 10.09 7.36 17.79
N MET E 458 10.86 6.46 17.18
CA MET E 458 12.12 6.94 16.64
C MET E 458 12.02 7.69 15.27
N GLU E 459 12.66 8.83 15.21
CA GLU E 459 12.57 9.67 14.05
C GLU E 459 13.76 9.72 13.05
N MET E 460 14.97 9.81 13.57
CA MET E 460 16.15 9.90 12.76
C MET E 460 17.05 8.72 13.20
N LEU E 461 17.39 7.83 12.27
CA LEU E 461 18.25 6.70 12.47
C LEU E 461 19.48 6.89 11.42
N SER E 462 20.72 6.93 11.95
CA SER E 462 22.00 6.84 11.23
C SER E 462 22.72 5.57 11.42
N VAL E 463 23.16 4.99 10.31
CA VAL E 463 23.85 3.75 10.39
C VAL E 463 24.95 3.50 9.33
N ALA E 464 26.03 2.73 9.68
CA ALA E 464 27.27 2.51 8.84
C ALA E 464 27.82 1.09 9.04
N PHE E 465 28.18 0.35 8.00
CA PHE E 465 29.01 -0.82 8.19
C PHE E 465 28.28 -1.80 9.02
N ALA E 466 27.06 -2.12 8.61
CA ALA E 466 26.26 -2.83 9.57
C ALA E 466 25.21 -3.64 8.85
N GLY E 467 24.76 -4.76 9.46
CA GLY E 467 23.62 -5.58 8.96
C GLY E 467 24.16 -6.67 8.04
N ASP E 468 23.31 -7.58 7.58
CA ASP E 468 23.72 -8.68 6.75
C ASP E 468 22.93 -8.84 5.48
N SER E 469 21.75 -8.24 5.40
CA SER E 469 21.00 -8.37 4.12
C SER E 469 19.84 -7.39 4.04
N ASP E 470 19.00 -7.51 2.99
CA ASP E 470 17.86 -6.56 2.86
C ASP E 470 16.91 -6.74 4.11
N LEU E 471 16.81 -7.95 4.67
CA LEU E 471 16.02 -8.17 5.89
C LEU E 471 16.21 -6.99 6.91
N GLY E 472 17.45 -6.57 7.09
CA GLY E 472 17.66 -5.52 8.04
C GLY E 472 16.97 -4.21 7.72
N MET E 473 17.07 -3.76 6.47
CA MET E 473 16.57 -2.41 6.25
C MET E 473 15.06 -2.64 6.22
N HIS E 474 14.68 -3.84 5.91
CA HIS E 474 13.24 -4.08 5.86
C HIS E 474 12.55 -3.89 7.20
N HIS E 475 12.99 -4.61 8.26
CA HIS E 475 12.43 -4.40 9.62
C HIS E 475 12.39 -2.93 9.98
N VAL E 476 13.31 -2.13 9.48
CA VAL E 476 13.27 -0.79 9.88
C VAL E 476 12.14 -0.01 9.18
N LEU E 477 12.07 -0.10 7.88
CA LEU E 477 11.04 0.60 7.14
C LEU E 477 9.68 0.03 7.57
N SER E 478 9.55 -1.25 7.81
CA SER E 478 8.30 -1.70 8.21
C SER E 478 7.86 -1.52 9.71
N GLY E 479 8.79 -1.39 10.65
CA GLY E 479 8.41 -1.38 12.07
C GLY E 479 8.40 0.04 12.62
N CYS E 480 9.11 0.95 11.97
CA CYS E 480 9.37 2.21 12.52
C CYS E 480 8.41 3.28 12.34
N ASP E 481 7.24 3.11 12.93
CA ASP E 481 6.13 4.10 12.79
C ASP E 481 6.56 5.56 12.73
N SER E 482 7.50 6.00 13.45
CA SER E 482 7.70 7.43 13.36
C SER E 482 8.91 7.91 12.54
N LEU E 483 9.49 7.05 11.70
CA LEU E 483 10.72 7.43 10.98
C LEU E 483 10.50 8.65 10.14
N ARG E 484 11.41 9.62 10.25
CA ARG E 484 11.29 10.80 9.37
C ARG E 484 12.54 10.86 8.44
N LYS E 485 13.71 10.50 8.97
CA LYS E 485 14.97 10.57 8.21
C LYS E 485 15.79 9.27 8.43
N LEU E 486 16.09 8.56 7.36
CA LEU E 486 16.90 7.30 7.41
C LEU E 486 18.18 7.63 6.62
N GLU E 487 19.35 7.38 7.21
CA GLU E 487 20.61 7.66 6.53
C GLU E 487 21.65 6.56 6.78
N ILE E 488 22.13 5.94 5.67
CA ILE E 488 22.70 4.63 5.70
C ILE E 488 23.86 4.67 4.75
N ARG E 489 25.01 4.33 5.31
CA ARG E 489 26.22 4.06 4.55
C ARG E 489 26.80 2.62 4.66
N ASP E 490 27.28 2.09 3.53
CA ASP E 490 28.17 0.92 3.53
C ASP E 490 27.56 -0.30 4.24
N CYS E 491 26.34 -0.67 3.81
CA CYS E 491 25.55 -1.72 4.45
C CYS E 491 25.04 -2.54 3.32
N PRO E 492 24.83 -3.84 3.55
CA PRO E 492 24.28 -4.70 2.48
C PRO E 492 22.77 -4.58 2.34
N PHE E 493 22.35 -3.36 2.06
CA PHE E 493 20.96 -3.10 1.88
C PHE E 493 20.84 -2.69 0.41
N GLY E 494 19.80 -3.15 -0.24
CA GLY E 494 19.71 -2.92 -1.69
C GLY E 494 18.25 -2.91 -2.12
N ASP E 495 17.90 -3.76 -3.04
CA ASP E 495 16.81 -3.50 -3.95
C ASP E 495 15.57 -4.00 -3.25
N LYS E 496 15.68 -5.19 -2.68
CA LYS E 496 14.51 -5.93 -2.22
C LYS E 496 13.81 -5.15 -1.07
N ALA E 497 14.58 -4.59 -0.13
CA ALA E 497 13.99 -3.95 0.99
C ALA E 497 13.42 -2.61 0.46
N LEU E 498 14.04 -2.10 -0.60
CA LEU E 498 13.76 -0.71 -0.88
C LEU E 498 12.38 -0.74 -1.55
N LEU E 499 12.28 -1.57 -2.57
CA LEU E 499 11.08 -1.55 -3.33
C LEU E 499 9.92 -2.08 -2.48
N ALA E 500 10.20 -2.87 -1.45
CA ALA E 500 9.12 -3.63 -0.82
C ALA E 500 8.42 -2.68 0.16
N ASN E 501 9.01 -1.53 0.35
CA ASN E 501 8.46 -0.65 1.32
C ASN E 501 8.56 0.66 0.61
N ALA E 502 8.31 0.70 -0.69
CA ALA E 502 8.35 2.00 -1.40
C ALA E 502 7.37 3.05 -0.73
N SER E 503 6.15 2.58 -0.53
CA SER E 503 5.16 3.55 -0.14
C SER E 503 5.49 4.10 1.27
N LYS E 504 6.23 3.39 2.18
CA LYS E 504 6.74 4.13 3.42
C LYS E 504 7.37 5.47 3.13
N LEU E 505 7.96 5.58 1.93
CA LEU E 505 9.00 6.58 1.73
C LEU E 505 8.30 7.97 1.58
N GLU E 506 7.07 7.92 0.98
CA GLU E 506 5.96 8.91 1.22
C GLU E 506 5.70 9.52 2.61
N THR E 507 6.11 8.84 3.69
CA THR E 507 5.80 9.29 5.03
C THR E 507 6.99 9.84 5.75
N MET E 508 8.12 9.94 5.04
CA MET E 508 9.42 10.34 5.64
C MET E 508 9.94 11.60 4.92
N ARG E 509 10.75 12.45 5.58
CA ARG E 509 11.52 13.51 4.88
C ARG E 509 12.40 12.95 3.79
N SER E 510 13.29 12.01 4.09
CA SER E 510 14.17 11.45 3.06
C SER E 510 14.81 10.13 3.47
N LEU E 511 15.33 9.36 2.51
CA LEU E 511 16.10 8.09 2.78
C LEU E 511 17.40 8.43 2.07
N TRP E 512 18.53 8.56 2.78
CA TRP E 512 19.90 8.54 2.10
C TRP E 512 20.56 7.15 2.15
N MET E 513 21.07 6.65 1.01
CA MET E 513 21.80 5.36 0.94
C MET E 513 23.10 5.47 0.11
N SER E 514 24.24 5.41 0.77
CA SER E 514 25.50 5.48 0.07
C SER E 514 26.40 4.26 0.24
N SER E 515 27.02 3.85 -0.85
CA SER E 515 27.84 2.65 -0.87
C SER E 515 27.11 1.43 -0.39
N CYS E 516 25.91 1.25 -0.89
CA CYS E 516 25.12 0.11 -0.52
C CYS E 516 24.95 -0.75 -1.76
N SER E 517 23.92 -1.59 -1.79
CA SER E 517 23.73 -2.45 -2.91
C SER E 517 22.55 -2.10 -3.77
N VAL E 518 22.23 -0.82 -3.96
CA VAL E 518 21.07 -0.49 -4.74
C VAL E 518 21.42 -0.38 -6.21
N SER E 519 20.83 -1.24 -7.06
CA SER E 519 21.04 -1.17 -8.52
C SER E 519 20.46 0.10 -9.10
N PHE E 520 21.13 0.75 -10.06
CA PHE E 520 20.45 1.71 -10.91
C PHE E 520 19.08 1.21 -11.47
N GLY E 521 18.98 -0.08 -11.74
CA GLY E 521 17.74 -0.68 -12.25
C GLY E 521 16.64 -0.40 -11.20
N ALA E 522 16.93 -0.60 -9.92
CA ALA E 522 15.93 -0.33 -8.92
C ALA E 522 15.66 1.16 -8.72
N CYS E 523 16.68 2.03 -8.75
CA CYS E 523 16.38 3.44 -8.81
C CYS E 523 15.38 3.75 -9.97
N LYS E 524 15.48 3.05 -11.11
CA LYS E 524 14.62 3.43 -12.24
C LYS E 524 13.19 3.04 -11.91
N LEU E 525 12.93 1.79 -11.48
CA LEU E 525 11.57 1.33 -11.17
C LEU E 525 10.94 2.14 -10.06
N LEU E 526 11.72 2.35 -9.00
CA LEU E 526 11.22 3.14 -7.88
C LEU E 526 10.66 4.46 -8.34
N GLY E 527 11.43 5.18 -9.17
CA GLY E 527 10.98 6.35 -9.91
C GLY E 527 9.65 6.25 -10.64
N GLN E 528 9.35 5.10 -11.22
CA GLN E 528 8.22 5.01 -12.11
C GLN E 528 7.12 4.68 -11.09
N LYS E 529 7.43 3.89 -10.03
CA LYS E 529 6.37 3.57 -9.05
C LYS E 529 5.90 4.83 -8.34
N MET E 530 6.83 5.72 -7.98
CA MET E 530 6.63 6.77 -6.97
C MET E 530 6.87 8.11 -7.58
N PRO E 531 6.01 8.45 -8.50
CA PRO E 531 6.25 9.74 -9.14
C PRO E 531 6.36 10.92 -8.15
N LYS E 532 5.91 10.82 -6.90
CA LYS E 532 6.00 12.04 -6.04
C LYS E 532 7.19 12.04 -5.13
N LEU E 533 8.05 11.03 -5.33
CA LEU E 533 9.45 11.09 -4.83
C LEU E 533 10.17 11.58 -6.02
N ASN E 534 11.06 12.52 -5.84
CA ASN E 534 12.40 12.59 -6.39
C ASN E 534 13.51 11.54 -5.90
N VAL E 535 13.78 10.56 -6.74
CA VAL E 535 14.76 9.53 -6.48
C VAL E 535 16.08 9.90 -7.17
N GLU E 536 17.03 10.52 -6.47
CA GLU E 536 18.20 11.14 -7.11
C GLU E 536 19.45 10.28 -6.96
N VAL E 537 19.88 9.70 -8.11
CA VAL E 537 21.11 8.90 -8.27
C VAL E 537 22.29 9.90 -8.40
N ILE E 538 23.39 9.69 -7.64
CA ILE E 538 24.38 10.76 -7.38
C ILE E 538 25.72 10.06 -7.44
N ASP E 539 26.37 10.19 -8.59
CA ASP E 539 27.34 9.13 -9.04
C ASP E 539 28.39 9.73 -9.94
N GLU E 540 29.60 9.85 -9.46
CA GLU E 540 30.58 10.54 -10.29
C GLU E 540 31.26 9.70 -11.43
N ARG E 541 30.73 8.53 -11.77
CA ARG E 541 31.36 7.73 -12.82
C ARG E 541 30.79 8.00 -14.22
N GLY E 542 30.04 9.08 -14.42
CA GLY E 542 29.45 9.26 -15.75
C GLY E 542 28.12 8.53 -15.94
N ALA E 543 27.61 8.53 -17.15
CA ALA E 543 26.20 8.21 -17.36
C ALA E 543 25.93 6.82 -16.75
N PRO E 544 24.87 6.66 -15.95
CA PRO E 544 24.52 5.31 -15.46
C PRO E 544 24.16 4.22 -16.46
N ASP E 545 23.78 4.57 -17.71
CA ASP E 545 23.65 3.56 -18.79
C ASP E 545 24.98 3.00 -19.19
N SER E 546 26.06 3.69 -18.83
CA SER E 546 27.47 3.29 -19.15
C SER E 546 27.69 1.90 -18.50
N ARG E 547 26.89 1.60 -17.47
CA ARG E 547 27.08 0.39 -16.71
C ARG E 547 25.76 -0.30 -16.93
N PRO E 548 25.71 -1.60 -16.65
CA PRO E 548 24.51 -2.42 -16.65
C PRO E 548 23.48 -2.03 -15.54
N GLU E 549 22.20 -2.32 -15.81
CA GLU E 549 21.10 -1.85 -14.96
C GLU E 549 21.47 -2.35 -13.54
N SER E 550 22.33 -3.38 -13.51
CA SER E 550 22.42 -4.15 -12.33
C SER E 550 23.41 -3.66 -11.33
N CYS E 551 24.15 -2.64 -11.67
CA CYS E 551 25.35 -2.36 -10.99
C CYS E 551 24.94 -1.30 -9.97
N PRO E 552 25.47 -1.41 -8.73
CA PRO E 552 25.04 -0.45 -7.72
C PRO E 552 25.47 0.95 -7.99
N VAL E 553 24.58 1.93 -7.73
CA VAL E 553 24.93 3.32 -7.83
C VAL E 553 25.80 3.65 -6.59
N GLU E 554 26.53 4.75 -6.69
CA GLU E 554 27.32 5.27 -5.57
C GLU E 554 26.42 5.83 -4.42
N ARG E 555 25.38 6.62 -4.74
CA ARG E 555 24.47 7.07 -3.72
C ARG E 555 23.14 7.25 -4.38
N VAL E 556 22.07 6.88 -3.66
CA VAL E 556 20.77 7.40 -3.85
C VAL E 556 20.27 8.24 -2.67
N PHE E 557 19.67 9.37 -3.00
CA PHE E 557 19.00 10.22 -2.06
C PHE E 557 17.56 10.36 -2.60
N ILE E 558 16.57 10.08 -1.73
CA ILE E 558 15.16 9.93 -2.10
C ILE E 558 14.31 10.75 -1.11
N TYR E 559 13.38 11.56 -1.60
CA TYR E 559 12.67 12.54 -0.73
C TYR E 559 11.35 12.91 -1.41
N ARG E 560 10.25 12.90 -0.64
CA ARG E 560 8.90 13.13 -1.21
C ARG E 560 8.91 14.64 -1.53
N THR E 561 8.20 15.10 -2.54
CA THR E 561 8.22 16.56 -2.80
C THR E 561 6.91 17.04 -3.48
N VAL E 562 6.51 18.30 -3.35
CA VAL E 562 5.31 18.70 -4.19
C VAL E 562 5.67 19.43 -5.53
N ALA E 563 6.94 19.82 -5.64
CA ALA E 563 7.45 20.56 -6.74
C ALA E 563 8.00 19.67 -7.89
N GLY E 564 7.98 18.36 -7.76
CA GLY E 564 8.51 17.59 -8.81
C GLY E 564 10.04 17.76 -8.86
N PRO E 565 10.65 17.14 -9.91
CA PRO E 565 12.11 17.22 -10.16
C PRO E 565 12.61 18.66 -10.12
N ARG E 566 13.80 18.87 -9.58
CA ARG E 566 14.37 20.19 -9.44
C ARG E 566 15.12 20.65 -10.70
N PHE E 567 15.40 21.95 -10.78
CA PHE E 567 15.98 22.39 -12.06
C PHE E 567 17.45 22.61 -12.03
N ASP E 568 18.09 22.32 -10.92
CA ASP E 568 19.46 22.73 -10.73
C ASP E 568 20.40 21.54 -10.39
N MET E 569 19.97 20.32 -10.68
CA MET E 569 20.90 19.19 -10.71
C MET E 569 22.20 19.43 -11.52
N PRO E 570 23.38 18.99 -11.05
CA PRO E 570 24.57 19.19 -11.88
C PRO E 570 24.83 17.94 -12.70
N GLY E 571 25.99 17.87 -13.37
CA GLY E 571 26.25 16.74 -14.31
C GLY E 571 26.13 15.36 -13.71
N PHE E 572 26.33 15.24 -12.40
CA PHE E 572 26.54 13.94 -11.77
C PHE E 572 25.35 13.56 -10.86
N VAL E 573 24.21 14.19 -11.12
CA VAL E 573 22.99 13.77 -10.52
C VAL E 573 21.96 13.55 -11.59
N TRP E 574 21.26 12.41 -11.50
CA TRP E 574 20.14 12.05 -12.41
C TRP E 574 18.90 11.80 -11.55
N ASN E 575 17.80 12.49 -11.84
CA ASN E 575 16.48 12.15 -11.39
C ASN E 575 15.76 10.97 -12.11
N MET E 576 15.26 9.99 -11.37
CA MET E 576 14.42 8.94 -11.94
C MET E 576 12.94 9.12 -12.37
N ASP E 577 12.56 10.33 -12.70
CA ASP E 577 11.23 10.49 -13.31
C ASP E 577 11.05 9.86 -14.72
N GLN E 578 12.08 9.94 -15.58
CA GLN E 578 11.94 9.64 -17.06
C GLN E 578 11.10 10.62 -17.98
N GLN F 1 41.74 3.98 6.51
CA GLN F 1 41.14 4.86 5.49
C GLN F 1 39.81 4.28 5.01
N VAL F 2 38.73 4.63 5.71
CA VAL F 2 37.48 4.91 5.03
C VAL F 2 37.14 6.36 4.87
N VAL F 3 36.67 6.73 3.69
CA VAL F 3 36.33 8.11 3.41
C VAL F 3 35.10 8.57 4.26
N GLY F 4 35.26 9.70 4.93
CA GLY F 4 34.17 10.23 5.76
C GLY F 4 33.93 9.44 7.05
N TRP F 5 34.82 8.48 7.35
CA TRP F 5 34.87 7.90 8.67
C TRP F 5 36.13 8.03 9.40
N PRO F 6 36.06 8.31 10.70
CA PRO F 6 34.85 8.30 11.59
C PRO F 6 33.97 9.58 11.33
N PRO F 7 32.73 9.65 11.79
CA PRO F 7 31.99 10.78 11.20
C PRO F 7 32.09 12.05 11.99
N VAL F 8 33.16 12.83 11.74
CA VAL F 8 33.47 14.03 12.48
C VAL F 8 33.65 15.17 11.47
N ARG F 9 33.77 16.39 11.97
CA ARG F 9 34.01 17.53 11.11
C ARG F 9 35.47 17.96 10.98
N ASN F 10 36.34 17.39 11.83
CA ASN F 10 37.82 17.63 11.84
C ASN F 10 38.62 17.46 10.57
N TYR F 11 39.79 18.09 10.59
CA TYR F 11 40.67 18.07 9.45
C TYR F 11 41.45 16.78 9.41
N ARG F 12 41.60 16.26 8.20
CA ARG F 12 42.81 15.56 7.81
C ARG F 12 42.90 14.15 8.37
N LYS F 13 41.83 13.39 8.15
CA LYS F 13 41.84 12.16 7.31
C LYS F 13 40.49 11.74 6.77
#